data_7LNM
#
_entry.id   7LNM
#
_cell.length_a   115.720
_cell.length_b   115.720
_cell.length_c   188.021
_cell.angle_alpha   90.00
_cell.angle_beta   90.00
_cell.angle_gamma   120.00
#
_symmetry.space_group_name_H-M   'P 32'
#
loop_
_entity.id
_entity.type
_entity.pdbx_description
1 polymer 'Ornithine aminotransferase, mitochondrial'
2 non-polymer '(1~{R},3~{S},4~{R})-3-methyl-4-[[2-methyl-3-oxidanyl-5-(phosphonooxymethyl)pyridin-4-yl]methylamino]cyclopentane-1-carboxylic acid'
3 water water
#
_entity_poly.entity_id   1
_entity_poly.type   'polypeptide(L)'
_entity_poly.pdbx_seq_one_letter_code
;GPPTSDDIFEREYKYGAHNYHPLPVALERGKGIYLWDVEGRKYFDFLSSYSAVNQGHCHPKIVNALKSQVDKLTLTSRAF
YNNVLGEYEEYITKLFNYHKVLPMNTGVEAGETACKLARKWGYTVKGIQKYKAKIVFAAGNFWGRTLSAISSSTDPTSYD
GFGPFMPGFDIIPYNDLPALERALQDPNVAAFMVEPIQGEAGVVVPDPGYLMGVRELCTRHQVLFIADEIQTGLARTGRW
LAVDYENVRPDIVLLGKALSGGLYPVSAVLCDDDIMLTIKPGEHGSTYGGNPLGCRVAIAALEVLEEENLAENADKLGII
LRNELMKLPSDVVTAVRGKGLLNAIVIKETKDWDAWKVCLRLRDNGLLAKPTHGDIIRFAPPLVIKEDELRESIEIINKT
ILSF
;
_entity_poly.pdbx_strand_id   B,C,E,F,I,J
#
# COMPACT_ATOMS: atom_id res chain seq x y z
N GLY A 1 14.43 30.20 -20.62
CA GLY A 1 13.28 30.42 -19.75
C GLY A 1 12.50 29.16 -19.45
N PRO A 2 11.88 29.11 -18.27
CA PRO A 2 11.08 27.93 -17.92
C PRO A 2 9.81 27.88 -18.73
N PRO A 3 9.25 26.69 -18.95
CA PRO A 3 8.00 26.60 -19.72
C PRO A 3 6.86 27.32 -19.03
N THR A 4 6.05 28.01 -19.84
CA THR A 4 4.80 28.56 -19.35
C THR A 4 3.75 27.45 -19.30
N SER A 5 2.55 27.79 -18.81
CA SER A 5 1.47 26.81 -18.78
C SER A 5 1.12 26.34 -20.19
N ASP A 6 1.04 27.27 -21.14
CA ASP A 6 0.69 26.89 -22.51
C ASP A 6 1.77 26.00 -23.12
N ASP A 7 3.05 26.28 -22.81
CA ASP A 7 4.14 25.41 -23.26
C ASP A 7 3.95 23.99 -22.73
N ILE A 8 3.59 23.85 -21.46
CA ILE A 8 3.40 22.53 -20.86
C ILE A 8 2.25 21.80 -21.54
N PHE A 9 1.11 22.50 -21.71
CA PHE A 9 -0.03 21.91 -22.39
C PHE A 9 0.36 21.42 -23.77
N GLU A 10 1.04 22.27 -24.55
CA GLU A 10 1.37 21.92 -25.93
C GLU A 10 2.36 20.76 -25.99
N ARG A 11 3.33 20.72 -25.07
CA ARG A 11 4.28 19.62 -25.09
C ARG A 11 3.61 18.28 -24.77
N GLU A 12 2.70 18.28 -23.79
CA GLU A 12 1.97 17.04 -23.52
C GLU A 12 1.09 16.66 -24.70
N TYR A 13 0.46 17.66 -25.35
CA TYR A 13 -0.36 17.37 -26.52
C TYR A 13 0.46 16.74 -27.63
N LYS A 14 1.72 17.16 -27.77
CA LYS A 14 2.55 16.63 -28.85
C LYS A 14 3.08 15.24 -28.53
N TYR A 15 3.53 14.99 -27.29
CA TYR A 15 4.26 13.77 -27.01
C TYR A 15 3.51 12.78 -26.11
N GLY A 16 2.37 13.14 -25.56
CA GLY A 16 1.62 12.26 -24.68
C GLY A 16 0.34 11.79 -25.32
N ALA A 17 -0.15 10.64 -24.89
CA ALA A 17 -1.46 10.16 -25.33
C ALA A 17 -2.54 11.16 -24.91
N HIS A 18 -3.60 11.20 -25.70
CA HIS A 18 -4.73 12.11 -25.41
C HIS A 18 -5.84 11.42 -24.62
N ASN A 19 -5.49 10.60 -23.63
CA ASN A 19 -6.50 9.88 -22.86
C ASN A 19 -7.10 10.71 -21.74
N TYR A 20 -6.65 11.95 -21.56
CA TYR A 20 -7.20 12.86 -20.57
C TYR A 20 -7.48 14.21 -21.20
N HIS A 21 -8.43 14.94 -20.61
CA HIS A 21 -8.64 16.36 -20.91
C HIS A 21 -8.64 17.09 -19.58
N PRO A 22 -7.45 17.42 -19.06
CA PRO A 22 -7.37 18.04 -17.74
C PRO A 22 -7.86 19.48 -17.77
N LEU A 23 -8.21 19.98 -16.59
CA LEU A 23 -8.44 21.41 -16.45
C LEU A 23 -7.15 22.15 -16.79
N PRO A 24 -7.20 23.20 -17.60
CA PRO A 24 -5.96 23.85 -18.03
C PRO A 24 -5.24 24.60 -16.91
N VAL A 25 -4.56 23.86 -16.05
CA VAL A 25 -3.68 24.44 -15.04
CA VAL A 25 -3.69 24.41 -15.01
C VAL A 25 -2.45 23.55 -14.93
N ALA A 26 -1.28 24.19 -14.81
CA ALA A 26 0.00 23.49 -14.82
C ALA A 26 0.71 23.67 -13.47
N LEU A 27 0.54 22.69 -12.58
CA LEU A 27 1.10 22.78 -11.24
C LEU A 27 2.55 22.28 -11.20
N GLU A 28 3.35 22.91 -10.34
CA GLU A 28 4.71 22.46 -10.10
C GLU A 28 5.07 22.28 -8.63
N ARG A 29 4.24 22.74 -7.70
CA ARG A 29 4.55 22.56 -6.28
C ARG A 29 3.25 22.40 -5.49
N GLY A 30 3.32 21.56 -4.46
CA GLY A 30 2.19 21.36 -3.57
C GLY A 30 2.61 21.20 -2.13
N LYS A 31 1.82 21.73 -1.21
CA LYS A 31 2.11 21.61 0.22
C LYS A 31 0.81 21.75 0.99
N GLY A 32 0.46 20.71 1.73
CA GLY A 32 -0.80 20.75 2.48
C GLY A 32 -1.98 20.85 1.56
N ILE A 33 -2.83 21.86 1.79
CA ILE A 33 -4.03 22.05 0.99
C ILE A 33 -3.79 22.86 -0.27
N TYR A 34 -2.56 23.33 -0.52
CA TYR A 34 -2.29 24.30 -1.56
C TYR A 34 -1.43 23.72 -2.68
N LEU A 35 -1.70 24.21 -3.90
CA LEU A 35 -0.89 23.92 -5.08
C LEU A 35 -0.45 25.23 -5.72
N TRP A 36 0.71 25.21 -6.35
CA TRP A 36 1.25 26.36 -7.06
C TRP A 36 1.50 25.98 -8.52
N ASP A 37 1.12 26.86 -9.44
CA ASP A 37 1.37 26.60 -10.85
C ASP A 37 2.69 27.26 -11.26
N VAL A 38 3.08 27.05 -12.53
CA VAL A 38 4.41 27.49 -12.96
C VAL A 38 4.51 29.00 -13.08
N GLU A 39 3.37 29.71 -13.14
CA GLU A 39 3.40 31.17 -13.06
C GLU A 39 3.51 31.66 -11.63
N GLY A 40 3.42 30.79 -10.63
CA GLY A 40 3.49 31.18 -9.25
C GLY A 40 2.16 31.40 -8.56
N ARG A 41 1.05 31.21 -9.27
CA ARG A 41 -0.26 31.41 -8.67
C ARG A 41 -0.58 30.27 -7.71
N LYS A 42 -1.36 30.61 -6.68
CA LYS A 42 -1.66 29.71 -5.57
C LYS A 42 -3.12 29.29 -5.61
N TYR A 43 -3.37 28.01 -5.33
CA TYR A 43 -4.72 27.46 -5.43
C TYR A 43 -5.04 26.57 -4.23
N PHE A 44 -6.29 26.64 -3.78
CA PHE A 44 -6.84 25.58 -2.95
C PHE A 44 -7.05 24.33 -3.78
N ASP A 45 -6.53 23.20 -3.31
CA ASP A 45 -6.78 21.91 -3.94
C ASP A 45 -8.08 21.34 -3.38
N PHE A 46 -9.14 21.31 -4.19
CA PHE A 46 -10.41 20.73 -3.77
C PHE A 46 -10.73 19.45 -4.51
N LEU A 47 -9.71 18.76 -5.00
CA LEU A 47 -9.82 17.40 -5.49
C LEU A 47 -9.02 16.41 -4.68
N SER A 48 -7.90 16.83 -4.08
CA SER A 48 -7.05 15.98 -3.25
C SER A 48 -6.57 14.75 -4.00
N SER A 49 -6.38 14.90 -5.32
CA SER A 49 -5.94 13.79 -6.18
C SER A 49 -6.84 12.57 -6.00
N TYR A 50 -8.15 12.81 -5.94
CA TYR A 50 -9.15 11.76 -5.75
C TYR A 50 -8.98 11.03 -4.43
N SER A 51 -8.58 11.78 -3.40
CA SER A 51 -8.36 11.38 -2.01
C SER A 51 -6.98 10.75 -1.77
N ALA A 52 -6.10 10.73 -2.78
CA ALA A 52 -4.78 10.19 -2.53
C ALA A 52 -3.94 11.08 -1.63
N VAL A 53 -4.23 12.38 -1.56
CA VAL A 53 -3.53 13.26 -0.61
C VAL A 53 -4.50 13.74 0.46
N ASN A 54 -5.20 12.79 1.09
CA ASN A 54 -5.98 13.10 2.29
C ASN A 54 -5.12 13.82 3.33
N GLN A 55 -3.85 13.43 3.41
CA GLN A 55 -2.90 14.00 4.36
C GLN A 55 -2.32 15.33 3.92
N GLY A 56 -2.79 15.90 2.81
CA GLY A 56 -2.16 17.06 2.23
C GLY A 56 -0.96 16.70 1.37
N HIS A 57 -0.61 17.62 0.48
CA HIS A 57 0.52 17.39 -0.42
C HIS A 57 1.83 17.39 0.36
N CYS A 58 2.67 16.41 0.06
CA CYS A 58 4.03 16.34 0.60
C CYS A 58 4.04 16.45 2.14
N HIS A 59 3.26 15.58 2.80
CA HIS A 59 3.24 15.62 4.24
C HIS A 59 4.63 15.27 4.79
N PRO A 60 5.19 16.08 5.68
CA PRO A 60 6.60 15.88 6.07
C PRO A 60 6.90 14.51 6.67
N LYS A 61 5.98 13.92 7.43
CA LYS A 61 6.27 12.61 8.02
C LYS A 61 6.36 11.53 6.95
N ILE A 62 5.46 11.56 5.97
CA ILE A 62 5.51 10.58 4.89
C ILE A 62 6.73 10.81 4.01
N VAL A 63 7.04 12.08 3.73
CA VAL A 63 8.25 12.41 2.97
C VAL A 63 9.48 11.87 3.69
N ASN A 64 9.52 12.03 5.01
CA ASN A 64 10.67 11.55 5.78
C ASN A 64 10.77 10.04 5.73
N ALA A 65 9.64 9.35 5.82
CA ALA A 65 9.66 7.89 5.69
C ALA A 65 10.23 7.47 4.34
N LEU A 66 9.77 8.11 3.27
CA LEU A 66 10.26 7.77 1.93
C LEU A 66 11.76 8.04 1.82
N LYS A 67 12.21 9.21 2.28
CA LYS A 67 13.61 9.58 2.15
C LYS A 67 14.50 8.66 2.98
N SER A 68 14.03 8.26 4.16
CA SER A 68 14.82 7.37 5.00
C SER A 68 14.93 5.99 4.37
N GLN A 69 13.82 5.46 3.83
CA GLN A 69 13.87 4.11 3.29
C GLN A 69 14.61 4.04 1.96
N VAL A 70 14.54 5.09 1.14
CA VAL A 70 15.15 5.03 -0.18
C VAL A 70 16.66 4.91 -0.10
N ASP A 71 17.26 5.26 1.03
CA ASP A 71 18.70 5.09 1.23
C ASP A 71 19.11 3.65 1.50
N LYS A 72 18.18 2.81 1.97
CA LYS A 72 18.50 1.46 2.42
C LYS A 72 18.20 0.41 1.35
N LEU A 73 16.96 0.33 0.91
CA LEU A 73 16.48 -0.73 0.03
C LEU A 73 15.11 -0.36 -0.50
N THR A 74 14.88 -0.52 -1.80
CA THR A 74 13.59 -0.16 -2.38
C THR A 74 12.84 -1.33 -3.00
N LEU A 75 13.54 -2.34 -3.55
CA LEU A 75 12.84 -3.43 -4.22
C LEU A 75 13.77 -4.63 -4.32
N THR A 76 13.34 -5.75 -3.75
CA THR A 76 14.00 -7.04 -3.95
C THR A 76 13.22 -7.98 -4.84
N SER A 77 11.97 -7.63 -5.16
CA SER A 77 10.96 -8.53 -5.70
C SER A 77 10.55 -9.55 -4.65
N ARG A 78 9.43 -10.24 -4.86
CA ARG A 78 8.92 -11.18 -3.89
C ARG A 78 9.60 -12.55 -3.95
N ALA A 79 10.62 -12.69 -4.80
CA ALA A 79 11.43 -13.91 -4.77
C ALA A 79 12.21 -14.04 -3.47
N PHE A 80 12.39 -12.94 -2.75
CA PHE A 80 13.05 -12.93 -1.46
C PHE A 80 12.18 -12.17 -0.46
N TYR A 81 12.55 -12.21 0.80
CA TYR A 81 11.89 -11.42 1.83
C TYR A 81 12.61 -10.09 2.01
N ASN A 82 11.84 -9.04 2.25
CA ASN A 82 12.39 -7.79 2.76
C ASN A 82 11.92 -7.61 4.20
N ASN A 83 12.69 -6.85 4.97
CA ASN A 83 12.45 -6.75 6.40
C ASN A 83 11.26 -5.86 6.76
N VAL A 84 10.73 -5.10 5.81
CA VAL A 84 9.71 -4.11 6.15
C VAL A 84 8.28 -4.64 5.99
N LEU A 85 8.05 -5.53 5.02
CA LEU A 85 6.69 -5.91 4.65
C LEU A 85 5.89 -6.43 5.85
N GLY A 86 6.48 -7.32 6.65
CA GLY A 86 5.76 -7.90 7.77
C GLY A 86 5.37 -6.89 8.84
N GLU A 87 6.22 -5.89 9.06
CA GLU A 87 5.87 -4.81 9.97
C GLU A 87 4.60 -4.10 9.51
N TYR A 88 4.56 -3.75 8.22
CA TYR A 88 3.39 -3.10 7.65
C TYR A 88 2.15 -4.01 7.71
N GLU A 89 2.34 -5.31 7.43
CA GLU A 89 1.21 -6.23 7.43
C GLU A 89 0.61 -6.36 8.83
N GLU A 90 1.46 -6.56 9.83
CA GLU A 90 0.97 -6.61 11.21
C GLU A 90 0.26 -5.31 11.57
N TYR A 91 0.84 -4.17 11.20
CA TYR A 91 0.25 -2.88 11.54
C TYR A 91 -1.14 -2.72 10.93
N ILE A 92 -1.27 -2.93 9.62
CA ILE A 92 -2.54 -2.63 8.96
C ILE A 92 -3.60 -3.67 9.33
N THR A 93 -3.21 -4.94 9.48
CA THR A 93 -4.19 -5.93 9.88
C THR A 93 -4.71 -5.67 11.28
N LYS A 94 -3.83 -5.27 12.21
CA LYS A 94 -4.33 -4.92 13.54
C LYS A 94 -5.20 -3.67 13.49
N LEU A 95 -4.82 -2.70 12.66
CA LEU A 95 -5.58 -1.46 12.58
C LEU A 95 -7.02 -1.72 12.12
N PHE A 96 -7.20 -2.51 11.06
CA PHE A 96 -8.54 -2.72 10.52
C PHE A 96 -9.20 -4.00 11.00
N ASN A 97 -8.51 -4.78 11.84
CA ASN A 97 -9.07 -5.99 12.47
C ASN A 97 -9.51 -7.02 11.43
N TYR A 98 -8.60 -7.35 10.52
CA TYR A 98 -8.72 -8.52 9.67
C TYR A 98 -7.48 -9.38 9.90
N HIS A 99 -7.58 -10.66 9.53
CA HIS A 99 -6.46 -11.56 9.73
C HIS A 99 -5.26 -11.17 8.88
N LYS A 100 -5.49 -10.93 7.59
CA LYS A 100 -4.40 -10.83 6.63
C LYS A 100 -4.64 -9.71 5.64
N VAL A 101 -3.55 -9.28 5.00
CA VAL A 101 -3.59 -8.28 3.94
C VAL A 101 -2.78 -8.82 2.77
N LEU A 102 -3.24 -8.52 1.55
CA LEU A 102 -2.49 -8.80 0.34
C LEU A 102 -2.09 -7.48 -0.29
N PRO A 103 -0.79 -7.16 -0.37
CA PRO A 103 -0.39 -5.85 -0.89
C PRO A 103 -0.32 -5.81 -2.41
N MET A 104 -0.80 -4.70 -2.97
CA MET A 104 -0.73 -4.44 -4.40
C MET A 104 -0.27 -2.99 -4.57
N ASN A 105 -0.31 -2.50 -5.81
CA ASN A 105 0.15 -1.16 -6.12
C ASN A 105 -0.97 -0.19 -6.43
N THR A 106 -1.85 -0.54 -7.36
CA THR A 106 -2.92 0.34 -7.81
C THR A 106 -4.26 -0.16 -7.29
N GLY A 107 -5.25 0.74 -7.33
CA GLY A 107 -6.58 0.36 -6.86
C GLY A 107 -7.22 -0.72 -7.72
N VAL A 108 -7.03 -0.64 -9.04
CA VAL A 108 -7.63 -1.64 -9.91
C VAL A 108 -7.00 -3.00 -9.67
N GLU A 109 -5.73 -3.04 -9.30
CA GLU A 109 -5.10 -4.31 -8.96
C GLU A 109 -5.73 -4.92 -7.71
N ALA A 110 -6.05 -4.08 -6.72
CA ALA A 110 -6.76 -4.56 -5.55
C ALA A 110 -8.13 -5.12 -5.92
N GLY A 111 -8.84 -4.43 -6.82
CA GLY A 111 -10.14 -4.93 -7.24
C GLY A 111 -10.04 -6.25 -8.00
N GLU A 112 -9.06 -6.36 -8.90
CA GLU A 112 -8.83 -7.62 -9.61
C GLU A 112 -8.52 -8.75 -8.64
N THR A 113 -7.67 -8.46 -7.64
CA THR A 113 -7.35 -9.43 -6.61
C THR A 113 -8.60 -9.88 -5.87
N ALA A 114 -9.48 -8.93 -5.52
CA ALA A 114 -10.70 -9.29 -4.80
C ALA A 114 -11.62 -10.15 -5.67
N CYS A 115 -11.70 -9.84 -6.97
CA CYS A 115 -12.48 -10.69 -7.87
C CYS A 115 -11.92 -12.10 -7.95
N LYS A 116 -10.59 -12.22 -8.03
CA LYS A 116 -9.97 -13.54 -8.07
C LYS A 116 -10.19 -14.31 -6.78
N LEU A 117 -10.07 -13.63 -5.63
CA LEU A 117 -10.36 -14.25 -4.35
C LEU A 117 -11.80 -14.72 -4.28
N ALA A 118 -12.73 -13.88 -4.73
CA ALA A 118 -14.14 -14.24 -4.69
C ALA A 118 -14.41 -15.48 -5.54
N ARG A 119 -13.86 -15.52 -6.75
CA ARG A 119 -14.06 -16.68 -7.62
C ARG A 119 -13.44 -17.93 -7.01
N LYS A 120 -12.21 -17.82 -6.51
CA LYS A 120 -11.52 -18.99 -5.96
C LYS A 120 -12.24 -19.52 -4.73
N TRP A 121 -12.72 -18.62 -3.87
CA TRP A 121 -13.52 -19.03 -2.72
C TRP A 121 -14.85 -19.63 -3.16
N GLY A 122 -15.46 -19.08 -4.20
CA GLY A 122 -16.73 -19.61 -4.67
C GLY A 122 -16.60 -21.03 -5.20
N TYR A 123 -15.49 -21.32 -5.89
CA TYR A 123 -15.30 -22.66 -6.43
C TYR A 123 -14.84 -23.64 -5.36
N THR A 124 -13.88 -23.24 -4.52
CA THR A 124 -13.22 -24.19 -3.64
C THR A 124 -13.84 -24.28 -2.24
N VAL A 125 -14.65 -23.29 -1.85
CA VAL A 125 -15.28 -23.28 -0.53
C VAL A 125 -16.79 -23.34 -0.63
N LYS A 126 -17.40 -22.42 -1.38
CA LYS A 126 -18.85 -22.44 -1.54
C LYS A 126 -19.31 -23.63 -2.36
N GLY A 127 -18.50 -24.07 -3.32
CA GLY A 127 -18.84 -25.22 -4.13
C GLY A 127 -19.45 -24.91 -5.48
N ILE A 128 -19.25 -23.71 -6.01
CA ILE A 128 -19.80 -23.35 -7.31
C ILE A 128 -19.13 -24.17 -8.41
N GLN A 129 -19.91 -24.58 -9.39
CA GLN A 129 -19.37 -25.32 -10.54
C GLN A 129 -18.51 -24.41 -11.40
N LYS A 130 -17.35 -24.91 -11.80
CA LYS A 130 -16.47 -24.18 -12.70
C LYS A 130 -17.00 -24.23 -14.13
N TYR A 131 -17.02 -23.08 -14.80
CA TYR A 131 -16.65 -21.80 -14.23
C TYR A 131 -17.85 -20.86 -14.22
N LYS A 132 -18.80 -21.14 -13.32
CA LYS A 132 -20.10 -20.49 -13.31
C LYS A 132 -20.22 -19.38 -12.27
N ALA A 133 -19.12 -19.02 -11.61
CA ALA A 133 -19.18 -18.04 -10.53
C ALA A 133 -19.50 -16.66 -11.07
N LYS A 134 -20.35 -15.93 -10.35
CA LYS A 134 -20.75 -14.59 -10.71
C LYS A 134 -20.38 -13.61 -9.60
N ILE A 135 -20.02 -12.39 -10.01
CA ILE A 135 -19.84 -11.28 -9.09
C ILE A 135 -20.85 -10.20 -9.49
N VAL A 136 -21.57 -9.69 -8.50
CA VAL A 136 -22.57 -8.67 -8.70
C VAL A 136 -21.95 -7.31 -8.40
N PHE A 137 -22.21 -6.35 -9.28
CA PHE A 137 -21.76 -4.98 -9.14
C PHE A 137 -22.97 -4.05 -9.15
N ALA A 138 -22.77 -2.83 -8.69
CA ALA A 138 -23.81 -1.82 -8.71
C ALA A 138 -23.61 -0.91 -9.92
N ALA A 139 -24.71 -0.55 -10.58
CA ALA A 139 -24.64 0.43 -11.66
C ALA A 139 -24.01 1.72 -11.16
N GLY A 140 -23.18 2.33 -12.01
CA GLY A 140 -22.43 3.50 -11.62
C GLY A 140 -21.10 3.20 -10.98
N ASN A 141 -20.76 1.92 -10.78
CA ASN A 141 -19.51 1.57 -10.13
C ASN A 141 -18.32 1.99 -10.97
N PHE A 142 -17.22 2.30 -10.30
CA PHE A 142 -15.94 2.51 -10.95
C PHE A 142 -14.84 1.90 -10.09
N TRP A 143 -14.10 0.95 -10.65
CA TRP A 143 -12.93 0.45 -9.92
C TRP A 143 -11.71 0.30 -10.81
N GLY A 144 -11.66 0.96 -11.95
CA GLY A 144 -10.44 1.02 -12.74
C GLY A 144 -10.72 0.83 -14.21
N ARG A 145 -9.63 0.61 -14.96
CA ARG A 145 -9.65 0.66 -16.41
C ARG A 145 -9.16 -0.62 -17.08
N THR A 146 -8.93 -1.70 -16.33
CA THR A 146 -8.61 -2.96 -16.97
C THR A 146 -9.82 -3.47 -17.75
N LEU A 147 -9.57 -4.47 -18.60
CA LEU A 147 -10.66 -5.08 -19.36
C LEU A 147 -11.74 -5.62 -18.43
N SER A 148 -11.31 -6.28 -17.34
CA SER A 148 -12.27 -6.78 -16.36
C SER A 148 -13.05 -5.64 -15.72
N ALA A 149 -12.36 -4.59 -15.29
CA ALA A 149 -13.01 -3.50 -14.56
C ALA A 149 -14.04 -2.80 -15.42
N ILE A 150 -13.73 -2.58 -16.70
CA ILE A 150 -14.70 -1.93 -17.58
C ILE A 150 -15.79 -2.89 -17.99
N SER A 151 -15.57 -4.20 -17.89
CA SER A 151 -16.65 -5.14 -18.18
C SER A 151 -17.81 -5.03 -17.20
N SER A 152 -17.58 -4.52 -15.99
CA SER A 152 -18.65 -4.34 -15.01
C SER A 152 -19.22 -2.93 -15.02
N SER A 153 -18.70 -2.05 -15.87
CA SER A 153 -19.12 -0.65 -15.88
C SER A 153 -20.42 -0.48 -16.66
N THR A 154 -21.24 0.48 -16.22
CA THR A 154 -22.38 0.94 -16.98
C THR A 154 -22.10 2.26 -17.69
N ASP A 155 -20.85 2.74 -17.64
CA ASP A 155 -20.46 3.98 -18.29
C ASP A 155 -19.89 3.67 -19.66
N PRO A 156 -20.56 4.05 -20.74
CA PRO A 156 -20.04 3.72 -22.09
C PRO A 156 -18.67 4.31 -22.38
N THR A 157 -18.31 5.45 -21.78
CA THR A 157 -16.95 5.97 -21.97
CA THR A 157 -16.95 5.97 -21.97
C THR A 157 -15.91 4.97 -21.47
N SER A 158 -16.28 4.15 -20.48
CA SER A 158 -15.34 3.17 -19.96
C SER A 158 -15.19 1.97 -20.89
N TYR A 159 -16.29 1.44 -21.43
CA TYR A 159 -16.23 0.15 -22.10
C TYR A 159 -16.42 0.18 -23.61
N ASP A 160 -17.05 1.22 -24.15
CA ASP A 160 -17.38 1.21 -25.58
C ASP A 160 -16.11 1.16 -26.43
N GLY A 161 -16.06 0.18 -27.33
CA GLY A 161 -14.92 -0.02 -28.20
C GLY A 161 -13.79 -0.85 -27.62
N PHE A 162 -13.96 -1.40 -26.44
CA PHE A 162 -12.88 -2.15 -25.78
C PHE A 162 -13.21 -3.62 -25.56
N GLY A 163 -14.35 -4.10 -26.07
CA GLY A 163 -14.74 -5.49 -25.89
C GLY A 163 -14.00 -6.40 -26.84
N PRO A 164 -14.33 -7.71 -26.76
CA PRO A 164 -15.37 -8.37 -25.95
C PRO A 164 -15.05 -8.38 -24.46
N PHE A 165 -16.06 -8.61 -23.64
CA PHE A 165 -15.99 -8.31 -22.23
C PHE A 165 -15.96 -9.58 -21.38
N MET A 166 -15.43 -9.42 -20.17
CA MET A 166 -15.31 -10.53 -19.22
C MET A 166 -16.68 -11.06 -18.82
N PRO A 167 -16.95 -12.35 -19.00
CA PRO A 167 -18.22 -12.91 -18.54
C PRO A 167 -18.25 -13.07 -17.03
N GLY A 168 -19.46 -13.29 -16.52
CA GLY A 168 -19.64 -13.57 -15.11
C GLY A 168 -19.82 -12.37 -14.21
N PHE A 169 -20.04 -11.19 -14.76
CA PHE A 169 -20.30 -9.98 -13.98
C PHE A 169 -21.76 -9.58 -14.17
N ASP A 170 -22.48 -9.43 -13.07
CA ASP A 170 -23.87 -8.98 -13.09
C ASP A 170 -23.97 -7.58 -12.49
N ILE A 171 -24.94 -6.81 -12.99
CA ILE A 171 -25.11 -5.41 -12.60
C ILE A 171 -26.52 -5.20 -12.08
N ILE A 172 -26.65 -4.58 -10.91
CA ILE A 172 -27.94 -4.19 -10.35
C ILE A 172 -27.87 -2.71 -10.02
N PRO A 173 -29.02 -2.06 -9.85
CA PRO A 173 -29.00 -0.65 -9.43
C PRO A 173 -28.35 -0.50 -8.07
N TYR A 174 -27.68 0.63 -7.88
CA TYR A 174 -27.12 1.01 -6.60
C TYR A 174 -28.23 1.39 -5.63
N ASN A 175 -27.92 1.28 -4.33
CA ASN A 175 -28.84 1.75 -3.27
C ASN A 175 -30.20 1.09 -3.39
N ASP A 176 -30.21 -0.21 -3.72
CA ASP A 176 -31.43 -0.94 -4.07
C ASP A 176 -31.34 -2.33 -3.43
N LEU A 177 -31.90 -2.46 -2.23
CA LEU A 177 -31.86 -3.72 -1.50
C LEU A 177 -32.78 -4.77 -2.12
N PRO A 178 -34.00 -4.42 -2.58
CA PRO A 178 -34.79 -5.44 -3.29
C PRO A 178 -34.08 -6.01 -4.52
N ALA A 179 -33.33 -5.18 -5.24
CA ALA A 179 -32.60 -5.66 -6.40
C ALA A 179 -31.48 -6.61 -5.99
N LEU A 180 -30.77 -6.30 -4.91
CA LEU A 180 -29.74 -7.22 -4.42
C LEU A 180 -30.34 -8.53 -3.96
N GLU A 181 -31.47 -8.46 -3.26
CA GLU A 181 -32.14 -9.67 -2.80
C GLU A 181 -32.58 -10.53 -3.97
N ARG A 182 -33.06 -9.90 -5.05
CA ARG A 182 -33.39 -10.67 -6.25
C ARG A 182 -32.15 -11.27 -6.90
N ALA A 183 -31.04 -10.50 -6.93
CA ALA A 183 -29.83 -10.98 -7.58
C ALA A 183 -29.21 -12.15 -6.84
N LEU A 184 -29.28 -12.14 -5.51
CA LEU A 184 -28.61 -13.17 -4.72
C LEU A 184 -29.41 -14.47 -4.65
N GLN A 185 -30.52 -14.58 -5.36
CA GLN A 185 -31.20 -15.86 -5.47
C GLN A 185 -30.39 -16.86 -6.28
N ASP A 186 -29.50 -16.38 -7.15
CA ASP A 186 -28.64 -17.25 -7.94
C ASP A 186 -27.55 -17.84 -7.04
N PRO A 187 -27.57 -19.15 -6.81
CA PRO A 187 -26.53 -19.76 -5.95
C PRO A 187 -25.13 -19.64 -6.54
N ASN A 188 -24.98 -19.28 -7.81
CA ASN A 188 -23.67 -19.13 -8.42
C ASN A 188 -23.03 -17.78 -8.13
N VAL A 189 -23.71 -16.87 -7.44
CA VAL A 189 -23.09 -15.61 -7.07
C VAL A 189 -22.09 -15.86 -5.96
N ALA A 190 -20.85 -15.47 -6.19
CA ALA A 190 -19.80 -15.61 -5.18
C ALA A 190 -19.62 -14.34 -4.35
N ALA A 191 -19.91 -13.16 -4.92
CA ALA A 191 -19.63 -11.93 -4.19
C ALA A 191 -20.47 -10.79 -4.76
N PHE A 192 -20.66 -9.78 -3.91
CA PHE A 192 -21.20 -8.48 -4.29
C PHE A 192 -20.14 -7.43 -3.95
N MET A 193 -19.68 -6.70 -4.96
CA MET A 193 -18.70 -5.66 -4.78
C MET A 193 -19.39 -4.30 -4.92
N VAL A 194 -19.19 -3.42 -3.94
CA VAL A 194 -19.90 -2.16 -3.89
C VAL A 194 -19.07 -1.12 -3.17
N GLU A 195 -19.19 0.13 -3.61
CA GLU A 195 -18.63 1.31 -2.94
C GLU A 195 -19.61 1.81 -1.90
N PRO A 196 -19.17 2.11 -0.67
CA PRO A 196 -20.10 2.70 0.32
C PRO A 196 -20.63 4.05 -0.13
N ILE A 197 -19.84 4.79 -0.88
CA ILE A 197 -20.28 5.98 -1.59
C ILE A 197 -19.66 5.91 -2.98
N GLN A 198 -20.48 6.07 -4.02
CA GLN A 198 -19.97 6.02 -5.38
C GLN A 198 -19.34 7.36 -5.71
N GLY A 199 -18.00 7.39 -5.76
CA GLY A 199 -17.28 8.63 -6.01
C GLY A 199 -17.30 9.08 -7.45
N GLU A 200 -16.77 8.24 -8.34
CA GLU A 200 -16.68 8.58 -9.76
CA GLU A 200 -16.68 8.64 -9.74
C GLU A 200 -18.05 8.81 -10.39
N ALA A 201 -19.10 8.25 -9.80
CA ALA A 201 -20.45 8.47 -10.29
C ALA A 201 -20.99 9.85 -9.92
N GLY A 202 -20.25 10.63 -9.13
CA GLY A 202 -20.69 11.95 -8.73
C GLY A 202 -21.06 12.04 -7.26
N VAL A 203 -20.33 11.32 -6.42
CA VAL A 203 -20.55 11.28 -4.97
C VAL A 203 -21.99 10.89 -4.68
N VAL A 204 -22.35 9.66 -5.00
CA VAL A 204 -23.71 9.15 -4.79
C VAL A 204 -23.75 8.47 -3.43
N VAL A 205 -24.51 9.05 -2.51
CA VAL A 205 -24.63 8.55 -1.14
C VAL A 205 -25.88 7.68 -1.06
N PRO A 206 -25.77 6.42 -0.66
CA PRO A 206 -26.96 5.57 -0.53
C PRO A 206 -27.73 5.94 0.74
N ASP A 207 -28.97 5.46 0.81
CA ASP A 207 -29.84 5.79 1.92
C ASP A 207 -29.34 5.13 3.21
N PRO A 208 -29.64 5.73 4.36
CA PRO A 208 -29.30 5.08 5.63
C PRO A 208 -29.88 3.68 5.71
N GLY A 209 -29.08 2.75 6.25
CA GLY A 209 -29.47 1.36 6.33
C GLY A 209 -29.11 0.52 5.12
N TYR A 210 -28.63 1.12 4.03
CA TYR A 210 -28.30 0.34 2.85
C TYR A 210 -27.18 -0.65 3.14
N LEU A 211 -26.13 -0.20 3.81
CA LEU A 211 -24.98 -1.07 4.05
C LEU A 211 -25.31 -2.20 5.01
N MET A 212 -26.10 -1.90 6.05
CA MET A 212 -26.59 -2.96 6.93
C MET A 212 -27.39 -3.99 6.16
N GLY A 213 -28.25 -3.54 5.23
CA GLY A 213 -29.02 -4.46 4.43
C GLY A 213 -28.15 -5.29 3.51
N VAL A 214 -27.11 -4.68 2.95
CA VAL A 214 -26.17 -5.43 2.12
C VAL A 214 -25.50 -6.53 2.93
N ARG A 215 -24.96 -6.16 4.11
CA ARG A 215 -24.32 -7.15 4.96
C ARG A 215 -25.28 -8.29 5.32
N GLU A 216 -26.51 -7.92 5.68
CA GLU A 216 -27.53 -8.91 6.04
C GLU A 216 -27.80 -9.87 4.88
N LEU A 217 -28.01 -9.33 3.67
CA LEU A 217 -28.35 -10.17 2.54
C LEU A 217 -27.17 -11.04 2.11
N CYS A 218 -25.95 -10.49 2.15
CA CYS A 218 -24.79 -11.28 1.78
C CYS A 218 -24.57 -12.43 2.76
N THR A 219 -24.76 -12.17 4.06
CA THR A 219 -24.64 -13.26 5.03
C THR A 219 -25.73 -14.30 4.82
N ARG A 220 -26.97 -13.86 4.58
CA ARG A 220 -28.08 -14.81 4.45
C ARG A 220 -27.87 -15.76 3.28
N HIS A 221 -27.27 -15.28 2.19
CA HIS A 221 -27.15 -16.07 0.97
C HIS A 221 -25.72 -16.58 0.73
N GLN A 222 -24.86 -16.53 1.74
CA GLN A 222 -23.47 -16.99 1.66
C GLN A 222 -22.75 -16.38 0.46
N VAL A 223 -22.75 -15.05 0.43
CA VAL A 223 -22.14 -14.25 -0.62
C VAL A 223 -21.14 -13.31 0.04
N LEU A 224 -19.97 -13.15 -0.57
CA LEU A 224 -18.95 -12.28 -0.01
C LEU A 224 -19.32 -10.82 -0.22
N PHE A 225 -19.25 -10.04 0.86
CA PHE A 225 -19.44 -8.59 0.81
C PHE A 225 -18.07 -7.94 0.60
N ILE A 226 -17.83 -7.46 -0.62
CA ILE A 226 -16.61 -6.75 -0.95
C ILE A 226 -16.91 -5.26 -0.93
N ALA A 227 -16.25 -4.54 -0.03
CA ALA A 227 -16.39 -3.10 0.08
C ALA A 227 -15.18 -2.42 -0.55
N ASP A 228 -15.41 -1.65 -1.61
CA ASP A 228 -14.36 -0.89 -2.26
C ASP A 228 -14.25 0.45 -1.53
N GLU A 229 -13.24 0.57 -0.67
CA GLU A 229 -12.99 1.79 0.09
C GLU A 229 -11.78 2.55 -0.43
N ILE A 230 -11.41 2.34 -1.70
CA ILE A 230 -10.21 2.94 -2.26
C ILE A 230 -10.33 4.45 -2.29
N GLN A 231 -11.53 4.97 -2.57
CA GLN A 231 -11.78 6.40 -2.49
C GLN A 231 -12.42 6.85 -1.19
N THR A 232 -13.25 6.03 -0.57
CA THR A 232 -14.03 6.47 0.59
C THR A 232 -13.34 6.21 1.92
N GLY A 233 -12.33 5.35 1.96
CA GLY A 233 -11.70 4.99 3.21
C GLY A 233 -10.72 6.03 3.70
N LEU A 234 -10.08 5.70 4.82
CA LEU A 234 -8.94 6.47 5.34
C LEU A 234 -9.31 7.93 5.62
N ALA A 235 -10.36 8.13 6.41
CA ALA A 235 -10.78 9.37 7.06
C ALA A 235 -11.51 10.33 6.12
N ARG A 236 -11.51 10.09 4.80
CA ARG A 236 -12.09 11.05 3.85
C ARG A 236 -13.55 11.37 4.17
N THR A 237 -14.35 10.35 4.50
CA THR A 237 -15.76 10.57 4.82
C THR A 237 -16.02 10.80 6.30
N GLY A 238 -14.99 10.85 7.13
CA GLY A 238 -15.16 11.03 8.55
C GLY A 238 -15.00 9.78 9.40
N ARG A 239 -14.59 8.66 8.79
CA ARG A 239 -14.34 7.42 9.51
C ARG A 239 -13.15 6.73 8.87
N TRP A 240 -12.55 5.79 9.60
CA TRP A 240 -11.52 4.94 9.02
C TRP A 240 -12.02 4.28 7.74
N LEU A 241 -13.24 3.77 7.76
CA LEU A 241 -13.92 3.24 6.59
C LEU A 241 -15.32 3.84 6.54
N ALA A 242 -15.80 4.13 5.34
CA ALA A 242 -17.18 4.62 5.23
C ALA A 242 -18.19 3.64 5.79
N VAL A 243 -17.92 2.33 5.65
CA VAL A 243 -18.83 1.32 6.21
C VAL A 243 -18.93 1.43 7.72
N ASP A 244 -18.02 2.15 8.38
CA ASP A 244 -18.14 2.35 9.82
C ASP A 244 -19.35 3.17 10.20
N TYR A 245 -19.89 3.97 9.27
CA TYR A 245 -21.09 4.74 9.60
C TYR A 245 -22.26 3.85 9.96
N GLU A 246 -22.31 2.64 9.40
CA GLU A 246 -23.34 1.67 9.74
C GLU A 246 -22.79 0.49 10.54
N ASN A 247 -21.49 0.51 10.86
CA ASN A 247 -20.86 -0.49 11.72
C ASN A 247 -21.07 -1.91 11.19
N VAL A 248 -20.81 -2.09 9.89
CA VAL A 248 -20.87 -3.40 9.27
C VAL A 248 -19.46 -3.82 8.89
N ARG A 249 -19.22 -5.12 8.92
CA ARG A 249 -17.91 -5.67 8.61
C ARG A 249 -17.96 -6.40 7.27
N PRO A 250 -17.40 -5.83 6.21
CA PRO A 250 -17.33 -6.55 4.93
C PRO A 250 -16.41 -7.75 5.03
N ASP A 251 -16.62 -8.70 4.12
CA ASP A 251 -15.74 -9.87 4.05
C ASP A 251 -14.39 -9.51 3.44
N ILE A 252 -14.37 -8.56 2.51
CA ILE A 252 -13.14 -8.08 1.89
C ILE A 252 -13.21 -6.57 1.84
N VAL A 253 -12.12 -5.91 2.22
CA VAL A 253 -12.01 -4.45 2.17
C VAL A 253 -10.87 -4.10 1.23
N LEU A 254 -11.12 -3.17 0.32
CA LEU A 254 -10.12 -2.67 -0.63
C LEU A 254 -9.70 -1.27 -0.21
N LEU A 255 -8.38 -1.06 -0.07
CA LEU A 255 -7.82 0.23 0.28
C LEU A 255 -6.80 0.65 -0.78
N GLY A 256 -6.66 1.96 -0.95
CA GLY A 256 -5.69 2.52 -1.88
C GLY A 256 -5.50 4.01 -1.69
N LYS A 257 -4.99 4.67 -2.72
CA LYS A 257 -4.82 6.11 -2.75
C LYS A 257 -4.18 6.72 -1.50
N ALA A 258 -5.02 7.16 -0.55
CA ALA A 258 -4.54 7.84 0.66
C ALA A 258 -3.65 6.94 1.50
N LEU A 259 -3.67 5.64 1.18
CA LEU A 259 -2.81 4.68 1.85
C LEU A 259 -1.34 5.07 1.79
N SER A 260 -0.96 5.95 0.86
CA SER A 260 0.41 6.40 0.72
C SER A 260 0.57 7.91 0.82
N GLY A 261 -0.51 8.65 1.04
CA GLY A 261 -0.41 10.10 1.03
C GLY A 261 0.03 10.68 -0.29
N GLY A 262 -0.09 9.91 -1.39
CA GLY A 262 0.28 10.37 -2.70
C GLY A 262 1.75 10.23 -3.06
N LEU A 263 2.55 9.55 -2.24
CA LEU A 263 3.98 9.45 -2.48
C LEU A 263 4.39 8.16 -3.20
N TYR A 264 3.48 7.20 -3.35
CA TYR A 264 3.83 5.90 -3.90
C TYR A 264 2.54 5.13 -4.19
N PRO A 265 2.44 4.41 -5.32
CA PRO A 265 1.24 3.61 -5.55
C PRO A 265 1.18 2.41 -4.62
N VAL A 266 0.31 2.45 -3.62
CA VAL A 266 0.12 1.36 -2.67
C VAL A 266 -1.37 1.09 -2.53
N SER A 267 -1.77 -0.17 -2.68
CA SER A 267 -3.14 -0.62 -2.43
C SER A 267 -3.09 -1.90 -1.61
N ALA A 268 -4.24 -2.27 -1.05
CA ALA A 268 -4.29 -3.37 -0.11
C ALA A 268 -5.64 -4.08 -0.18
N VAL A 269 -5.61 -5.40 0.04
CA VAL A 269 -6.80 -6.24 0.13
C VAL A 269 -6.80 -6.89 1.50
N LEU A 270 -7.84 -6.60 2.29
CA LEU A 270 -7.95 -7.10 3.66
C LEU A 270 -9.08 -8.12 3.75
N CYS A 271 -8.79 -9.29 4.33
CA CYS A 271 -9.84 -10.27 4.61
C CYS A 271 -9.29 -11.28 5.62
N ASP A 272 -10.19 -12.15 6.10
CA ASP A 272 -9.83 -13.16 7.09
C ASP A 272 -9.25 -14.41 6.41
N ASP A 273 -8.81 -15.36 7.24
CA ASP A 273 -8.04 -16.49 6.75
C ASP A 273 -8.84 -17.36 5.79
N ASP A 274 -10.12 -17.60 6.09
CA ASP A 274 -10.91 -18.53 5.27
C ASP A 274 -11.10 -18.02 3.85
N ILE A 275 -10.94 -16.73 3.61
CA ILE A 275 -10.96 -16.19 2.25
C ILE A 275 -9.56 -16.07 1.69
N MET A 276 -8.65 -15.46 2.46
CA MET A 276 -7.32 -15.14 1.95
C MET A 276 -6.54 -16.39 1.59
N LEU A 277 -6.68 -17.46 2.37
CA LEU A 277 -5.84 -18.64 2.17
C LEU A 277 -6.36 -19.55 1.07
N THR A 278 -7.40 -19.16 0.32
CA THR A 278 -7.75 -19.91 -0.89
C THR A 278 -6.74 -19.70 -2.00
N ILE A 279 -5.93 -18.64 -1.92
CA ILE A 279 -4.89 -18.38 -2.91
C ILE A 279 -3.59 -18.99 -2.39
N LYS A 280 -3.04 -19.93 -3.16
CA LYS A 280 -1.83 -20.68 -2.83
C LYS A 280 -0.59 -19.99 -3.38
N PRO A 281 0.58 -20.33 -2.86
CA PRO A 281 1.82 -19.71 -3.37
C PRO A 281 1.97 -19.88 -4.87
N GLY A 282 2.21 -18.77 -5.56
CA GLY A 282 2.41 -18.77 -6.99
C GLY A 282 1.19 -18.45 -7.82
N GLU A 283 0.04 -18.19 -7.19
CA GLU A 283 -1.21 -17.99 -7.93
C GLU A 283 -1.61 -16.53 -8.04
N HIS A 284 -0.91 -15.61 -7.38
CA HIS A 284 -1.22 -14.19 -7.50
C HIS A 284 -0.03 -13.39 -6.99
N GLY A 285 0.08 -12.16 -7.48
CA GLY A 285 1.14 -11.29 -7.02
C GLY A 285 1.43 -10.20 -8.03
N SER A 286 2.51 -9.47 -7.75
CA SER A 286 2.85 -8.27 -8.48
C SER A 286 4.33 -7.96 -8.29
N THR A 287 5.13 -7.22 -9.22
CA THR A 287 6.54 -7.15 -8.92
C THR A 287 6.82 -6.13 -7.81
N TYR A 288 6.02 -4.95 -7.86
CA TYR A 288 6.29 -3.94 -6.85
C TYR A 288 5.41 -4.11 -5.61
N GLY A 289 4.49 -5.08 -5.67
CA GLY A 289 3.59 -5.32 -4.56
C GLY A 289 4.31 -5.66 -3.27
N GLY A 290 4.07 -4.87 -2.22
CA GLY A 290 4.68 -5.13 -0.93
C GLY A 290 6.14 -4.78 -0.83
N ASN A 291 6.66 -3.94 -1.72
CA ASN A 291 8.05 -3.54 -1.65
C ASN A 291 8.31 -2.70 -0.40
N PRO A 292 9.55 -2.67 0.10
CA PRO A 292 9.80 -2.01 1.40
C PRO A 292 9.56 -0.50 1.39
N LEU A 293 9.87 0.17 0.27
CA LEU A 293 9.68 1.62 0.20
C LEU A 293 8.20 1.98 0.34
N GLY A 294 7.35 1.33 -0.46
CA GLY A 294 5.92 1.57 -0.37
C GLY A 294 5.37 1.25 1.01
N CYS A 295 5.93 0.22 1.66
CA CYS A 295 5.45 -0.16 3.00
C CYS A 295 5.79 0.89 4.03
N ARG A 296 7.04 1.39 4.03
CA ARG A 296 7.38 2.49 4.92
C ARG A 296 6.47 3.68 4.70
N VAL A 297 6.24 4.04 3.43
CA VAL A 297 5.37 5.17 3.12
C VAL A 297 3.96 4.93 3.68
N ALA A 298 3.42 3.73 3.48
CA ALA A 298 2.05 3.44 3.91
C ALA A 298 1.93 3.46 5.43
N ILE A 299 2.92 2.92 6.13
CA ILE A 299 2.91 3.00 7.60
C ILE A 299 2.83 4.45 8.04
N ALA A 300 3.69 5.31 7.46
CA ALA A 300 3.68 6.72 7.85
C ALA A 300 2.36 7.40 7.50
N ALA A 301 1.78 7.05 6.36
CA ALA A 301 0.52 7.69 5.94
C ALA A 301 -0.63 7.32 6.88
N LEU A 302 -0.72 6.04 7.25
CA LEU A 302 -1.72 5.61 8.21
C LEU A 302 -1.49 6.27 9.57
N GLU A 303 -0.22 6.37 9.99
CA GLU A 303 0.08 7.01 11.26
C GLU A 303 -0.33 8.47 11.25
N VAL A 304 -0.13 9.16 10.13
CA VAL A 304 -0.56 10.55 10.02
C VAL A 304 -2.08 10.64 10.18
N LEU A 305 -2.82 9.78 9.47
CA LEU A 305 -4.27 9.78 9.62
C LEU A 305 -4.68 9.59 11.07
N GLU A 306 -4.01 8.69 11.78
CA GLU A 306 -4.38 8.43 13.18
C GLU A 306 -4.03 9.60 14.09
N GLU A 307 -2.78 10.08 14.01
CA GLU A 307 -2.26 11.01 15.01
C GLU A 307 -2.92 12.38 14.92
N GLU A 308 -3.23 12.83 13.70
CA GLU A 308 -3.82 14.14 13.50
C GLU A 308 -5.35 14.12 13.54
N ASN A 309 -5.95 12.97 13.87
CA ASN A 309 -7.40 12.85 14.02
C ASN A 309 -8.13 13.42 12.80
N LEU A 310 -7.66 13.04 11.61
CA LEU A 310 -8.19 13.66 10.39
C LEU A 310 -9.62 13.24 10.13
N ALA A 311 -10.04 12.06 10.61
CA ALA A 311 -11.42 11.65 10.42
C ALA A 311 -12.39 12.58 11.15
N GLU A 312 -12.08 12.92 12.40
CA GLU A 312 -12.93 13.85 13.16
C GLU A 312 -12.99 15.22 12.49
N ASN A 313 -11.85 15.69 11.98
CA ASN A 313 -11.83 16.98 11.30
C ASN A 313 -12.68 16.92 10.04
N ALA A 314 -12.56 15.84 9.26
CA ALA A 314 -13.37 15.71 8.05
C ALA A 314 -14.85 15.69 8.39
N ASP A 315 -15.22 14.95 9.43
CA ASP A 315 -16.62 14.89 9.84
C ASP A 315 -17.14 16.27 10.25
N LYS A 316 -16.34 17.01 11.03
CA LYS A 316 -16.79 18.30 11.53
C LYS A 316 -16.88 19.34 10.41
N LEU A 317 -15.88 19.39 9.54
CA LEU A 317 -15.84 20.44 8.52
C LEU A 317 -16.71 20.13 7.31
N GLY A 318 -17.01 18.85 7.04
CA GLY A 318 -17.84 18.52 5.90
C GLY A 318 -19.26 19.02 6.06
N ILE A 319 -19.79 18.96 7.29
CA ILE A 319 -21.15 19.47 7.49
C ILE A 319 -21.18 20.98 7.35
N ILE A 320 -20.12 21.67 7.76
CA ILE A 320 -20.04 23.11 7.53
C ILE A 320 -20.07 23.40 6.03
N LEU A 321 -19.26 22.65 5.27
CA LEU A 321 -19.20 22.85 3.82
C LEU A 321 -20.56 22.61 3.18
N ARG A 322 -21.22 21.51 3.54
CA ARG A 322 -22.50 21.18 2.93
C ARG A 322 -23.57 22.20 3.32
N ASN A 323 -23.59 22.62 4.58
CA ASN A 323 -24.59 23.60 5.01
C ASN A 323 -24.40 24.93 4.29
N GLU A 324 -23.14 25.35 4.09
CA GLU A 324 -22.91 26.60 3.36
C GLU A 324 -23.30 26.45 1.89
N LEU A 325 -22.93 25.34 1.26
CA LEU A 325 -23.28 25.12 -0.15
C LEU A 325 -24.78 25.07 -0.36
N MET A 326 -25.53 24.57 0.63
CA MET A 326 -26.99 24.51 0.48
C MET A 326 -27.64 25.89 0.53
N LYS A 327 -26.91 26.94 0.89
CA LYS A 327 -27.46 28.28 0.89
C LYS A 327 -27.45 28.93 -0.49
N LEU A 328 -26.78 28.33 -1.46
CA LEU A 328 -26.82 28.83 -2.82
C LEU A 328 -28.23 28.64 -3.40
N PRO A 329 -28.67 29.55 -4.25
CA PRO A 329 -30.05 29.46 -4.75
C PRO A 329 -30.26 28.25 -5.64
N SER A 330 -31.47 27.70 -5.59
CA SER A 330 -31.81 26.53 -6.38
C SER A 330 -31.80 26.80 -7.88
N ASP A 331 -31.76 28.08 -8.29
CA ASP A 331 -31.69 28.41 -9.70
C ASP A 331 -30.36 27.98 -10.31
N VAL A 332 -29.31 27.89 -9.50
CA VAL A 332 -27.97 27.55 -9.96
C VAL A 332 -27.53 26.18 -9.45
N VAL A 333 -27.68 25.93 -8.15
CA VAL A 333 -27.23 24.69 -7.52
C VAL A 333 -28.47 23.89 -7.14
N THR A 334 -28.65 22.73 -7.78
CA THR A 334 -29.85 21.93 -7.59
C THR A 334 -29.70 20.86 -6.51
N ALA A 335 -28.48 20.45 -6.19
CA ALA A 335 -28.28 19.42 -5.18
C ALA A 335 -26.92 19.59 -4.52
N VAL A 336 -26.87 19.28 -3.22
CA VAL A 336 -25.63 19.17 -2.46
C VAL A 336 -25.65 17.83 -1.75
N ARG A 337 -24.54 17.10 -1.82
CA ARG A 337 -24.48 15.79 -1.17
C ARG A 337 -23.05 15.45 -0.81
N GLY A 338 -22.91 14.54 0.14
CA GLY A 338 -21.60 14.03 0.52
C GLY A 338 -21.61 13.55 1.96
N LYS A 339 -20.43 13.05 2.37
CA LYS A 339 -20.16 12.62 3.74
C LYS A 339 -18.73 13.02 4.07
N GLY A 340 -18.52 13.51 5.29
CA GLY A 340 -17.20 14.05 5.63
C GLY A 340 -16.79 15.10 4.63
N LEU A 341 -15.56 15.00 4.14
CA LEU A 341 -15.04 15.95 3.16
C LEU A 341 -15.05 15.39 1.74
N LEU A 342 -15.93 14.42 1.47
CA LEU A 342 -16.20 13.94 0.11
C LEU A 342 -17.57 14.48 -0.27
N ASN A 343 -17.59 15.55 -1.04
CA ASN A 343 -18.83 16.26 -1.34
C ASN A 343 -18.89 16.61 -2.82
N ALA A 344 -20.11 16.89 -3.28
CA ALA A 344 -20.33 17.32 -4.66
C ALA A 344 -21.58 18.20 -4.71
N ILE A 345 -21.59 19.10 -5.69
CA ILE A 345 -22.79 19.88 -5.99
C ILE A 345 -23.23 19.53 -7.41
N VAL A 346 -24.54 19.63 -7.63
CA VAL A 346 -25.13 19.52 -8.96
C VAL A 346 -25.66 20.89 -9.34
N ILE A 347 -25.22 21.40 -10.47
CA ILE A 347 -25.64 22.71 -10.94
C ILE A 347 -26.70 22.55 -12.02
N LYS A 348 -27.52 23.57 -12.19
CA LYS A 348 -28.59 23.56 -13.19
C LYS A 348 -27.98 23.89 -14.55
N GLU A 349 -27.33 22.88 -15.13
CA GLU A 349 -26.64 23.02 -16.41
C GLU A 349 -27.57 23.49 -17.52
N THR A 350 -27.32 24.69 -18.04
CA THR A 350 -27.98 25.15 -19.24
C THR A 350 -27.11 24.80 -20.45
N LYS A 351 -27.57 25.17 -21.64
CA LYS A 351 -26.71 25.07 -22.81
C LYS A 351 -25.69 26.19 -22.87
N ASP A 352 -25.86 27.25 -22.07
CA ASP A 352 -24.93 28.36 -22.02
C ASP A 352 -23.90 28.23 -20.92
N TRP A 353 -24.13 27.36 -19.95
CA TRP A 353 -23.39 27.40 -18.70
C TRP A 353 -23.40 26.02 -18.06
N ASP A 354 -22.21 25.50 -17.76
CA ASP A 354 -22.06 24.12 -17.29
C ASP A 354 -20.97 24.05 -16.24
N ALA A 355 -20.70 22.82 -15.80
CA ALA A 355 -19.74 22.60 -14.71
C ALA A 355 -18.31 22.94 -15.13
N TRP A 356 -17.98 22.75 -16.41
CA TRP A 356 -16.63 23.06 -16.88
C TRP A 356 -16.33 24.54 -16.77
N LYS A 357 -17.28 25.39 -17.16
CA LYS A 357 -17.06 26.83 -17.07
C LYS A 357 -17.00 27.28 -15.62
N VAL A 358 -17.82 26.68 -14.75
CA VAL A 358 -17.73 26.97 -13.33
C VAL A 358 -16.35 26.64 -12.80
N CYS A 359 -15.79 25.51 -13.24
CA CYS A 359 -14.47 25.12 -12.73
C CYS A 359 -13.35 25.97 -13.32
N LEU A 360 -13.49 26.41 -14.56
CA LEU A 360 -12.53 27.36 -15.11
C LEU A 360 -12.53 28.66 -14.32
N ARG A 361 -13.72 29.16 -13.97
CA ARG A 361 -13.78 30.39 -13.19
C ARG A 361 -13.33 30.17 -11.74
N LEU A 362 -13.56 28.97 -11.20
CA LEU A 362 -13.01 28.63 -9.89
C LEU A 362 -11.50 28.68 -9.91
N ARG A 363 -10.90 28.06 -10.93
CA ARG A 363 -9.46 28.14 -11.14
C ARG A 363 -8.99 29.59 -11.19
N ASP A 364 -9.71 30.41 -11.96
CA ASP A 364 -9.35 31.83 -12.06
C ASP A 364 -9.39 32.52 -10.70
N ASN A 365 -10.25 32.06 -9.81
CA ASN A 365 -10.40 32.64 -8.48
C ASN A 365 -9.64 31.88 -7.40
N GLY A 366 -8.73 30.98 -7.78
CA GLY A 366 -7.79 30.38 -6.86
C GLY A 366 -8.21 29.09 -6.19
N LEU A 367 -9.13 28.33 -6.78
CA LEU A 367 -9.56 27.06 -6.22
C LEU A 367 -9.69 26.04 -7.35
N LEU A 368 -9.15 24.84 -7.14
CA LEU A 368 -9.09 23.81 -8.18
C LEU A 368 -10.07 22.70 -7.84
N ALA A 369 -11.02 22.48 -8.74
CA ALA A 369 -11.97 21.38 -8.64
C ALA A 369 -12.21 20.86 -10.05
N LYS A 370 -12.56 19.59 -10.17
CA LYS A 370 -12.85 19.18 -11.53
C LYS A 370 -14.25 18.62 -11.64
N PRO A 371 -14.92 18.85 -12.76
CA PRO A 371 -16.27 18.33 -12.95
C PRO A 371 -16.27 16.92 -13.50
N THR A 372 -17.32 16.19 -13.12
CA THR A 372 -17.70 14.95 -13.78
C THR A 372 -19.00 15.19 -14.52
N HIS A 373 -19.07 14.70 -15.76
CA HIS A 373 -20.20 14.96 -16.63
C HIS A 373 -20.38 16.47 -16.82
N GLY A 374 -21.59 16.91 -17.14
CA GLY A 374 -21.84 18.31 -17.40
C GLY A 374 -22.40 19.12 -16.26
N ASP A 375 -22.72 18.48 -15.13
CA ASP A 375 -23.42 19.20 -14.06
C ASP A 375 -22.94 18.90 -12.65
N ILE A 376 -21.94 18.03 -12.47
CA ILE A 376 -21.46 17.65 -11.14
C ILE A 376 -20.08 18.24 -10.92
N ILE A 377 -19.89 18.86 -9.76
CA ILE A 377 -18.59 19.38 -9.35
C ILE A 377 -18.26 18.81 -7.98
N ARG A 378 -17.12 18.13 -7.87
CA ARG A 378 -16.69 17.59 -6.60
C ARG A 378 -15.97 18.65 -5.78
N PHE A 379 -16.22 18.64 -4.46
CA PHE A 379 -15.49 19.47 -3.52
C PHE A 379 -14.90 18.54 -2.45
N ALA A 380 -13.59 18.35 -2.50
CA ALA A 380 -12.92 17.40 -1.61
C ALA A 380 -11.51 17.90 -1.32
N PRO A 381 -11.37 18.86 -0.41
CA PRO A 381 -10.05 19.36 -0.04
C PRO A 381 -9.34 18.39 0.89
N PRO A 382 -8.02 18.50 1.03
CA PRO A 382 -7.30 17.61 1.95
C PRO A 382 -7.83 17.77 3.38
N LEU A 383 -7.75 16.67 4.13
CA LEU A 383 -8.36 16.60 5.45
C LEU A 383 -7.60 17.42 6.49
N VAL A 384 -6.40 17.93 6.15
CA VAL A 384 -5.68 18.82 7.07
C VAL A 384 -6.15 20.25 7.01
N ILE A 385 -7.17 20.54 6.19
CA ILE A 385 -7.66 21.90 6.07
C ILE A 385 -8.26 22.36 7.40
N LYS A 386 -8.08 23.62 7.73
CA LYS A 386 -8.63 24.22 8.93
C LYS A 386 -9.94 24.95 8.59
N GLU A 387 -10.69 25.29 9.64
CA GLU A 387 -12.01 25.89 9.42
C GLU A 387 -11.91 27.26 8.74
N ASP A 388 -10.92 28.07 9.13
CA ASP A 388 -10.79 29.38 8.50
C ASP A 388 -10.41 29.25 7.01
N GLU A 389 -9.55 28.29 6.69
CA GLU A 389 -9.21 28.04 5.29
C GLU A 389 -10.43 27.51 4.52
N LEU A 390 -11.22 26.66 5.16
CA LEU A 390 -12.43 26.17 4.51
C LEU A 390 -13.41 27.30 4.24
N ARG A 391 -13.53 28.24 5.19
CA ARG A 391 -14.48 29.34 4.96
C ARG A 391 -13.96 30.33 3.93
N GLU A 392 -12.64 30.51 3.84
CA GLU A 392 -12.09 31.30 2.72
C GLU A 392 -12.42 30.65 1.38
N SER A 393 -12.22 29.33 1.28
CA SER A 393 -12.53 28.65 0.02
C SER A 393 -14.03 28.64 -0.26
N ILE A 394 -14.85 28.61 0.78
CA ILE A 394 -16.30 28.72 0.61
C ILE A 394 -16.67 30.08 0.05
N GLU A 395 -16.00 31.14 0.53
CA GLU A 395 -16.18 32.46 -0.05
C GLU A 395 -15.83 32.45 -1.53
N ILE A 396 -14.73 31.78 -1.89
CA ILE A 396 -14.35 31.69 -3.30
C ILE A 396 -15.45 30.99 -4.10
N ILE A 397 -15.97 29.88 -3.59
CA ILE A 397 -17.01 29.13 -4.29
C ILE A 397 -18.27 29.98 -4.44
N ASN A 398 -18.66 30.70 -3.39
CA ASN A 398 -19.82 31.57 -3.45
C ASN A 398 -19.66 32.64 -4.51
N LYS A 399 -18.54 33.37 -4.47
CA LYS A 399 -18.31 34.44 -5.44
C LYS A 399 -18.32 33.89 -6.86
N THR A 400 -17.67 32.75 -7.08
CA THR A 400 -17.60 32.18 -8.42
C THR A 400 -18.97 31.77 -8.92
N ILE A 401 -19.71 31.01 -8.10
CA ILE A 401 -21.02 30.51 -8.49
C ILE A 401 -21.96 31.67 -8.79
N LEU A 402 -22.00 32.67 -7.91
CA LEU A 402 -22.93 33.78 -8.07
C LEU A 402 -22.50 34.79 -9.12
N SER A 403 -21.25 34.72 -9.60
CA SER A 403 -20.77 35.66 -10.61
C SER A 403 -21.27 35.36 -12.01
N PHE A 404 -22.00 34.26 -12.20
CA PHE A 404 -22.56 33.95 -13.52
C PHE A 404 -23.93 34.60 -13.70
N GLY B 1 16.90 -7.03 20.65
CA GLY B 1 17.47 -6.92 19.31
C GLY B 1 16.42 -6.86 18.22
N PRO B 2 16.85 -6.53 17.01
CA PRO B 2 15.91 -6.44 15.88
C PRO B 2 15.41 -7.82 15.49
N PRO B 3 14.41 -7.91 14.61
CA PRO B 3 13.96 -9.22 14.15
C PRO B 3 15.08 -9.98 13.46
N THR B 4 15.08 -11.31 13.66
CA THR B 4 15.94 -12.19 12.90
C THR B 4 15.27 -12.53 11.56
N SER B 5 15.95 -13.34 10.75
CA SER B 5 15.35 -13.76 9.49
C SER B 5 14.11 -14.62 9.73
N ASP B 6 14.19 -15.55 10.69
CA ASP B 6 13.04 -16.41 10.98
C ASP B 6 11.90 -15.60 11.61
N ASP B 7 12.22 -14.58 12.41
CA ASP B 7 11.17 -13.68 12.90
C ASP B 7 10.42 -13.05 11.74
N ILE B 8 11.14 -12.61 10.72
CA ILE B 8 10.52 -11.95 9.57
C ILE B 8 9.67 -12.94 8.77
N PHE B 9 10.21 -14.14 8.53
CA PHE B 9 9.44 -15.19 7.86
C PHE B 9 8.13 -15.45 8.60
N GLU B 10 8.21 -15.65 9.92
CA GLU B 10 7.02 -16.00 10.70
C GLU B 10 6.01 -14.86 10.72
N ARG B 11 6.49 -13.63 10.87
CA ARG B 11 5.57 -12.49 10.89
C ARG B 11 4.80 -12.38 9.57
N GLU B 12 5.51 -12.49 8.45
CA GLU B 12 4.83 -12.45 7.16
C GLU B 12 3.84 -13.62 7.03
N TYR B 13 4.24 -14.81 7.49
CA TYR B 13 3.34 -15.96 7.43
C TYR B 13 2.07 -15.69 8.24
N LYS B 14 2.19 -14.96 9.35
CA LYS B 14 1.03 -14.74 10.20
C LYS B 14 0.10 -13.65 9.66
N TYR B 15 0.65 -12.57 9.12
CA TYR B 15 -0.18 -11.42 8.80
C TYR B 15 -0.34 -11.13 7.31
N GLY B 16 0.36 -11.85 6.44
CA GLY B 16 0.28 -11.61 5.00
C GLY B 16 -0.32 -12.79 4.27
N ALA B 17 -0.93 -12.50 3.12
CA ALA B 17 -1.40 -13.57 2.24
C ALA B 17 -0.24 -14.48 1.86
N HIS B 18 -0.55 -15.74 1.63
CA HIS B 18 0.46 -16.75 1.28
C HIS B 18 0.55 -16.94 -0.23
N ASN B 19 0.60 -15.84 -0.98
CA ASN B 19 0.64 -15.91 -2.43
C ASN B 19 2.04 -16.08 -2.99
N TYR B 20 3.06 -16.15 -2.14
CA TYR B 20 4.43 -16.37 -2.58
C TYR B 20 5.08 -17.41 -1.68
N HIS B 21 6.08 -18.11 -2.23
CA HIS B 21 6.96 -18.99 -1.48
C HIS B 21 8.38 -18.53 -1.76
N PRO B 22 8.84 -17.46 -1.11
CA PRO B 22 10.13 -16.88 -1.46
C PRO B 22 11.29 -17.74 -1.00
N LEU B 23 12.47 -17.45 -1.55
CA LEU B 23 13.68 -18.08 -1.07
C LEU B 23 13.96 -17.61 0.35
N PRO B 24 14.27 -18.51 1.28
CA PRO B 24 14.45 -18.10 2.69
C PRO B 24 15.64 -17.19 2.91
N VAL B 25 15.46 -15.88 2.69
CA VAL B 25 16.48 -14.89 3.02
C VAL B 25 15.78 -13.55 3.20
N ALA B 26 16.18 -12.83 4.26
CA ALA B 26 15.49 -11.62 4.70
C ALA B 26 16.40 -10.41 4.50
N LEU B 27 16.23 -9.71 3.38
CA LEU B 27 17.10 -8.61 3.00
C LEU B 27 16.63 -7.29 3.62
N GLU B 28 17.59 -6.47 4.03
CA GLU B 28 17.29 -5.14 4.55
C GLU B 28 18.07 -4.02 3.89
N ARG B 29 19.06 -4.32 3.05
CA ARG B 29 19.86 -3.27 2.43
C ARG B 29 20.31 -3.72 1.05
N GLY B 30 20.31 -2.77 0.11
CA GLY B 30 20.77 -3.03 -1.25
C GLY B 30 21.58 -1.88 -1.80
N LYS B 31 22.69 -2.18 -2.46
CA LYS B 31 23.57 -1.15 -3.00
C LYS B 31 24.28 -1.71 -4.23
N GLY B 32 23.98 -1.15 -5.39
CA GLY B 32 24.64 -1.60 -6.60
C GLY B 32 24.28 -3.04 -6.92
N ILE B 33 25.31 -3.90 -6.98
CA ILE B 33 25.09 -5.31 -7.28
C ILE B 33 24.90 -6.16 -6.04
N TYR B 34 24.95 -5.57 -4.85
CA TYR B 34 24.99 -6.33 -3.61
C TYR B 34 23.71 -6.14 -2.78
N LEU B 35 23.40 -7.18 -2.01
CA LEU B 35 22.31 -7.17 -1.04
C LEU B 35 22.82 -7.67 0.30
N TRP B 36 22.27 -7.12 1.38
CA TRP B 36 22.59 -7.54 2.73
C TRP B 36 21.33 -7.96 3.46
N ASP B 37 21.42 -9.05 4.22
CA ASP B 37 20.28 -9.49 5.01
C ASP B 37 20.38 -8.92 6.42
N VAL B 38 19.37 -9.21 7.25
CA VAL B 38 19.29 -8.60 8.57
C VAL B 38 20.40 -9.10 9.50
N GLU B 39 21.02 -10.23 9.19
CA GLU B 39 22.19 -10.68 9.95
C GLU B 39 23.47 -10.00 9.52
N GLY B 40 23.45 -9.27 8.40
CA GLY B 40 24.63 -8.60 7.89
C GLY B 40 25.39 -9.36 6.83
N ARG B 41 24.84 -10.43 6.29
CA ARG B 41 25.51 -11.21 5.26
C ARG B 41 25.34 -10.55 3.89
N LYS B 42 26.41 -10.58 3.10
CA LYS B 42 26.46 -9.90 1.81
C LYS B 42 26.26 -10.91 0.68
N TYR B 43 25.46 -10.51 -0.31
CA TYR B 43 25.12 -11.39 -1.43
C TYR B 43 25.28 -10.67 -2.75
N PHE B 44 25.72 -11.41 -3.76
CA PHE B 44 25.53 -10.96 -5.15
C PHE B 44 24.06 -11.11 -5.50
N ASP B 45 23.46 -10.08 -6.08
CA ASP B 45 22.10 -10.15 -6.59
C ASP B 45 22.16 -10.59 -8.04
N PHE B 46 21.74 -11.83 -8.31
CA PHE B 46 21.71 -12.35 -9.66
C PHE B 46 20.29 -12.51 -10.19
N LEU B 47 19.33 -11.79 -9.60
CA LEU B 47 17.99 -11.68 -10.15
C LEU B 47 17.63 -10.27 -10.57
N SER B 48 18.19 -9.25 -9.91
CA SER B 48 17.97 -7.84 -10.25
C SER B 48 16.49 -7.46 -10.19
N SER B 49 15.74 -8.11 -9.30
CA SER B 49 14.30 -7.87 -9.16
C SER B 49 13.60 -8.00 -10.51
N TYR B 50 13.99 -9.03 -11.27
CA TYR B 50 13.43 -9.30 -12.60
C TYR B 50 13.71 -8.16 -13.56
N SER B 51 14.87 -7.52 -13.42
CA SER B 51 15.45 -6.46 -14.23
C SER B 51 15.01 -5.07 -13.77
N ALA B 52 14.24 -4.95 -12.69
CA ALA B 52 13.85 -3.63 -12.21
C ALA B 52 15.05 -2.82 -11.73
N VAL B 53 16.10 -3.48 -11.24
CA VAL B 53 17.31 -2.77 -10.84
C VAL B 53 18.44 -3.10 -11.79
N ASN B 54 18.20 -2.93 -13.10
CA ASN B 54 19.29 -2.99 -14.07
C ASN B 54 20.42 -2.03 -13.70
N GLN B 55 20.07 -0.86 -13.15
CA GLN B 55 21.03 0.17 -12.78
C GLN B 55 21.68 -0.10 -11.43
N GLY B 56 21.42 -1.24 -10.81
CA GLY B 56 21.88 -1.50 -9.46
C GLY B 56 20.89 -0.98 -8.42
N HIS B 57 21.01 -1.52 -7.21
CA HIS B 57 20.14 -1.09 -6.13
C HIS B 57 20.49 0.32 -5.70
N CYS B 58 19.45 1.15 -5.55
CA CYS B 58 19.57 2.50 -4.97
C CYS B 58 20.64 3.32 -5.70
N HIS B 59 20.56 3.36 -7.02
CA HIS B 59 21.53 4.12 -7.80
C HIS B 59 21.48 5.58 -7.38
N PRO B 60 22.60 6.19 -6.98
CA PRO B 60 22.52 7.52 -6.34
C PRO B 60 21.90 8.60 -7.20
N LYS B 61 22.02 8.52 -8.53
CA LYS B 61 21.40 9.56 -9.36
C LYS B 61 19.88 9.44 -9.33
N ILE B 62 19.34 8.23 -9.43
CA ILE B 62 17.90 8.03 -9.35
C ILE B 62 17.39 8.37 -7.96
N VAL B 63 18.14 7.99 -6.93
CA VAL B 63 17.78 8.34 -5.55
C VAL B 63 17.72 9.84 -5.38
N ASN B 64 18.69 10.56 -5.94
CA ASN B 64 18.71 12.02 -5.84
C ASN B 64 17.54 12.64 -6.58
N ALA B 65 17.18 12.07 -7.74
CA ALA B 65 16.01 12.57 -8.47
C ALA B 65 14.75 12.43 -7.62
N LEU B 66 14.57 11.26 -7.00
CA LEU B 66 13.41 11.04 -6.14
C LEU B 66 13.39 12.02 -4.97
N LYS B 67 14.52 12.12 -4.26
CA LYS B 67 14.59 12.99 -3.09
C LYS B 67 14.35 14.45 -3.46
N SER B 68 14.84 14.87 -4.63
CA SER B 68 14.63 16.24 -5.07
C SER B 68 13.16 16.50 -5.37
N GLN B 69 12.50 15.58 -6.08
CA GLN B 69 11.13 15.86 -6.48
C GLN B 69 10.13 15.71 -5.33
N VAL B 70 10.42 14.85 -4.35
CA VAL B 70 9.42 14.57 -3.32
C VAL B 70 9.15 15.79 -2.44
N ASP B 71 10.08 16.74 -2.37
CA ASP B 71 9.84 17.96 -1.60
C ASP B 71 9.03 18.98 -2.38
N LYS B 72 8.89 18.82 -3.70
CA LYS B 72 8.16 19.78 -4.52
C LYS B 72 6.70 19.36 -4.72
N LEU B 73 6.49 18.18 -5.31
CA LEU B 73 5.17 17.73 -5.73
C LEU B 73 5.22 16.27 -6.14
N THR B 74 4.28 15.45 -5.66
CA THR B 74 4.29 14.03 -5.97
C THR B 74 3.08 13.56 -6.74
N LEU B 75 1.91 14.15 -6.55
CA LEU B 75 0.71 13.65 -7.22
C LEU B 75 -0.36 14.73 -7.27
N THR B 76 -0.76 15.11 -8.48
CA THR B 76 -1.89 15.99 -8.68
C THR B 76 -3.11 15.27 -9.25
N SER B 77 -2.95 14.01 -9.67
CA SER B 77 -3.87 13.29 -10.55
C SER B 77 -3.87 13.95 -11.93
N ARG B 78 -4.37 13.24 -12.93
CA ARG B 78 -4.38 13.74 -14.29
C ARG B 78 -5.52 14.70 -14.55
N ALA B 79 -6.31 15.03 -13.52
CA ALA B 79 -7.32 16.07 -13.65
C ALA B 79 -6.69 17.43 -13.90
N PHE B 80 -5.41 17.60 -13.55
CA PHE B 80 -4.65 18.81 -13.83
C PHE B 80 -3.33 18.41 -14.48
N TYR B 81 -2.63 19.39 -15.03
CA TYR B 81 -1.29 19.18 -15.54
C TYR B 81 -0.27 19.38 -14.43
N ASN B 82 0.77 18.55 -14.43
CA ASN B 82 1.98 18.83 -13.70
C ASN B 82 3.08 19.19 -14.68
N ASN B 83 4.14 19.82 -14.18
CA ASN B 83 5.17 20.35 -15.07
C ASN B 83 6.20 19.30 -15.51
N VAL B 84 6.18 18.11 -14.93
CA VAL B 84 7.23 17.13 -15.21
C VAL B 84 6.84 16.20 -16.34
N LEU B 85 5.56 15.83 -16.44
CA LEU B 85 5.17 14.73 -17.33
C LEU B 85 5.58 14.97 -18.77
N GLY B 86 5.37 16.19 -19.28
CA GLY B 86 5.70 16.45 -20.67
C GLY B 86 7.18 16.35 -20.97
N GLU B 87 8.03 16.77 -20.03
CA GLU B 87 9.47 16.60 -20.19
C GLU B 87 9.84 15.13 -20.37
N TYR B 88 9.30 14.28 -19.50
CA TYR B 88 9.54 12.84 -19.59
C TYR B 88 9.00 12.27 -20.89
N GLU B 89 7.81 12.70 -21.30
CA GLU B 89 7.21 12.19 -22.52
C GLU B 89 8.06 12.52 -23.74
N GLU B 90 8.50 13.77 -23.85
CA GLU B 90 9.38 14.15 -24.95
C GLU B 90 10.66 13.34 -24.92
N TYR B 91 11.29 13.22 -23.74
CA TYR B 91 12.54 12.48 -23.62
C TYR B 91 12.37 11.04 -24.10
N ILE B 92 11.38 10.32 -23.59
CA ILE B 92 11.29 8.89 -23.86
C ILE B 92 10.82 8.64 -25.30
N THR B 93 9.88 9.45 -25.81
CA THR B 93 9.44 9.27 -27.19
C THR B 93 10.58 9.53 -28.16
N LYS B 94 11.40 10.56 -27.90
CA LYS B 94 12.53 10.79 -28.79
C LYS B 94 13.60 9.72 -28.63
N LEU B 95 13.72 9.14 -27.43
CA LEU B 95 14.72 8.10 -27.21
C LEU B 95 14.38 6.83 -27.99
N PHE B 96 13.11 6.42 -27.98
CA PHE B 96 12.74 5.18 -28.66
C PHE B 96 12.13 5.41 -30.04
N ASN B 97 12.02 6.65 -30.49
CA ASN B 97 11.58 7.00 -31.85
C ASN B 97 10.15 6.56 -32.12
N TYR B 98 9.25 6.91 -31.21
CA TYR B 98 7.81 6.79 -31.43
C TYR B 98 7.17 8.15 -31.21
N HIS B 99 5.97 8.32 -31.77
CA HIS B 99 5.27 9.59 -31.65
C HIS B 99 4.93 9.91 -30.20
N LYS B 100 4.37 8.95 -29.48
CA LYS B 100 3.72 9.26 -28.21
C LYS B 100 3.94 8.12 -27.22
N VAL B 101 3.74 8.45 -25.94
CA VAL B 101 3.79 7.48 -24.85
C VAL B 101 2.56 7.68 -23.99
N LEU B 102 2.04 6.57 -23.47
CA LEU B 102 0.99 6.59 -22.47
C LEU B 102 1.57 6.02 -21.18
N PRO B 103 1.64 6.79 -20.10
CA PRO B 103 2.26 6.30 -18.87
C PRO B 103 1.29 5.51 -17.99
N MET B 104 1.79 4.40 -17.46
CA MET B 104 1.07 3.62 -16.46
C MET B 104 2.03 3.31 -15.31
N ASN B 105 1.62 2.44 -14.39
CA ASN B 105 2.42 2.16 -13.21
C ASN B 105 3.07 0.79 -13.23
N THR B 106 2.30 -0.27 -13.47
CA THR B 106 2.81 -1.63 -13.42
C THR B 106 2.89 -2.22 -14.83
N GLY B 107 3.61 -3.33 -14.94
CA GLY B 107 3.76 -3.97 -16.23
C GLY B 107 2.42 -4.46 -16.78
N VAL B 108 1.62 -5.10 -15.92
CA VAL B 108 0.35 -5.63 -16.39
C VAL B 108 -0.59 -4.52 -16.85
N GLU B 109 -0.49 -3.34 -16.23
CA GLU B 109 -1.27 -2.20 -16.70
C GLU B 109 -0.86 -1.78 -18.11
N ALA B 110 0.44 -1.81 -18.40
CA ALA B 110 0.90 -1.53 -19.75
C ALA B 110 0.35 -2.55 -20.74
N GLY B 111 0.37 -3.84 -20.37
CA GLY B 111 -0.18 -4.85 -21.24
C GLY B 111 -1.67 -4.69 -21.48
N GLU B 112 -2.43 -4.40 -20.42
CA GLU B 112 -3.87 -4.17 -20.56
C GLU B 112 -4.14 -2.96 -21.44
N THR B 113 -3.36 -1.89 -21.26
CA THR B 113 -3.47 -0.72 -22.13
C THR B 113 -3.22 -1.09 -23.57
N ALA B 114 -2.21 -1.92 -23.83
CA ALA B 114 -1.91 -2.33 -25.21
C ALA B 114 -3.07 -3.13 -25.79
N CYS B 115 -3.68 -4.01 -24.98
CA CYS B 115 -4.83 -4.78 -25.47
C CYS B 115 -6.00 -3.87 -25.79
N LYS B 116 -6.25 -2.86 -24.94
CA LYS B 116 -7.33 -1.93 -25.20
C LYS B 116 -7.07 -1.09 -26.45
N LEU B 117 -5.82 -0.63 -26.62
CA LEU B 117 -5.45 0.10 -27.82
C LEU B 117 -5.65 -0.76 -29.07
N ALA B 118 -5.19 -2.02 -29.02
CA ALA B 118 -5.34 -2.91 -30.16
C ALA B 118 -6.79 -3.13 -30.51
N ARG B 119 -7.64 -3.32 -29.50
CA ARG B 119 -9.06 -3.54 -29.77
C ARG B 119 -9.72 -2.28 -30.34
N LYS B 120 -9.48 -1.13 -29.72
CA LYS B 120 -10.08 0.10 -30.22
C LYS B 120 -9.61 0.41 -31.64
N TRP B 121 -8.33 0.17 -31.92
CA TRP B 121 -7.82 0.36 -33.27
C TRP B 121 -8.42 -0.64 -34.25
N GLY B 122 -8.63 -1.87 -33.80
CA GLY B 122 -9.26 -2.86 -34.67
C GLY B 122 -10.67 -2.47 -35.04
N TYR B 123 -11.41 -1.91 -34.09
CA TYR B 123 -12.79 -1.51 -34.37
C TYR B 123 -12.88 -0.22 -35.17
N THR B 124 -12.10 0.79 -34.80
CA THR B 124 -12.25 2.12 -35.40
C THR B 124 -11.39 2.34 -36.64
N VAL B 125 -10.28 1.63 -36.79
CA VAL B 125 -9.40 1.80 -37.94
C VAL B 125 -9.45 0.61 -38.87
N LYS B 126 -9.22 -0.60 -38.35
CA LYS B 126 -9.23 -1.78 -39.20
C LYS B 126 -10.63 -2.15 -39.66
N GLY B 127 -11.66 -1.74 -38.93
CA GLY B 127 -13.03 -1.99 -39.34
C GLY B 127 -13.63 -3.29 -38.86
N ILE B 128 -13.05 -3.92 -37.84
CA ILE B 128 -13.64 -5.13 -37.27
C ILE B 128 -14.99 -4.79 -36.65
N GLN B 129 -15.93 -5.71 -36.76
CA GLN B 129 -17.23 -5.52 -36.14
C GLN B 129 -17.13 -5.71 -34.63
N LYS B 130 -17.81 -4.86 -33.88
CA LYS B 130 -17.85 -4.99 -32.43
C LYS B 130 -18.81 -6.11 -32.04
N TYR B 131 -18.34 -7.04 -31.20
CA TYR B 131 -17.00 -7.02 -30.61
C TYR B 131 -16.24 -8.30 -30.97
N LYS B 132 -15.77 -8.39 -32.21
CA LYS B 132 -15.18 -9.62 -32.75
C LYS B 132 -13.66 -9.60 -32.78
N ALA B 133 -13.02 -8.55 -32.27
CA ALA B 133 -11.57 -8.43 -32.39
C ALA B 133 -10.86 -9.50 -31.54
N LYS B 134 -9.80 -10.05 -32.10
CA LYS B 134 -8.98 -11.05 -31.42
C LYS B 134 -7.57 -10.52 -31.19
N ILE B 135 -6.95 -10.97 -30.11
CA ILE B 135 -5.53 -10.73 -29.87
C ILE B 135 -4.85 -12.08 -29.72
N VAL B 136 -3.73 -12.25 -30.41
CA VAL B 136 -3.01 -13.51 -30.42
C VAL B 136 -1.82 -13.41 -29.47
N PHE B 137 -1.58 -14.46 -28.70
CA PHE B 137 -0.48 -14.54 -27.76
C PHE B 137 0.32 -15.81 -28.03
N ALA B 138 1.52 -15.86 -27.49
CA ALA B 138 2.39 -17.02 -27.66
C ALA B 138 2.35 -17.87 -26.40
N ALA B 139 2.21 -19.18 -26.56
CA ALA B 139 2.25 -20.10 -25.43
C ALA B 139 3.54 -19.90 -24.64
N GLY B 140 3.41 -19.98 -23.31
CA GLY B 140 4.51 -19.66 -22.43
C GLY B 140 4.61 -18.20 -22.05
N ASN B 141 3.77 -17.34 -22.60
CA ASN B 141 3.83 -15.93 -22.29
C ASN B 141 3.48 -15.67 -20.83
N PHE B 142 4.05 -14.60 -20.29
CA PHE B 142 3.66 -14.11 -18.98
C PHE B 142 3.69 -12.59 -19.01
N TRP B 143 2.58 -11.96 -18.58
CA TRP B 143 2.60 -10.51 -18.47
C TRP B 143 1.73 -9.99 -17.33
N GLY B 144 1.46 -10.78 -16.30
CA GLY B 144 0.77 -10.28 -15.14
C GLY B 144 -0.24 -11.28 -14.62
N ARG B 145 -1.02 -10.82 -13.64
CA ARG B 145 -1.92 -11.67 -12.89
C ARG B 145 -3.37 -11.19 -12.91
N THR B 146 -3.68 -10.14 -13.67
CA THR B 146 -5.07 -9.76 -13.82
C THR B 146 -5.85 -10.87 -14.50
N LEU B 147 -7.19 -10.80 -14.41
CA LEU B 147 -8.01 -11.79 -15.08
C LEU B 147 -7.71 -11.83 -16.58
N SER B 148 -7.47 -10.66 -17.18
CA SER B 148 -7.10 -10.60 -18.60
C SER B 148 -5.78 -11.32 -18.85
N ALA B 149 -4.77 -11.02 -18.04
CA ALA B 149 -3.45 -11.60 -18.28
C ALA B 149 -3.48 -13.13 -18.13
N ILE B 150 -4.16 -13.63 -17.10
CA ILE B 150 -4.23 -15.08 -16.94
C ILE B 150 -5.15 -15.71 -17.97
N SER B 151 -6.01 -14.92 -18.63
CA SER B 151 -6.83 -15.49 -19.68
C SER B 151 -6.05 -15.80 -20.95
N SER B 152 -4.82 -15.29 -21.07
CA SER B 152 -3.96 -15.60 -22.21
C SER B 152 -2.84 -16.57 -21.86
N SER B 153 -2.83 -17.10 -20.64
CA SER B 153 -1.76 -17.94 -20.16
C SER B 153 -2.02 -19.41 -20.48
N THR B 154 -0.93 -20.15 -20.69
CA THR B 154 -1.00 -21.60 -20.81
C THR B 154 -0.51 -22.31 -19.55
N ASP B 155 -0.39 -21.57 -18.44
CA ASP B 155 0.09 -22.12 -17.19
C ASP B 155 -1.09 -22.36 -16.25
N PRO B 156 -1.41 -23.61 -15.91
CA PRO B 156 -2.58 -23.86 -15.04
C PRO B 156 -2.52 -23.17 -13.70
N THR B 157 -1.33 -23.01 -13.10
CA THR B 157 -1.25 -22.34 -11.80
C THR B 157 -1.68 -20.88 -11.89
N SER B 158 -1.63 -20.27 -13.08
CA SER B 158 -2.07 -18.89 -13.22
C SER B 158 -3.59 -18.77 -13.32
N TYR B 159 -4.23 -19.67 -14.06
CA TYR B 159 -5.65 -19.50 -14.36
C TYR B 159 -6.60 -20.44 -13.62
N ASP B 160 -6.10 -21.52 -13.03
CA ASP B 160 -6.99 -22.51 -12.44
C ASP B 160 -7.73 -21.93 -11.23
N GLY B 161 -9.04 -22.14 -11.19
CA GLY B 161 -9.88 -21.60 -10.14
C GLY B 161 -10.25 -20.15 -10.28
N PHE B 162 -9.88 -19.49 -11.39
CA PHE B 162 -10.09 -18.06 -11.55
C PHE B 162 -10.98 -17.71 -12.74
N GLY B 163 -11.55 -18.71 -13.42
CA GLY B 163 -12.42 -18.45 -14.54
C GLY B 163 -13.78 -17.94 -14.10
N PRO B 164 -14.63 -17.58 -15.08
CA PRO B 164 -14.42 -17.68 -16.53
C PRO B 164 -13.45 -16.65 -17.07
N PHE B 165 -12.99 -16.87 -18.30
CA PHE B 165 -11.84 -16.15 -18.82
C PHE B 165 -12.24 -15.18 -19.93
N MET B 166 -11.34 -14.24 -20.17
CA MET B 166 -11.59 -13.20 -21.16
C MET B 166 -11.69 -13.82 -22.56
N PRO B 167 -12.76 -13.57 -23.30
CA PRO B 167 -12.85 -14.05 -24.68
C PRO B 167 -12.00 -13.20 -25.61
N GLY B 168 -11.81 -13.72 -26.82
CA GLY B 168 -11.06 -12.99 -27.83
C GLY B 168 -9.56 -13.09 -27.73
N PHE B 169 -9.03 -13.96 -26.87
CA PHE B 169 -7.61 -14.20 -26.75
C PHE B 169 -7.29 -15.57 -27.35
N ASP B 170 -6.38 -15.61 -28.31
CA ASP B 170 -5.95 -16.86 -28.94
C ASP B 170 -4.48 -17.09 -28.66
N ILE B 171 -4.09 -18.37 -28.58
CA ILE B 171 -2.73 -18.76 -28.24
C ILE B 171 -2.17 -19.61 -29.36
N ILE B 172 -0.94 -19.30 -29.78
CA ILE B 172 -0.20 -20.11 -30.73
C ILE B 172 1.13 -20.47 -30.09
N PRO B 173 1.84 -21.46 -30.63
CA PRO B 173 3.19 -21.75 -30.11
C PRO B 173 4.13 -20.58 -30.33
N TYR B 174 5.02 -20.39 -29.36
CA TYR B 174 6.12 -19.44 -29.50
C TYR B 174 7.11 -19.94 -30.54
N ASN B 175 7.82 -19.00 -31.17
CA ASN B 175 8.91 -19.34 -32.10
C ASN B 175 8.38 -20.14 -33.30
N ASP B 176 7.18 -19.77 -33.78
CA ASP B 176 6.48 -20.56 -34.80
C ASP B 176 5.85 -19.60 -35.81
N LEU B 177 6.62 -19.29 -36.87
CA LEU B 177 6.10 -18.38 -37.90
C LEU B 177 4.92 -18.98 -38.67
N PRO B 178 4.94 -20.24 -39.11
CA PRO B 178 3.75 -20.77 -39.82
C PRO B 178 2.47 -20.72 -38.99
N ALA B 179 2.58 -21.00 -37.69
CA ALA B 179 1.40 -20.89 -36.82
C ALA B 179 0.89 -19.45 -36.78
N LEU B 180 1.80 -18.47 -36.71
CA LEU B 180 1.38 -17.08 -36.72
C LEU B 180 0.68 -16.72 -38.02
N GLU B 181 1.22 -17.19 -39.15
CA GLU B 181 0.60 -16.90 -40.44
C GLU B 181 -0.82 -17.48 -40.52
N ARG B 182 -0.96 -18.73 -40.11
CA ARG B 182 -2.29 -19.35 -40.06
C ARG B 182 -3.24 -18.54 -39.17
N ALA B 183 -2.77 -18.14 -37.99
CA ALA B 183 -3.61 -17.36 -37.08
C ALA B 183 -4.03 -16.03 -37.72
N LEU B 184 -3.11 -15.39 -38.43
CA LEU B 184 -3.39 -14.09 -39.02
C LEU B 184 -4.20 -14.17 -40.31
N GLN B 185 -4.48 -15.38 -40.82
CA GLN B 185 -5.50 -15.51 -41.86
C GLN B 185 -6.84 -14.93 -41.45
N ASP B 186 -7.15 -14.86 -40.15
CA ASP B 186 -8.44 -14.36 -39.69
C ASP B 186 -8.43 -12.83 -39.66
N PRO B 187 -9.27 -12.16 -40.45
CA PRO B 187 -9.24 -10.69 -40.49
C PRO B 187 -9.70 -10.00 -39.21
N ASN B 188 -10.30 -10.74 -38.27
CA ASN B 188 -10.72 -10.15 -37.00
C ASN B 188 -9.59 -10.10 -35.98
N VAL B 189 -8.39 -10.56 -36.32
CA VAL B 189 -7.24 -10.42 -35.43
C VAL B 189 -6.77 -8.98 -35.47
N ALA B 190 -6.70 -8.33 -34.31
CA ALA B 190 -6.23 -6.97 -34.23
C ALA B 190 -4.76 -6.85 -33.88
N ALA B 191 -4.21 -7.79 -33.11
CA ALA B 191 -2.83 -7.63 -32.66
C ALA B 191 -2.22 -8.98 -32.34
N PHE B 192 -0.89 -9.01 -32.34
CA PHE B 192 -0.09 -10.12 -31.84
C PHE B 192 0.85 -9.56 -30.78
N MET B 193 0.72 -10.04 -29.55
CA MET B 193 1.54 -9.62 -28.43
C MET B 193 2.54 -10.72 -28.10
N VAL B 194 3.83 -10.37 -28.03
CA VAL B 194 4.88 -11.37 -27.88
C VAL B 194 6.09 -10.73 -27.19
N GLU B 195 6.78 -11.52 -26.38
CA GLU B 195 8.05 -11.17 -25.76
C GLU B 195 9.20 -11.54 -26.70
N PRO B 196 10.16 -10.63 -26.93
CA PRO B 196 11.30 -11.00 -27.81
C PRO B 196 12.15 -12.12 -27.21
N ILE B 197 12.19 -12.20 -25.89
CA ILE B 197 12.70 -13.36 -25.16
C ILE B 197 11.71 -13.63 -24.03
N GLN B 198 11.24 -14.86 -23.93
CA GLN B 198 10.29 -15.22 -22.88
C GLN B 198 11.04 -15.45 -21.58
N GLY B 199 10.92 -14.51 -20.64
CA GLY B 199 11.63 -14.58 -19.39
C GLY B 199 11.09 -15.61 -18.42
N GLU B 200 9.81 -15.47 -18.05
CA GLU B 200 9.22 -16.34 -17.05
C GLU B 200 9.19 -17.80 -17.50
N ALA B 201 9.16 -18.04 -18.82
CA ALA B 201 9.18 -19.40 -19.32
C ALA B 201 10.54 -20.07 -19.16
N GLY B 202 11.56 -19.34 -18.71
CA GLY B 202 12.89 -19.91 -18.53
C GLY B 202 13.91 -19.36 -19.50
N VAL B 203 13.82 -18.06 -19.78
CA VAL B 203 14.67 -17.38 -20.76
C VAL B 203 14.67 -18.16 -22.06
N VAL B 204 13.52 -18.20 -22.73
CA VAL B 204 13.38 -18.90 -23.99
C VAL B 204 13.68 -17.92 -25.12
N VAL B 205 14.82 -18.12 -25.78
CA VAL B 205 15.24 -17.26 -26.87
C VAL B 205 14.75 -17.88 -28.18
N PRO B 206 13.95 -17.17 -28.97
CA PRO B 206 13.50 -17.73 -30.25
C PRO B 206 14.63 -17.75 -31.26
N ASP B 207 14.40 -18.47 -32.35
CA ASP B 207 15.44 -18.65 -33.34
C ASP B 207 15.73 -17.33 -34.06
N PRO B 208 16.96 -17.17 -34.56
CA PRO B 208 17.27 -15.99 -35.39
C PRO B 208 16.30 -15.88 -36.56
N GLY B 209 15.84 -14.66 -36.80
CA GLY B 209 14.85 -14.41 -37.84
C GLY B 209 13.41 -14.46 -37.39
N TYR B 210 13.14 -14.86 -36.14
CA TYR B 210 11.77 -14.97 -35.69
C TYR B 210 11.09 -13.60 -35.61
N LEU B 211 11.76 -12.62 -34.99
CA LEU B 211 11.15 -11.30 -34.84
C LEU B 211 10.99 -10.62 -36.19
N MET B 212 11.97 -10.79 -37.08
CA MET B 212 11.84 -10.25 -38.44
C MET B 212 10.62 -10.83 -39.15
N GLY B 213 10.42 -12.14 -39.02
CA GLY B 213 9.25 -12.76 -39.63
C GLY B 213 7.94 -12.33 -39.00
N VAL B 214 7.93 -12.17 -37.67
CA VAL B 214 6.73 -11.65 -37.00
C VAL B 214 6.39 -10.27 -37.53
N ARG B 215 7.40 -9.41 -37.67
CA ARG B 215 7.16 -8.07 -38.20
C ARG B 215 6.58 -8.13 -39.61
N GLU B 216 7.18 -8.96 -40.47
CA GLU B 216 6.70 -9.08 -41.84
C GLU B 216 5.26 -9.57 -41.90
N LEU B 217 4.93 -10.59 -41.09
CA LEU B 217 3.58 -11.14 -41.10
C LEU B 217 2.57 -10.13 -40.57
N CYS B 218 2.89 -9.44 -39.47
CA CYS B 218 1.96 -8.47 -38.93
C CYS B 218 1.72 -7.33 -39.89
N THR B 219 2.78 -6.84 -40.55
CA THR B 219 2.59 -5.77 -41.52
C THR B 219 1.75 -6.23 -42.71
N ARG B 220 1.97 -7.46 -43.18
CA ARG B 220 1.24 -7.93 -44.35
C ARG B 220 -0.27 -8.02 -44.07
N HIS B 221 -0.64 -8.48 -42.87
CA HIS B 221 -2.03 -8.76 -42.57
C HIS B 221 -2.71 -7.63 -41.79
N GLN B 222 -2.08 -6.45 -41.72
CA GLN B 222 -2.64 -5.30 -41.01
C GLN B 222 -2.98 -5.66 -39.57
N VAL B 223 -1.97 -6.14 -38.87
CA VAL B 223 -2.08 -6.59 -37.49
C VAL B 223 -1.01 -5.88 -36.67
N LEU B 224 -1.39 -5.42 -35.47
CA LEU B 224 -0.45 -4.69 -34.63
C LEU B 224 0.54 -5.64 -33.96
N PHE B 225 1.82 -5.34 -34.09
CA PHE B 225 2.89 -6.08 -33.43
C PHE B 225 3.16 -5.40 -32.08
N ILE B 226 2.72 -6.04 -31.01
CA ILE B 226 2.96 -5.56 -29.65
C ILE B 226 4.15 -6.33 -29.09
N ALA B 227 5.26 -5.64 -28.85
CA ALA B 227 6.45 -6.24 -28.26
C ALA B 227 6.48 -5.93 -26.77
N ASP B 228 6.39 -6.98 -25.95
CA ASP B 228 6.47 -6.84 -24.50
C ASP B 228 7.94 -6.87 -24.09
N GLU B 229 8.52 -5.70 -23.89
CA GLU B 229 9.92 -5.58 -23.46
C GLU B 229 10.02 -5.16 -22.00
N ILE B 230 9.01 -5.50 -21.20
CA ILE B 230 9.00 -5.11 -19.79
C ILE B 230 10.17 -5.74 -19.05
N GLN B 231 10.52 -6.98 -19.39
CA GLN B 231 11.70 -7.63 -18.82
C GLN B 231 12.93 -7.53 -19.70
N THR B 232 12.79 -7.56 -21.02
CA THR B 232 13.94 -7.63 -21.91
C THR B 232 14.47 -6.27 -22.33
N GLY B 233 13.70 -5.20 -22.16
CA GLY B 233 14.11 -3.89 -22.61
C GLY B 233 15.14 -3.24 -21.71
N LEU B 234 15.52 -2.02 -22.11
CA LEU B 234 16.35 -1.13 -21.28
C LEU B 234 17.68 -1.78 -20.91
N ALA B 235 18.42 -2.22 -21.94
CA ALA B 235 19.82 -2.62 -21.92
C ALA B 235 20.05 -4.03 -21.36
N ARG B 236 19.04 -4.70 -20.80
CA ARG B 236 19.25 -5.98 -20.14
C ARG B 236 19.87 -7.01 -21.09
N THR B 237 19.36 -7.10 -22.32
CA THR B 237 19.85 -8.10 -23.27
C THR B 237 21.00 -7.59 -24.14
N GLY B 238 21.55 -6.41 -23.84
CA GLY B 238 22.65 -5.86 -24.61
C GLY B 238 22.26 -4.79 -25.61
N ARG B 239 20.98 -4.47 -25.74
CA ARG B 239 20.52 -3.38 -26.58
C ARG B 239 19.44 -2.63 -25.82
N TRP B 240 19.09 -1.45 -26.32
CA TRP B 240 17.97 -0.71 -25.75
C TRP B 240 16.71 -1.58 -25.71
N LEU B 241 16.45 -2.30 -26.80
CA LEU B 241 15.37 -3.28 -26.86
C LEU B 241 15.93 -4.56 -27.45
N ALA B 242 15.51 -5.71 -26.91
CA ALA B 242 15.91 -6.98 -27.51
C ALA B 242 15.55 -7.01 -28.99
N VAL B 243 14.43 -6.39 -29.35
CA VAL B 243 14.00 -6.31 -30.74
C VAL B 243 15.08 -5.67 -31.62
N ASP B 244 15.91 -4.80 -31.04
CA ASP B 244 16.98 -4.17 -31.80
C ASP B 244 17.95 -5.16 -32.41
N TYR B 245 18.05 -6.37 -31.86
CA TYR B 245 18.98 -7.33 -32.45
C TYR B 245 18.60 -7.70 -33.87
N GLU B 246 17.36 -7.42 -34.30
CA GLU B 246 16.99 -7.72 -35.68
C GLU B 246 16.40 -6.49 -36.38
N ASN B 247 16.70 -5.29 -35.89
CA ASN B 247 16.25 -4.03 -36.51
C ASN B 247 14.73 -3.95 -36.62
N VAL B 248 14.02 -4.66 -35.75
CA VAL B 248 12.57 -4.76 -35.86
C VAL B 248 11.94 -3.60 -35.08
N ARG B 249 10.98 -2.92 -35.72
CA ARG B 249 10.25 -1.83 -35.09
C ARG B 249 8.82 -2.27 -34.83
N PRO B 250 8.47 -2.63 -33.60
CA PRO B 250 7.09 -3.03 -33.31
C PRO B 250 6.14 -1.84 -33.43
N ASP B 251 4.84 -2.16 -33.52
CA ASP B 251 3.84 -1.11 -33.54
C ASP B 251 3.60 -0.54 -32.14
N ILE B 252 3.68 -1.38 -31.12
CA ILE B 252 3.52 -0.97 -29.73
C ILE B 252 4.64 -1.61 -28.92
N VAL B 253 5.37 -0.79 -28.16
CA VAL B 253 6.42 -1.27 -27.28
C VAL B 253 5.99 -1.05 -25.84
N LEU B 254 6.09 -2.10 -25.03
CA LEU B 254 5.77 -2.03 -23.61
C LEU B 254 7.05 -2.00 -22.80
N LEU B 255 7.18 -1.02 -21.91
CA LEU B 255 8.34 -0.87 -21.05
C LEU B 255 7.92 -0.83 -19.59
N GLY B 256 8.81 -1.29 -18.72
CA GLY B 256 8.55 -1.27 -17.30
C GLY B 256 9.79 -1.59 -16.49
N LYS B 257 9.58 -1.96 -15.23
CA LYS B 257 10.63 -2.42 -14.36
C LYS B 257 11.84 -1.49 -14.29
N ALA B 258 12.86 -1.73 -15.12
CA ALA B 258 14.09 -0.93 -15.09
C ALA B 258 13.83 0.53 -15.40
N LEU B 259 12.63 0.82 -15.93
CA LEU B 259 12.26 2.19 -16.27
C LEU B 259 12.37 3.13 -15.07
N SER B 260 12.37 2.59 -13.84
CA SER B 260 12.50 3.40 -12.65
C SER B 260 13.70 3.02 -11.79
N GLY B 261 14.49 2.03 -12.20
CA GLY B 261 15.60 1.59 -11.38
C GLY B 261 15.14 0.96 -10.07
N GLY B 262 13.86 0.61 -9.99
CA GLY B 262 13.31 -0.05 -8.84
C GLY B 262 12.84 0.87 -7.73
N LEU B 263 12.81 2.18 -7.95
CA LEU B 263 12.43 3.14 -6.91
C LEU B 263 10.97 3.54 -6.97
N TYR B 264 10.23 3.14 -8.01
CA TYR B 264 8.86 3.59 -8.21
C TYR B 264 8.21 2.74 -9.30
N PRO B 265 6.96 2.31 -9.14
CA PRO B 265 6.31 1.57 -10.23
C PRO B 265 6.00 2.47 -11.41
N VAL B 266 6.78 2.36 -12.49
CA VAL B 266 6.56 3.12 -13.71
C VAL B 266 6.56 2.16 -14.90
N SER B 267 5.55 2.27 -15.75
CA SER B 267 5.54 1.55 -17.02
C SER B 267 5.11 2.52 -18.11
N ALA B 268 5.31 2.11 -19.36
CA ALA B 268 5.05 2.99 -20.49
C ALA B 268 4.57 2.17 -21.68
N VAL B 269 3.68 2.77 -22.47
CA VAL B 269 3.23 2.22 -23.74
C VAL B 269 3.61 3.20 -24.84
N LEU B 270 4.45 2.75 -25.77
CA LEU B 270 4.94 3.58 -26.87
C LEU B 270 4.32 3.14 -28.17
N CYS B 271 3.80 4.09 -28.95
CA CYS B 271 3.30 3.82 -30.30
C CYS B 271 3.08 5.15 -31.00
N ASP B 272 2.81 5.07 -32.30
CA ASP B 272 2.61 6.24 -33.14
C ASP B 272 1.17 6.72 -33.08
N ASP B 273 0.94 7.90 -33.68
CA ASP B 273 -0.33 8.61 -33.51
C ASP B 273 -1.53 7.79 -34.00
N ASP B 274 -1.40 7.13 -35.15
CA ASP B 274 -2.53 6.42 -35.73
C ASP B 274 -3.05 5.33 -34.81
N ILE B 275 -2.22 4.84 -33.89
CA ILE B 275 -2.68 3.88 -32.90
C ILE B 275 -3.05 4.57 -31.60
N MET B 276 -2.18 5.46 -31.13
CA MET B 276 -2.37 6.07 -29.81
C MET B 276 -3.66 6.87 -29.75
N LEU B 277 -3.98 7.60 -30.81
CA LEU B 277 -5.11 8.53 -30.77
C LEU B 277 -6.46 7.86 -30.98
N THR B 278 -6.52 6.53 -31.10
CA THR B 278 -7.81 5.87 -31.10
C THR B 278 -8.49 5.97 -29.75
N ILE B 279 -7.73 6.20 -28.68
CA ILE B 279 -8.30 6.40 -27.36
C ILE B 279 -8.48 7.90 -27.13
N LYS B 280 -9.71 8.31 -26.89
CA LYS B 280 -10.08 9.71 -26.72
C LYS B 280 -10.03 10.09 -25.26
N PRO B 281 -10.06 11.38 -24.94
CA PRO B 281 -10.04 11.80 -23.52
C PRO B 281 -11.16 11.16 -22.72
N GLY B 282 -10.81 10.70 -21.53
CA GLY B 282 -11.77 10.08 -20.63
C GLY B 282 -11.93 8.58 -20.80
N GLU B 283 -11.26 7.97 -21.78
CA GLU B 283 -11.48 6.58 -22.10
C GLU B 283 -10.40 5.64 -21.55
N HIS B 284 -9.40 6.15 -20.84
CA HIS B 284 -8.38 5.30 -20.25
C HIS B 284 -7.53 6.13 -19.29
N GLY B 285 -6.85 5.45 -18.39
CA GLY B 285 -5.90 6.09 -17.50
C GLY B 285 -5.81 5.36 -16.17
N SER B 286 -5.20 6.05 -15.21
CA SER B 286 -5.01 5.53 -13.86
C SER B 286 -4.57 6.64 -12.93
N THR B 287 -4.74 6.54 -11.52
CA THR B 287 -4.59 7.73 -10.71
C THR B 287 -3.12 8.18 -10.68
N TYR B 288 -2.19 7.11 -10.52
CA TYR B 288 -0.79 7.48 -10.34
C TYR B 288 -0.01 7.55 -11.65
N GLY B 289 -0.63 7.10 -12.74
CA GLY B 289 0.03 7.09 -14.03
C GLY B 289 0.46 8.46 -14.49
N GLY B 290 1.76 8.64 -14.74
CA GLY B 290 2.27 9.91 -15.20
C GLY B 290 2.50 10.95 -14.12
N ASN B 291 2.52 10.54 -12.85
CA ASN B 291 2.73 11.48 -11.77
C ASN B 291 4.15 12.06 -11.83
N PRO B 292 4.36 13.27 -11.27
CA PRO B 292 5.66 13.92 -11.43
C PRO B 292 6.82 13.21 -10.75
N LEU B 293 6.58 12.56 -9.61
CA LEU B 293 7.65 11.86 -8.90
C LEU B 293 8.17 10.69 -9.73
N GLY B 294 7.25 9.83 -10.21
CA GLY B 294 7.65 8.74 -11.05
C GLY B 294 8.33 9.19 -12.32
N CYS B 295 7.90 10.33 -12.87
CA CYS B 295 8.52 10.84 -14.10
C CYS B 295 9.95 11.30 -13.85
N ARG B 296 10.19 12.02 -12.76
CA ARG B 296 11.57 12.37 -12.42
C ARG B 296 12.43 11.13 -12.27
N VAL B 297 11.90 10.12 -11.57
CA VAL B 297 12.64 8.88 -11.38
C VAL B 297 12.96 8.22 -12.72
N ALA B 298 11.97 8.20 -13.63
CA ALA B 298 12.16 7.52 -14.91
C ALA B 298 13.16 8.25 -15.80
N ILE B 299 13.09 9.59 -15.81
CA ILE B 299 14.09 10.37 -16.54
C ILE B 299 15.49 10.01 -16.05
N ALA B 300 15.68 10.00 -14.73
CA ALA B 300 17.00 9.69 -14.19
C ALA B 300 17.43 8.27 -14.52
N ALA B 301 16.49 7.31 -14.47
CA ALA B 301 16.84 5.91 -14.73
C ALA B 301 17.27 5.72 -16.18
N LEU B 302 16.52 6.29 -17.13
CA LEU B 302 16.91 6.23 -18.54
C LEU B 302 18.25 6.92 -18.76
N GLU B 303 18.48 8.06 -18.10
CA GLU B 303 19.76 8.75 -18.26
C GLU B 303 20.91 7.91 -17.74
N VAL B 304 20.71 7.22 -16.61
CA VAL B 304 21.75 6.30 -16.12
C VAL B 304 22.04 5.23 -17.15
N LEU B 305 20.99 4.64 -17.74
CA LEU B 305 21.19 3.59 -18.74
C LEU B 305 22.00 4.11 -19.92
N GLU B 306 21.74 5.34 -20.36
CA GLU B 306 22.45 5.83 -21.54
C GLU B 306 23.88 6.27 -21.20
N GLU B 307 24.06 7.04 -20.12
CA GLU B 307 25.37 7.58 -19.77
C GLU B 307 26.38 6.47 -19.53
N GLU B 308 26.02 5.49 -18.69
CA GLU B 308 26.97 4.47 -18.27
C GLU B 308 27.10 3.34 -19.30
N ASN B 309 26.46 3.46 -20.45
CA ASN B 309 26.59 2.50 -21.55
C ASN B 309 26.37 1.07 -21.07
N LEU B 310 25.26 0.86 -20.36
CA LEU B 310 25.01 -0.43 -19.73
C LEU B 310 24.64 -1.52 -20.73
N ALA B 311 24.12 -1.15 -21.91
CA ALA B 311 23.82 -2.16 -22.91
C ALA B 311 25.09 -2.81 -23.46
N GLU B 312 26.12 -1.99 -23.73
CA GLU B 312 27.39 -2.55 -24.19
C GLU B 312 28.03 -3.43 -23.12
N ASN B 313 28.00 -2.97 -21.87
CA ASN B 313 28.53 -3.76 -20.77
C ASN B 313 27.78 -5.08 -20.65
N ALA B 314 26.46 -5.05 -20.78
CA ALA B 314 25.67 -6.28 -20.68
C ALA B 314 26.03 -7.24 -21.81
N ASP B 315 26.19 -6.73 -23.03
CA ASP B 315 26.59 -7.58 -24.14
C ASP B 315 27.93 -8.27 -23.85
N LYS B 316 28.96 -7.49 -23.52
CA LYS B 316 30.29 -8.05 -23.27
C LYS B 316 30.26 -9.06 -22.13
N LEU B 317 29.76 -8.64 -20.97
CA LEU B 317 29.81 -9.49 -19.79
C LEU B 317 28.89 -10.69 -19.93
N GLY B 318 27.82 -10.59 -20.72
CA GLY B 318 27.00 -11.75 -20.98
C GLY B 318 27.69 -12.76 -21.86
N ILE B 319 28.45 -12.29 -22.85
CA ILE B 319 29.33 -13.20 -23.59
C ILE B 319 30.22 -13.96 -22.63
N ILE B 320 30.90 -13.23 -21.74
CA ILE B 320 31.81 -13.87 -20.80
C ILE B 320 31.07 -14.86 -19.90
N LEU B 321 29.90 -14.46 -19.41
CA LEU B 321 29.16 -15.30 -18.46
C LEU B 321 28.66 -16.58 -19.12
N ARG B 322 28.12 -16.48 -20.33
CA ARG B 322 27.66 -17.68 -21.02
C ARG B 322 28.83 -18.59 -21.36
N ASN B 323 29.98 -18.02 -21.77
CA ASN B 323 31.13 -18.86 -22.09
C ASN B 323 31.62 -19.60 -20.85
N GLU B 324 31.64 -18.93 -19.68
CA GLU B 324 32.08 -19.62 -18.48
C GLU B 324 31.05 -20.65 -18.01
N LEU B 325 29.76 -20.35 -18.16
CA LEU B 325 28.72 -21.29 -17.74
C LEU B 325 28.73 -22.54 -18.61
N MET B 326 29.04 -22.39 -19.90
CA MET B 326 29.12 -23.57 -20.76
C MET B 326 30.32 -24.46 -20.47
N LYS B 327 31.29 -23.97 -19.69
CA LYS B 327 32.41 -24.82 -19.28
C LYS B 327 31.98 -25.86 -18.27
N LEU B 328 30.81 -25.71 -17.65
CA LEU B 328 30.35 -26.66 -16.66
C LEU B 328 30.03 -28.00 -17.33
N PRO B 329 30.19 -29.11 -16.60
CA PRO B 329 30.00 -30.43 -17.22
C PRO B 329 28.56 -30.63 -17.69
N SER B 330 28.42 -31.42 -18.76
CA SER B 330 27.11 -31.61 -19.40
C SER B 330 26.22 -32.58 -18.65
N ASP B 331 26.73 -33.29 -17.64
CA ASP B 331 25.89 -34.17 -16.84
C ASP B 331 25.44 -33.51 -15.53
N VAL B 332 25.53 -32.19 -15.44
CA VAL B 332 24.98 -31.44 -14.33
C VAL B 332 24.21 -30.25 -14.90
N VAL B 333 24.67 -29.74 -16.04
CA VAL B 333 24.03 -28.64 -16.75
C VAL B 333 23.82 -29.07 -18.18
N THR B 334 22.56 -29.12 -18.63
CA THR B 334 22.25 -29.58 -19.97
C THR B 334 22.14 -28.46 -20.99
N ALA B 335 21.85 -27.23 -20.57
CA ALA B 335 21.69 -26.13 -21.50
C ALA B 335 22.06 -24.81 -20.84
N VAL B 336 22.72 -23.95 -21.60
CA VAL B 336 22.97 -22.56 -21.24
C VAL B 336 22.37 -21.70 -22.34
N ARG B 337 21.63 -20.66 -21.94
CA ARG B 337 21.00 -19.82 -22.94
C ARG B 337 20.81 -18.41 -22.39
N GLY B 338 20.54 -17.49 -23.31
CA GLY B 338 20.31 -16.10 -22.94
C GLY B 338 20.89 -15.11 -23.93
N LYS B 339 20.66 -13.82 -23.66
CA LYS B 339 21.24 -12.73 -24.42
C LYS B 339 21.61 -11.61 -23.46
N GLY B 340 22.73 -10.96 -23.71
CA GLY B 340 23.21 -9.95 -22.77
C GLY B 340 23.35 -10.56 -21.39
N LEU B 341 22.87 -9.85 -20.38
CA LEU B 341 22.90 -10.32 -19.00
C LEU B 341 21.57 -10.91 -18.55
N LEU B 342 20.74 -11.37 -19.47
CA LEU B 342 19.57 -12.17 -19.17
C LEU B 342 19.88 -13.59 -19.61
N ASN B 343 20.21 -14.46 -18.66
CA ASN B 343 20.67 -15.81 -18.98
C ASN B 343 20.05 -16.80 -18.00
N ALA B 344 20.12 -18.07 -18.38
CA ALA B 344 19.64 -19.15 -17.55
C ALA B 344 20.41 -20.42 -17.85
N ILE B 345 20.40 -21.35 -16.90
CA ILE B 345 20.95 -22.68 -17.11
C ILE B 345 19.86 -23.69 -16.78
N VAL B 346 20.01 -24.88 -17.38
CA VAL B 346 19.11 -26.00 -17.15
C VAL B 346 19.93 -27.13 -16.55
N ILE B 347 19.53 -27.59 -15.36
CA ILE B 347 20.17 -28.71 -14.72
C ILE B 347 19.35 -29.96 -14.97
N LYS B 348 20.01 -31.11 -15.05
CA LYS B 348 19.31 -32.37 -15.24
C LYS B 348 18.79 -32.83 -13.88
N GLU B 349 17.60 -32.34 -13.53
CA GLU B 349 17.04 -32.59 -12.21
C GLU B 349 16.87 -34.08 -11.96
N THR B 350 17.31 -34.53 -10.78
CA THR B 350 17.04 -35.86 -10.28
C THR B 350 15.89 -35.77 -9.27
N LYS B 351 15.46 -36.92 -8.77
CA LYS B 351 14.55 -36.90 -7.63
C LYS B 351 15.25 -36.42 -6.36
N ASP B 352 16.58 -36.52 -6.31
CA ASP B 352 17.36 -36.12 -5.15
C ASP B 352 17.76 -34.65 -5.18
N TRP B 353 17.90 -34.06 -6.37
CA TRP B 353 18.62 -32.81 -6.51
C TRP B 353 17.96 -31.97 -7.60
N ASP B 354 17.49 -30.78 -7.23
CA ASP B 354 16.78 -29.91 -8.17
C ASP B 354 17.32 -28.48 -8.11
N ALA B 355 16.65 -27.57 -8.82
CA ALA B 355 17.14 -26.20 -8.91
C ALA B 355 16.97 -25.45 -7.59
N TRP B 356 15.95 -25.79 -6.82
CA TRP B 356 15.73 -25.13 -5.53
C TRP B 356 16.88 -25.39 -4.57
N LYS B 357 17.37 -26.63 -4.52
CA LYS B 357 18.51 -26.94 -3.67
C LYS B 357 19.77 -26.20 -4.13
N VAL B 358 19.96 -26.11 -5.46
CA VAL B 358 21.10 -25.37 -5.99
C VAL B 358 21.04 -23.91 -5.57
N CYS B 359 19.84 -23.31 -5.63
CA CYS B 359 19.71 -21.91 -5.24
C CYS B 359 19.87 -21.73 -3.74
N LEU B 360 19.43 -22.70 -2.94
CA LEU B 360 19.72 -22.65 -1.51
C LEU B 360 21.22 -22.64 -1.25
N ARG B 361 21.96 -23.50 -1.93
CA ARG B 361 23.41 -23.56 -1.71
C ARG B 361 24.10 -22.31 -2.25
N LEU B 362 23.62 -21.76 -3.36
CA LEU B 362 24.13 -20.49 -3.85
C LEU B 362 23.90 -19.39 -2.83
N ARG B 363 22.72 -19.37 -2.21
CA ARG B 363 22.46 -18.44 -1.12
C ARG B 363 23.47 -18.61 0.01
N ASP B 364 23.73 -19.87 0.38
CA ASP B 364 24.72 -20.12 1.43
C ASP B 364 26.10 -19.63 1.04
N ASN B 365 26.41 -19.59 -0.25
CA ASN B 365 27.71 -19.18 -0.74
C ASN B 365 27.76 -17.72 -1.19
N GLY B 366 26.71 -16.95 -0.91
CA GLY B 366 26.73 -15.52 -1.13
C GLY B 366 26.24 -15.04 -2.47
N LEU B 367 25.38 -15.80 -3.15
CA LEU B 367 24.81 -15.37 -4.42
C LEU B 367 23.34 -15.73 -4.44
N LEU B 368 22.50 -14.79 -4.86
CA LEU B 368 21.05 -14.96 -4.84
C LEU B 368 20.53 -15.10 -6.26
N ALA B 369 19.95 -16.26 -6.56
CA ALA B 369 19.32 -16.53 -7.84
C ALA B 369 17.98 -17.21 -7.60
N LYS B 370 17.12 -17.19 -8.62
CA LYS B 370 15.82 -17.82 -8.44
C LYS B 370 15.65 -18.98 -9.41
N PRO B 371 15.12 -20.10 -8.94
CA PRO B 371 14.83 -21.23 -9.84
C PRO B 371 13.47 -21.09 -10.52
N THR B 372 13.25 -21.94 -11.51
CA THR B 372 12.04 -21.91 -12.32
C THR B 372 11.78 -23.29 -12.89
N HIS B 373 10.54 -23.76 -12.77
CA HIS B 373 10.09 -25.05 -13.29
C HIS B 373 10.82 -26.24 -12.65
N GLY B 374 11.59 -26.01 -11.58
CA GLY B 374 12.29 -27.08 -10.91
C GLY B 374 13.60 -27.49 -11.56
N ASP B 375 13.95 -26.93 -12.72
CA ASP B 375 15.20 -27.27 -13.37
C ASP B 375 15.87 -26.09 -14.06
N ILE B 376 15.24 -24.91 -14.08
CA ILE B 376 15.83 -23.71 -14.66
C ILE B 376 16.34 -22.83 -13.52
N ILE B 377 17.49 -22.20 -13.73
CA ILE B 377 18.04 -21.21 -12.81
C ILE B 377 18.42 -19.99 -13.63
N ARG B 378 17.87 -18.83 -13.24
CA ARG B 378 18.16 -17.59 -13.94
C ARG B 378 19.36 -16.88 -13.33
N PHE B 379 20.24 -16.38 -14.20
CA PHE B 379 21.38 -15.57 -13.79
C PHE B 379 21.28 -14.21 -14.47
N ALA B 380 20.90 -13.19 -13.72
CA ALA B 380 20.65 -11.86 -14.28
C ALA B 380 21.08 -10.80 -13.27
N PRO B 381 22.38 -10.53 -13.20
CA PRO B 381 22.87 -9.53 -12.24
C PRO B 381 22.66 -8.13 -12.78
N PRO B 382 22.76 -7.10 -11.93
CA PRO B 382 22.62 -5.73 -12.42
C PRO B 382 23.65 -5.40 -13.49
N LEU B 383 23.25 -4.55 -14.44
CA LEU B 383 24.10 -4.23 -15.57
C LEU B 383 25.28 -3.35 -15.20
N VAL B 384 25.34 -2.85 -13.95
CA VAL B 384 26.48 -2.05 -13.50
C VAL B 384 27.61 -2.91 -12.95
N ILE B 385 27.48 -4.23 -13.00
CA ILE B 385 28.53 -5.12 -12.50
C ILE B 385 29.76 -5.01 -13.38
N LYS B 386 30.93 -5.15 -12.76
CA LYS B 386 32.21 -5.12 -13.47
C LYS B 386 32.69 -6.55 -13.73
N GLU B 387 33.72 -6.67 -14.57
CA GLU B 387 34.18 -7.99 -14.99
C GLU B 387 34.74 -8.80 -13.82
N ASP B 388 35.50 -8.15 -12.94
CA ASP B 388 36.10 -8.88 -11.82
C ASP B 388 35.03 -9.40 -10.86
N GLU B 389 34.02 -8.57 -10.56
CA GLU B 389 32.91 -9.02 -9.74
C GLU B 389 32.16 -10.16 -10.42
N LEU B 390 31.96 -10.06 -11.74
CA LEU B 390 31.29 -11.12 -12.47
C LEU B 390 32.07 -12.43 -12.40
N ARG B 391 33.40 -12.35 -12.47
CA ARG B 391 34.19 -13.58 -12.43
C ARG B 391 34.20 -14.19 -11.04
N GLU B 392 34.20 -13.36 -9.99
CA GLU B 392 34.02 -13.89 -8.65
C GLU B 392 32.68 -14.62 -8.52
N SER B 393 31.61 -14.00 -9.04
CA SER B 393 30.31 -14.65 -9.01
C SER B 393 30.32 -15.95 -9.79
N ILE B 394 31.03 -15.97 -10.93
CA ILE B 394 31.07 -17.16 -11.78
C ILE B 394 31.79 -18.29 -11.05
N GLU B 395 32.86 -17.98 -10.33
CA GLU B 395 33.55 -19.03 -9.59
C GLU B 395 32.70 -19.52 -8.42
N ILE B 396 31.93 -18.62 -7.80
CA ILE B 396 30.97 -19.05 -6.78
C ILE B 396 29.97 -20.03 -7.39
N ILE B 397 29.48 -19.72 -8.60
CA ILE B 397 28.52 -20.60 -9.28
C ILE B 397 29.16 -21.96 -9.57
N ASN B 398 30.39 -21.94 -10.07
CA ASN B 398 31.09 -23.19 -10.40
C ASN B 398 31.25 -24.06 -9.16
N LYS B 399 31.78 -23.47 -8.08
CA LYS B 399 31.99 -24.22 -6.84
C LYS B 399 30.69 -24.78 -6.32
N THR B 400 29.63 -23.97 -6.31
CA THR B 400 28.34 -24.43 -5.80
C THR B 400 27.80 -25.57 -6.65
N ILE B 401 27.87 -25.45 -7.98
CA ILE B 401 27.34 -26.48 -8.87
C ILE B 401 28.08 -27.79 -8.64
N LEU B 402 29.40 -27.76 -8.77
CA LEU B 402 30.16 -29.01 -8.66
C LEU B 402 30.37 -29.44 -7.21
N SER B 403 29.80 -28.74 -6.24
CA SER B 403 29.84 -29.17 -4.85
C SER B 403 28.75 -30.18 -4.50
N PHE B 404 27.88 -30.52 -5.44
CA PHE B 404 26.83 -31.50 -5.18
C PHE B 404 27.31 -32.91 -5.49
N GLY C 1 38.34 -17.67 39.81
CA GLY C 1 37.99 -17.33 38.44
C GLY C 1 38.59 -16.02 37.97
N PRO C 2 38.83 -15.91 36.66
CA PRO C 2 39.39 -14.65 36.13
C PRO C 2 38.34 -13.57 36.12
N PRO C 3 38.74 -12.31 36.27
CA PRO C 3 37.75 -11.21 36.26
C PRO C 3 37.03 -11.12 34.92
N THR C 4 35.74 -10.80 34.99
CA THR C 4 34.98 -10.43 33.80
C THR C 4 35.25 -8.96 33.47
N SER C 5 34.65 -8.50 32.37
CA SER C 5 34.79 -7.09 32.00
C SER C 5 34.22 -6.18 33.09
N ASP C 6 33.04 -6.52 33.61
CA ASP C 6 32.42 -5.71 34.64
C ASP C 6 33.26 -5.70 35.91
N ASP C 7 33.87 -6.84 36.25
CA ASP C 7 34.79 -6.88 37.39
C ASP C 7 35.93 -5.89 37.22
N ILE C 8 36.52 -5.85 36.03
CA ILE C 8 37.65 -4.97 35.76
C ILE C 8 37.21 -3.51 35.86
N PHE C 9 36.07 -3.18 35.23
CA PHE C 9 35.55 -1.82 35.31
C PHE C 9 35.33 -1.40 36.76
N GLU C 10 34.69 -2.26 37.55
CA GLU C 10 34.35 -1.90 38.93
C GLU C 10 35.60 -1.76 39.79
N ARG C 11 36.60 -2.63 39.58
CA ARG C 11 37.82 -2.54 40.37
C ARG C 11 38.57 -1.24 40.07
N GLU C 12 38.64 -0.85 38.79
CA GLU C 12 39.25 0.43 38.48
C GLU C 12 38.46 1.59 39.06
N TYR C 13 37.12 1.49 39.02
CA TYR C 13 36.28 2.53 39.60
C TYR C 13 36.51 2.66 41.10
N LYS C 14 36.83 1.55 41.77
CA LYS C 14 37.02 1.60 43.22
C LYS C 14 38.41 2.11 43.59
N TYR C 15 39.45 1.68 42.88
CA TYR C 15 40.81 1.94 43.33
C TYR C 15 41.60 2.93 42.46
N GLY C 16 41.06 3.34 41.31
CA GLY C 16 41.78 4.26 40.47
C GLY C 16 41.12 5.61 40.38
N ALA C 17 41.90 6.63 40.01
CA ALA C 17 41.33 7.95 39.79
C ALA C 17 40.34 7.91 38.63
N HIS C 18 39.35 8.80 38.68
CA HIS C 18 38.34 8.88 37.63
C HIS C 18 38.69 9.92 36.57
N ASN C 19 39.95 9.99 36.15
CA ASN C 19 40.35 10.98 35.16
C ASN C 19 40.07 10.55 33.72
N TYR C 20 39.56 9.34 33.51
CA TYR C 20 39.16 8.87 32.18
C TYR C 20 37.77 8.28 32.24
N HIS C 21 37.08 8.30 31.10
CA HIS C 21 35.83 7.56 30.90
C HIS C 21 36.05 6.70 29.66
N PRO C 22 36.70 5.55 29.82
CA PRO C 22 37.02 4.71 28.65
C PRO C 22 35.77 4.08 28.05
N LEU C 23 35.90 3.69 26.79
CA LEU C 23 34.89 2.84 26.19
C LEU C 23 34.84 1.52 26.96
N PRO C 24 33.66 1.05 27.35
CA PRO C 24 33.59 -0.18 28.17
C PRO C 24 34.02 -1.43 27.41
N VAL C 25 35.33 -1.65 27.32
CA VAL C 25 35.89 -2.88 26.81
C VAL C 25 37.20 -3.13 27.55
N ALA C 26 37.42 -4.39 27.93
CA ALA C 26 38.54 -4.76 28.80
C ALA C 26 39.47 -5.71 28.06
N LEU C 27 40.52 -5.14 27.46
CA LEU C 27 41.45 -5.92 26.64
C LEU C 27 42.53 -6.57 27.50
N GLU C 28 42.97 -7.76 27.05
CA GLU C 28 44.07 -8.44 27.71
C GLU C 28 45.17 -8.90 26.76
N ARG C 29 44.95 -8.87 25.44
CA ARG C 29 45.98 -9.27 24.49
C ARG C 29 45.83 -8.47 23.20
N GLY C 30 46.96 -8.23 22.56
CA GLY C 30 46.98 -7.55 21.28
C GLY C 30 48.08 -8.07 20.38
N LYS C 31 47.81 -8.13 19.08
CA LYS C 31 48.81 -8.58 18.11
C LYS C 31 48.49 -7.94 16.77
N GLY C 32 49.41 -7.13 16.26
CA GLY C 32 49.18 -6.48 14.98
C GLY C 32 48.00 -5.52 15.08
N ILE C 33 47.00 -5.72 14.22
CA ILE C 33 45.83 -4.85 14.17
C ILE C 33 44.74 -5.26 15.13
N TYR C 34 44.90 -6.37 15.85
CA TYR C 34 43.82 -6.97 16.61
C TYR C 34 44.07 -6.87 18.11
N LEU C 35 42.97 -6.72 18.85
CA LEU C 35 42.95 -6.77 20.30
C LEU C 35 41.93 -7.82 20.74
N TRP C 36 42.21 -8.46 21.88
CA TRP C 36 41.32 -9.45 22.47
C TRP C 36 40.93 -9.01 23.88
N ASP C 37 39.64 -9.13 24.20
CA ASP C 37 39.20 -8.79 25.54
C ASP C 37 39.18 -10.05 26.42
N VAL C 38 38.89 -9.87 27.71
CA VAL C 38 39.00 -10.98 28.65
C VAL C 38 37.95 -12.05 28.40
N GLU C 39 36.87 -11.74 27.70
CA GLU C 39 35.90 -12.76 27.31
C GLU C 39 36.31 -13.51 26.05
N GLY C 40 37.43 -13.15 25.43
CA GLY C 40 37.90 -13.81 24.24
C GLY C 40 37.46 -13.17 22.94
N ARG C 41 36.64 -12.13 22.99
CA ARG C 41 36.18 -11.48 21.78
C ARG C 41 37.32 -10.71 21.11
N LYS C 42 37.28 -10.67 19.78
CA LYS C 42 38.35 -10.13 18.96
C LYS C 42 37.89 -8.84 18.29
N TYR C 43 38.79 -7.85 18.21
CA TYR C 43 38.43 -6.54 17.69
C TYR C 43 39.51 -6.01 16.76
N PHE C 44 39.08 -5.28 15.74
CA PHE C 44 39.99 -4.38 15.03
C PHE C 44 40.29 -3.17 15.91
N ASP C 45 41.56 -2.87 16.09
CA ASP C 45 41.97 -1.65 16.78
C ASP C 45 42.02 -0.52 15.76
N PHE C 46 41.07 0.42 15.85
CA PHE C 46 41.05 1.57 14.95
C PHE C 46 41.40 2.86 15.68
N LEU C 47 42.18 2.75 16.75
CA LEU C 47 42.78 3.89 17.41
C LEU C 47 44.30 3.81 17.45
N SER C 48 44.87 2.61 17.49
CA SER C 48 46.32 2.41 17.51
C SER C 48 46.98 3.12 18.68
N SER C 49 46.28 3.21 19.80
CA SER C 49 46.78 3.88 21.00
C SER C 49 47.29 5.29 20.67
N TYR C 50 46.51 6.01 19.87
CA TYR C 50 46.82 7.36 19.44
C TYR C 50 48.13 7.40 18.64
N SER C 51 48.34 6.37 17.83
CA SER C 51 49.46 6.17 16.91
C SER C 51 50.72 5.63 17.60
N ALA C 52 50.62 5.25 18.88
CA ALA C 52 51.78 4.65 19.52
C ALA C 52 52.07 3.25 19.01
N VAL C 53 51.06 2.54 18.50
CA VAL C 53 51.31 1.22 17.90
C VAL C 53 51.08 1.29 16.40
N ASN C 54 51.68 2.29 15.74
CA ASN C 54 51.70 2.32 14.28
C ASN C 54 52.19 0.99 13.71
N GLN C 55 53.16 0.37 14.37
CA GLN C 55 53.74 -0.90 13.95
C GLN C 55 52.88 -2.10 14.34
N GLY C 56 51.70 -1.87 14.91
CA GLY C 56 50.90 -2.96 15.43
C GLY C 56 51.29 -3.34 16.85
N HIS C 57 50.36 -3.99 17.54
CA HIS C 57 50.60 -4.41 18.92
C HIS C 57 51.66 -5.49 18.96
N CYS C 58 52.59 -5.36 19.90
CA CYS C 58 53.61 -6.38 20.18
C CYS C 58 54.33 -6.82 18.91
N HIS C 59 54.88 -5.86 18.18
CA HIS C 59 55.62 -6.21 16.97
C HIS C 59 56.86 -7.03 17.35
N PRO C 60 57.07 -8.20 16.74
CA PRO C 60 58.11 -9.12 17.24
C PRO C 60 59.52 -8.54 17.22
N LYS C 61 59.87 -7.69 16.25
CA LYS C 61 61.21 -7.14 16.23
C LYS C 61 61.44 -6.19 17.40
N ILE C 62 60.45 -5.36 17.72
CA ILE C 62 60.58 -4.45 18.85
C ILE C 62 60.57 -5.22 20.17
N VAL C 63 59.70 -6.24 20.25
CA VAL C 63 59.67 -7.11 21.42
C VAL C 63 61.04 -7.76 21.64
N ASN C 64 61.66 -8.22 20.55
CA ASN C 64 62.97 -8.86 20.66
C ASN C 64 64.03 -7.87 21.10
N ALA C 65 63.99 -6.64 20.58
CA ALA C 65 64.90 -5.61 21.06
C ALA C 65 64.77 -5.42 22.56
N LEU C 66 63.53 -5.29 23.04
CA LEU C 66 63.31 -5.09 24.47
C LEU C 66 63.83 -6.28 25.29
N LYS C 67 63.47 -7.50 24.87
CA LYS C 67 63.87 -8.68 25.63
C LYS C 67 65.38 -8.84 25.66
N SER C 68 66.04 -8.53 24.54
CA SER C 68 67.50 -8.64 24.50
C SER C 68 68.15 -7.62 25.40
N GLN C 69 67.66 -6.38 25.39
CA GLN C 69 68.33 -5.34 26.18
C GLN C 69 68.05 -5.49 27.68
N VAL C 70 66.85 -5.94 28.05
CA VAL C 70 66.51 -6.02 29.47
C VAL C 70 67.40 -7.02 30.20
N ASP C 71 68.04 -7.94 29.48
CA ASP C 71 68.98 -8.86 30.11
C ASP C 71 70.30 -8.19 30.49
N LYS C 72 70.66 -7.08 29.82
CA LYS C 72 71.97 -6.47 29.97
C LYS C 72 71.97 -5.30 30.95
N LEU C 73 71.15 -4.29 30.68
CA LEU C 73 71.18 -3.03 31.42
C LEU C 73 69.98 -2.20 31.02
N THR C 74 69.28 -1.61 32.00
CA THR C 74 68.08 -0.83 31.68
C THR C 74 68.17 0.63 32.08
N LEU C 75 68.91 0.99 33.12
CA LEU C 75 68.95 2.37 33.56
C LEU C 75 70.19 2.60 34.42
N THR C 76 71.05 3.52 33.99
CA THR C 76 72.16 3.99 34.80
C THR C 76 71.93 5.40 35.34
N SER C 77 70.89 6.10 34.86
CA SER C 77 70.71 7.54 34.98
C SER C 77 71.78 8.25 34.15
N ARG C 78 71.57 9.54 33.89
CA ARG C 78 72.48 10.32 33.06
C ARG C 78 73.73 10.77 33.79
N ALA C 79 73.88 10.41 35.07
CA ALA C 79 75.13 10.69 35.77
C ALA C 79 76.29 9.92 35.18
N PHE C 80 76.01 8.83 34.46
CA PHE C 80 77.02 8.07 33.75
C PHE C 80 76.58 7.89 32.30
N TYR C 81 77.50 7.41 31.47
CA TYR C 81 77.19 7.08 30.08
C TYR C 81 76.73 5.62 30.00
N ASN C 82 75.78 5.37 29.11
CA ASN C 82 75.48 4.01 28.68
C ASN C 82 75.87 3.84 27.22
N ASN C 83 76.11 2.60 26.82
CA ASN C 83 76.69 2.34 25.51
C ASN C 83 75.69 2.45 24.36
N VAL C 84 74.39 2.56 24.64
CA VAL C 84 73.37 2.45 23.61
C VAL C 84 72.94 3.83 23.11
N LEU C 85 72.96 4.83 23.99
CA LEU C 85 72.35 6.12 23.68
C LEU C 85 72.93 6.75 22.41
N GLY C 86 74.26 6.73 22.27
CA GLY C 86 74.88 7.37 21.12
C GLY C 86 74.56 6.67 19.81
N GLU C 87 74.43 5.35 19.83
CA GLU C 87 73.98 4.63 18.64
C GLU C 87 72.61 5.13 18.19
N TYR C 88 71.67 5.24 19.13
CA TYR C 88 70.35 5.74 18.81
C TYR C 88 70.39 7.19 18.33
N GLU C 89 71.20 8.03 18.98
CA GLU C 89 71.27 9.44 18.59
C GLU C 89 71.78 9.58 17.17
N GLU C 90 72.88 8.88 16.84
CA GLU C 90 73.40 8.92 15.48
C GLU C 90 72.35 8.42 14.49
N TYR C 91 71.68 7.32 14.82
CA TYR C 91 70.67 6.76 13.91
C TYR C 91 69.54 7.75 13.64
N ILE C 92 68.95 8.31 14.70
CA ILE C 92 67.77 9.15 14.49
C ILE C 92 68.13 10.50 13.88
N THR C 93 69.29 11.08 14.25
CA THR C 93 69.68 12.34 13.64
C THR C 93 69.99 12.16 12.17
N LYS C 94 70.62 11.04 11.79
CA LYS C 94 70.84 10.80 10.37
C LYS C 94 69.51 10.55 9.65
N LEU C 95 68.58 9.85 10.30
CA LEU C 95 67.30 9.54 9.66
C LEU C 95 66.53 10.82 9.33
N PHE C 96 66.45 11.75 10.28
CA PHE C 96 65.66 12.95 10.07
C PHE C 96 66.47 14.16 9.63
N ASN C 97 67.79 14.03 9.53
CA ASN C 97 68.67 15.07 9.01
C ASN C 97 68.62 16.33 9.87
N TYR C 98 68.82 16.16 11.17
CA TYR C 98 69.10 17.25 12.09
C TYR C 98 70.41 16.95 12.78
N HIS C 99 71.08 18.00 13.28
CA HIS C 99 72.37 17.81 13.92
C HIS C 99 72.25 16.95 15.17
N LYS C 100 71.26 17.23 16.01
CA LYS C 100 71.24 16.65 17.35
C LYS C 100 69.82 16.28 17.75
N VAL C 101 69.74 15.40 18.75
CA VAL C 101 68.48 14.99 19.35
C VAL C 101 68.62 15.09 20.86
N LEU C 102 67.53 15.47 21.52
CA LEU C 102 67.46 15.45 22.97
C LEU C 102 66.41 14.42 23.36
N PRO C 103 66.79 13.35 24.05
CA PRO C 103 65.81 12.30 24.38
C PRO C 103 65.03 12.58 25.65
N MET C 104 63.73 12.30 25.58
CA MET C 104 62.83 12.41 26.73
C MET C 104 61.97 11.15 26.77
N ASN C 105 60.96 11.15 27.64
CA ASN C 105 60.11 9.99 27.82
C ASN C 105 58.72 10.16 27.25
N THR C 106 58.01 11.22 27.62
CA THR C 106 56.64 11.43 27.18
C THR C 106 56.59 12.58 26.19
N GLY C 107 55.46 12.66 25.47
CA GLY C 107 55.30 13.71 24.48
C GLY C 107 55.27 15.10 25.09
N VAL C 108 54.60 15.24 26.23
CA VAL C 108 54.53 16.54 26.88
C VAL C 108 55.91 16.98 27.33
N GLU C 109 56.77 16.05 27.71
CA GLU C 109 58.14 16.40 28.07
C GLU C 109 58.89 16.95 26.86
N ALA C 110 58.68 16.37 25.69
CA ALA C 110 59.30 16.90 24.48
C ALA C 110 58.78 18.31 24.18
N GLY C 111 57.48 18.54 24.38
CA GLY C 111 56.95 19.88 24.15
C GLY C 111 57.49 20.91 25.13
N GLU C 112 57.58 20.54 26.40
CA GLU C 112 58.18 21.41 27.41
C GLU C 112 59.63 21.72 27.06
N THR C 113 60.37 20.69 26.63
CA THR C 113 61.75 20.89 26.20
C THR C 113 61.83 21.87 25.05
N ALA C 114 60.92 21.76 24.07
CA ALA C 114 60.94 22.67 22.94
C ALA C 114 60.61 24.09 23.37
N CYS C 115 59.68 24.26 24.32
CA CYS C 115 59.38 25.59 24.83
C CYS C 115 60.58 26.19 25.54
N LYS C 116 61.28 25.39 26.35
CA LYS C 116 62.47 25.89 27.03
C LYS C 116 63.57 26.25 26.04
N LEU C 117 63.77 25.41 25.02
CA LEU C 117 64.74 25.72 23.97
C LEU C 117 64.38 27.01 23.25
N ALA C 118 63.10 27.20 22.93
CA ALA C 118 62.67 28.40 22.23
C ALA C 118 62.92 29.64 23.09
N ARG C 119 62.59 29.58 24.38
CA ARG C 119 62.81 30.73 25.24
C ARG C 119 64.30 31.03 25.40
N LYS C 120 65.11 29.99 25.64
CA LYS C 120 66.54 30.19 25.82
C LYS C 120 67.19 30.75 24.56
N TRP C 121 66.80 30.23 23.40
CA TRP C 121 67.30 30.76 22.14
C TRP C 121 66.82 32.20 21.92
N GLY C 122 65.58 32.49 22.33
CA GLY C 122 65.06 33.84 22.15
C GLY C 122 65.81 34.86 22.99
N TYR C 123 66.20 34.48 24.21
CA TYR C 123 66.92 35.41 25.07
C TYR C 123 68.40 35.51 24.71
N THR C 124 69.03 34.39 24.36
CA THR C 124 70.48 34.36 24.21
C THR C 124 70.96 34.51 22.78
N VAL C 125 70.10 34.24 21.79
CA VAL C 125 70.48 34.35 20.37
C VAL C 125 69.71 35.47 19.68
N LYS C 126 68.38 35.43 19.75
CA LYS C 126 67.59 36.50 19.13
C LYS C 126 67.76 37.82 19.86
N GLY C 127 67.93 37.79 21.17
CA GLY C 127 68.14 38.98 21.95
C GLY C 127 66.92 39.54 22.64
N ILE C 128 65.92 38.71 22.92
CA ILE C 128 64.71 39.19 23.59
C ILE C 128 65.03 39.57 25.02
N GLN C 129 64.40 40.63 25.51
CA GLN C 129 64.58 41.04 26.89
C GLN C 129 63.92 40.04 27.84
N LYS C 130 64.60 39.73 28.94
CA LYS C 130 64.06 38.83 29.95
C LYS C 130 63.04 39.57 30.81
N TYR C 131 61.91 38.92 31.08
CA TYR C 131 61.56 37.61 30.52
C TYR C 131 60.33 37.77 29.62
N LYS C 132 60.53 38.36 28.45
CA LYS C 132 59.44 38.80 27.60
C LYS C 132 59.19 37.90 26.41
N ALA C 133 59.83 36.73 26.35
CA ALA C 133 59.68 35.86 25.20
C ALA C 133 58.28 35.27 25.14
N LYS C 134 57.75 35.19 23.93
CA LYS C 134 56.42 34.63 23.68
C LYS C 134 56.54 33.42 22.77
N ILE C 135 55.67 32.43 23.01
CA ILE C 135 55.47 31.32 22.10
C ILE C 135 54.03 31.38 21.63
N VAL C 136 53.84 31.28 20.31
CA VAL C 136 52.53 31.32 19.71
C VAL C 136 52.06 29.89 19.47
N PHE C 137 50.80 29.62 19.79
CA PHE C 137 50.17 28.33 19.56
C PHE C 137 48.91 28.54 18.73
N ALA C 138 48.42 27.45 18.15
CA ALA C 138 47.20 27.49 17.36
C ALA C 138 46.03 27.00 18.21
N ALA C 139 44.90 27.68 18.09
CA ALA C 139 43.68 27.22 18.74
C ALA C 139 43.39 25.77 18.36
N GLY C 140 42.91 25.00 19.33
CA GLY C 140 42.70 23.59 19.14
C GLY C 140 43.90 22.72 19.42
N ASN C 141 45.05 23.32 19.74
CA ASN C 141 46.26 22.54 19.96
C ASN C 141 46.12 21.64 21.19
N PHE C 142 46.83 20.53 21.16
CA PHE C 142 46.97 19.68 22.33
C PHE C 142 48.39 19.12 22.35
N TRP C 143 49.14 19.41 23.41
CA TRP C 143 50.44 18.75 23.55
C TRP C 143 50.68 18.23 24.96
N GLY C 144 49.63 17.99 25.74
CA GLY C 144 49.78 17.31 27.01
C GLY C 144 49.00 18.00 28.12
N ARG C 145 49.29 17.60 29.36
CA ARG C 145 48.47 17.93 30.51
C ARG C 145 49.23 18.64 31.63
N THR C 146 50.48 19.03 31.40
CA THR C 146 51.18 19.82 32.41
C THR C 146 50.51 21.19 32.53
N LEU C 147 50.87 21.91 33.60
CA LEU C 147 50.36 23.26 33.78
C LEU C 147 50.70 24.15 32.59
N SER C 148 51.93 24.04 32.08
CA SER C 148 52.32 24.81 30.91
C SER C 148 51.50 24.41 29.69
N ALA C 149 51.33 23.10 29.47
CA ALA C 149 50.63 22.64 28.27
C ALA C 149 49.18 23.09 28.27
N ILE C 150 48.51 23.01 29.41
CA ILE C 150 47.12 23.46 29.47
C ILE C 150 47.02 24.97 29.44
N SER C 151 48.10 25.70 29.77
CA SER C 151 48.04 27.15 29.66
C SER C 151 47.89 27.63 28.22
N SER C 152 48.30 26.83 27.23
CA SER C 152 48.17 27.22 25.84
C SER C 152 46.90 26.64 25.19
N SER C 153 46.12 25.87 25.93
CA SER C 153 44.94 25.20 25.38
C SER C 153 43.76 26.16 25.28
N THR C 154 42.93 25.94 24.26
CA THR C 154 41.65 26.62 24.16
C THR C 154 40.49 25.71 24.56
N ASP C 155 40.79 24.50 25.03
CA ASP C 155 39.77 23.56 25.47
C ASP C 155 39.55 23.71 26.96
N PRO C 156 38.39 24.17 27.42
CA PRO C 156 38.19 24.36 28.87
C PRO C 156 38.32 23.08 29.69
N THR C 157 38.04 21.91 29.12
CA THR C 157 38.26 20.67 29.85
CA THR C 157 38.26 20.68 29.86
C THR C 157 39.73 20.52 30.23
N SER C 158 40.63 21.09 29.43
CA SER C 158 42.06 21.00 29.74
C SER C 158 42.46 21.93 30.88
N TYR C 159 42.00 23.18 30.86
CA TYR C 159 42.56 24.19 31.76
C TYR C 159 41.63 24.66 32.88
N ASP C 160 40.31 24.53 32.73
CA ASP C 160 39.39 25.08 33.72
C ASP C 160 39.61 24.46 35.10
N GLY C 161 39.81 25.31 36.10
CA GLY C 161 40.05 24.88 37.46
C GLY C 161 41.48 24.54 37.78
N PHE C 162 42.43 24.79 36.87
CA PHE C 162 43.82 24.40 37.07
C PHE C 162 44.79 25.57 37.08
N GLY C 163 44.29 26.81 37.00
CA GLY C 163 45.16 27.97 37.01
C GLY C 163 45.64 28.33 38.39
N PRO C 164 46.39 29.43 38.49
CA PRO C 164 46.77 30.40 37.45
C PRO C 164 47.73 29.83 36.41
N PHE C 165 47.79 30.47 35.25
CA PHE C 165 48.38 29.85 34.08
C PHE C 165 49.72 30.48 33.71
N MET C 166 50.50 29.71 32.97
CA MET C 166 51.82 30.15 32.52
C MET C 166 51.72 31.35 31.59
N PRO C 167 52.36 32.47 31.89
CA PRO C 167 52.34 33.61 30.97
C PRO C 167 53.25 33.37 29.78
N GLY C 168 53.10 34.24 28.78
CA GLY C 168 53.96 34.21 27.62
C GLY C 168 53.51 33.32 26.49
N PHE C 169 52.29 32.79 26.54
CA PHE C 169 51.74 31.95 25.47
C PHE C 169 50.63 32.71 24.76
N ASP C 170 50.76 32.88 23.45
CA ASP C 170 49.74 33.50 22.62
C ASP C 170 49.05 32.45 21.76
N ILE C 171 47.78 32.70 21.46
CA ILE C 171 46.96 31.76 20.69
C ILE C 171 46.39 32.48 19.47
N ILE C 172 46.50 31.83 18.31
CA ILE C 172 45.89 32.32 17.08
C ILE C 172 45.08 31.18 16.48
N PRO C 173 44.16 31.49 15.57
CA PRO C 173 43.44 30.40 14.88
C PRO C 173 44.40 29.51 14.10
N TYR C 174 44.05 28.24 14.03
CA TYR C 174 44.75 27.27 13.18
C TYR C 174 44.42 27.55 11.72
N ASN C 175 45.32 27.09 10.84
CA ASN C 175 45.09 27.15 9.39
C ASN C 175 44.81 28.58 8.94
N ASP C 176 45.54 29.54 9.50
CA ASP C 176 45.25 30.97 9.32
C ASP C 176 46.60 31.70 9.18
N LEU C 177 47.07 31.84 7.95
CA LEU C 177 48.33 32.50 7.67
C LEU C 177 48.27 34.01 7.93
N PRO C 178 47.18 34.71 7.59
CA PRO C 178 47.11 36.13 7.99
C PRO C 178 47.19 36.34 9.49
N ALA C 179 46.59 35.47 10.28
CA ALA C 179 46.68 35.61 11.74
C ALA C 179 48.10 35.38 12.23
N LEU C 180 48.82 34.43 11.64
CA LEU C 180 50.21 34.21 12.02
C LEU C 180 51.07 35.41 11.65
N GLU C 181 50.86 35.95 10.45
CA GLU C 181 51.60 37.13 10.02
C GLU C 181 51.34 38.31 10.95
N ARG C 182 50.10 38.47 11.41
CA ARG C 182 49.82 39.52 12.38
C ARG C 182 50.50 39.24 13.71
N ALA C 183 50.48 37.98 14.16
CA ALA C 183 51.05 37.64 15.46
C ALA C 183 52.57 37.83 15.47
N LEU C 184 53.24 37.55 14.35
CA LEU C 184 54.70 37.60 14.32
C LEU C 184 55.24 39.02 14.16
N GLN C 185 54.37 40.04 14.18
CA GLN C 185 54.86 41.41 14.22
C GLN C 185 55.52 41.74 15.55
N ASP C 186 55.18 41.02 16.61
CA ASP C 186 55.78 41.22 17.92
C ASP C 186 57.20 40.65 17.91
N PRO C 187 58.22 41.50 18.05
CA PRO C 187 59.60 40.99 18.06
C PRO C 187 59.92 40.09 19.24
N ASN C 188 59.05 40.04 20.25
CA ASN C 188 59.28 39.19 21.41
C ASN C 188 58.84 37.75 21.18
N VAL C 189 58.23 37.43 20.05
CA VAL C 189 57.87 36.04 19.76
C VAL C 189 59.14 35.26 19.46
N ALA C 190 59.35 34.19 20.22
CA ALA C 190 60.50 33.32 19.98
C ALA C 190 60.18 32.15 19.07
N ALA C 191 58.95 31.65 19.10
CA ALA C 191 58.62 30.44 18.36
C ALA C 191 57.13 30.38 18.09
N PHE C 192 56.79 29.61 17.05
CA PHE C 192 55.42 29.19 16.75
C PHE C 192 55.41 27.67 16.77
N MET C 193 54.63 27.08 17.67
CA MET C 193 54.49 25.64 17.79
C MET C 193 53.15 25.23 17.20
N VAL C 194 53.15 24.20 16.35
CA VAL C 194 51.93 23.83 15.62
C VAL C 194 52.02 22.37 15.21
N GLU C 195 50.87 21.69 15.21
CA GLU C 195 50.70 20.35 14.67
C GLU C 195 50.40 20.44 13.18
N PRO C 196 51.10 19.66 12.34
CA PRO C 196 50.75 19.66 10.90
C PRO C 196 49.33 19.21 10.66
N ILE C 197 48.82 18.33 11.51
CA ILE C 197 47.41 17.96 11.56
C ILE C 197 47.04 17.92 13.03
N GLN C 198 45.96 18.61 13.42
CA GLN C 198 45.54 18.62 14.81
C GLN C 198 44.77 17.34 15.10
N GLY C 199 45.40 16.44 15.85
CA GLY C 199 44.78 15.16 16.16
C GLY C 199 43.68 15.23 17.20
N GLU C 200 44.02 15.73 18.40
CA GLU C 200 43.04 15.74 19.47
CA GLU C 200 43.06 15.78 19.49
C GLU C 200 41.86 16.67 19.16
N ALA C 201 42.05 17.66 18.30
CA ALA C 201 40.96 18.54 17.89
C ALA C 201 39.97 17.85 16.96
N GLY C 202 40.23 16.60 16.55
CA GLY C 202 39.34 15.88 15.67
C GLY C 202 39.88 15.69 14.26
N VAL C 203 41.18 15.48 14.14
CA VAL C 203 41.88 15.30 12.87
C VAL C 203 41.58 16.48 11.96
N VAL C 204 42.01 17.67 12.36
CA VAL C 204 41.77 18.89 11.59
C VAL C 204 42.94 19.07 10.63
N VAL C 205 42.67 18.97 9.34
CA VAL C 205 43.68 19.06 8.29
C VAL C 205 43.69 20.48 7.74
N PRO C 206 44.80 21.21 7.81
CA PRO C 206 44.84 22.56 7.26
C PRO C 206 44.91 22.53 5.73
N ASP C 207 44.66 23.69 5.13
CA ASP C 207 44.61 23.79 3.68
C ASP C 207 46.01 23.58 3.10
N PRO C 208 46.09 23.08 1.86
CA PRO C 208 47.40 22.98 1.19
C PRO C 208 48.09 24.33 1.12
N GLY C 209 49.40 24.33 1.35
CA GLY C 209 50.17 25.55 1.40
C GLY C 209 50.30 26.17 2.78
N TYR C 210 49.53 25.68 3.76
CA TYR C 210 49.61 26.27 5.10
C TYR C 210 50.99 26.13 5.69
N LEU C 211 51.56 24.92 5.63
CA LEU C 211 52.85 24.67 6.25
C LEU C 211 53.97 25.42 5.53
N MET C 212 53.89 25.55 4.21
CA MET C 212 54.87 26.35 3.50
C MET C 212 54.79 27.81 3.90
N GLY C 213 53.56 28.32 4.05
CA GLY C 213 53.40 29.69 4.53
C GLY C 213 53.91 29.88 5.94
N VAL C 214 53.71 28.88 6.80
CA VAL C 214 54.23 28.95 8.16
C VAL C 214 55.75 29.03 8.14
N ARG C 215 56.39 28.12 7.38
CA ARG C 215 57.85 28.15 7.28
C ARG C 215 58.35 29.49 6.75
N GLU C 216 57.70 30.01 5.71
CA GLU C 216 58.13 31.29 5.13
C GLU C 216 57.99 32.42 6.14
N LEU C 217 56.85 32.49 6.84
CA LEU C 217 56.63 33.57 7.80
C LEU C 217 57.59 33.46 8.97
N CYS C 218 57.84 32.25 9.46
CA CYS C 218 58.76 32.08 10.58
C CYS C 218 60.17 32.48 10.20
N THR C 219 60.62 32.12 8.99
CA THR C 219 61.94 32.55 8.55
C THR C 219 62.01 34.07 8.40
N ARG C 220 60.97 34.66 7.79
CA ARG C 220 60.99 36.10 7.54
C ARG C 220 61.13 36.89 8.85
N HIS C 221 60.50 36.44 9.92
CA HIS C 221 60.44 37.19 11.16
C HIS C 221 61.37 36.65 12.24
N GLN C 222 62.31 35.78 11.88
CA GLN C 222 63.26 35.17 12.80
C GLN C 222 62.55 34.55 14.01
N VAL C 223 61.67 33.61 13.69
CA VAL C 223 60.87 32.90 14.69
C VAL C 223 61.08 31.41 14.45
N LEU C 224 61.23 30.65 15.54
CA LEU C 224 61.44 29.21 15.41
C LEU C 224 60.14 28.52 15.03
N PHE C 225 60.21 27.67 14.00
CA PHE C 225 59.09 26.83 13.58
C PHE C 225 59.22 25.50 14.30
N ILE C 226 58.37 25.29 15.30
CA ILE C 226 58.32 24.03 16.05
C ILE C 226 57.16 23.21 15.52
N ALA C 227 57.46 22.04 14.97
CA ALA C 227 56.44 21.12 14.47
C ALA C 227 56.27 19.99 15.45
N ASP C 228 55.06 19.87 16.01
CA ASP C 228 54.71 18.79 16.92
C ASP C 228 54.23 17.62 16.09
N GLU C 229 55.11 16.63 15.87
CA GLU C 229 54.80 15.44 15.08
C GLU C 229 54.63 14.21 15.97
N ILE C 230 54.27 14.40 17.23
CA ILE C 230 54.17 13.28 18.17
C ILE C 230 53.06 12.33 17.75
N GLN C 231 51.97 12.84 17.18
CA GLN C 231 50.90 11.99 16.65
C GLN C 231 50.96 11.80 15.14
N THR C 232 51.39 12.81 14.40
CA THR C 232 51.34 12.78 12.94
C THR C 232 52.59 12.18 12.30
N GLY C 233 53.68 12.07 13.04
CA GLY C 233 54.93 11.59 12.46
C GLY C 233 54.97 10.08 12.32
N LEU C 234 56.11 9.61 11.81
CA LEU C 234 56.45 8.19 11.80
C LEU C 234 55.41 7.35 11.04
N ALA C 235 55.15 7.76 9.80
CA ALA C 235 54.44 7.04 8.75
C ALA C 235 52.91 7.09 8.90
N ARG C 236 52.36 7.57 10.02
CA ARG C 236 50.92 7.52 10.24
C ARG C 236 50.15 8.23 9.13
N THR C 237 50.63 9.39 8.68
CA THR C 237 49.95 10.13 7.61
C THR C 237 50.46 9.79 6.22
N GLY C 238 51.37 8.82 6.09
CA GLY C 238 51.93 8.47 4.80
C GLY C 238 53.31 9.04 4.51
N ARG C 239 53.95 9.67 5.48
CA ARG C 239 55.30 10.20 5.35
C ARG C 239 56.01 10.03 6.68
N TRP C 240 57.35 10.10 6.63
CA TRP C 240 58.12 10.12 7.88
C TRP C 240 57.65 11.23 8.80
N LEU C 241 57.41 12.41 8.23
CA LEU C 241 56.81 13.53 8.94
C LEU C 241 55.68 14.10 8.10
N ALA C 242 54.61 14.53 8.76
CA ALA C 242 53.51 15.13 8.01
C ALA C 242 53.96 16.37 7.25
N VAL C 243 54.92 17.12 7.81
CA VAL C 243 55.45 18.29 7.13
C VAL C 243 56.12 17.93 5.81
N ASP C 244 56.45 16.65 5.60
CA ASP C 244 57.03 16.24 4.33
C ASP C 244 56.05 16.41 3.17
N TYR C 245 54.74 16.46 3.44
CA TYR C 245 53.79 16.64 2.35
C TYR C 245 54.00 17.98 1.66
N GLU C 246 54.54 18.98 2.37
CA GLU C 246 54.85 20.27 1.76
C GLU C 246 56.35 20.53 1.70
N ASN C 247 57.16 19.54 2.08
CA ASN C 247 58.63 19.61 1.98
C ASN C 247 59.18 20.86 2.66
N VAL C 248 58.73 21.09 3.90
CA VAL C 248 59.26 22.18 4.71
C VAL C 248 60.06 21.57 5.86
N ARG C 249 61.11 22.29 6.27
CA ARG C 249 61.98 21.84 7.34
C ARG C 249 61.73 22.69 8.58
N PRO C 250 61.06 22.17 9.61
CA PRO C 250 60.90 22.94 10.84
C PRO C 250 62.24 23.12 11.55
N ASP C 251 62.29 24.13 12.41
CA ASP C 251 63.49 24.37 13.21
C ASP C 251 63.62 23.34 14.32
N ILE C 252 62.50 22.93 14.90
CA ILE C 252 62.46 21.90 15.94
C ILE C 252 61.37 20.91 15.56
N VAL C 253 61.67 19.62 15.68
CA VAL C 253 60.71 18.55 15.42
C VAL C 253 60.52 17.74 16.70
N LEU C 254 59.26 17.54 17.08
CA LEU C 254 58.91 16.74 18.25
C LEU C 254 58.41 15.38 17.80
N LEU C 255 59.03 14.32 18.32
CA LEU C 255 58.62 12.96 18.04
C LEU C 255 58.26 12.23 19.33
N GLY C 256 57.37 11.25 19.22
CA GLY C 256 56.99 10.42 20.35
C GLY C 256 56.24 9.18 19.91
N LYS C 257 55.40 8.67 20.81
CA LYS C 257 54.51 7.55 20.57
C LYS C 257 55.04 6.39 19.74
N ALA C 258 54.84 6.43 18.42
CA ALA C 258 55.25 5.34 17.54
C ALA C 258 56.76 5.14 17.58
N LEU C 259 57.46 6.11 18.19
CA LEU C 259 58.91 6.01 18.36
C LEU C 259 59.31 4.75 19.11
N SER C 260 58.38 4.11 19.80
CA SER C 260 58.68 2.89 20.56
C SER C 260 57.78 1.72 20.20
N GLY C 261 56.89 1.87 19.23
CA GLY C 261 55.91 0.82 18.96
C GLY C 261 55.03 0.48 20.13
N GLY C 262 54.89 1.39 21.10
CA GLY C 262 54.07 1.16 22.26
C GLY C 262 54.69 0.33 23.35
N LEU C 263 55.99 0.04 23.27
CA LEU C 263 56.63 -0.82 24.26
C LEU C 263 57.31 -0.04 25.38
N TYR C 264 57.47 1.27 25.25
CA TYR C 264 58.25 2.06 26.21
C TYR C 264 57.98 3.54 25.97
N PRO C 265 57.82 4.35 27.02
CA PRO C 265 57.65 5.79 26.79
C PRO C 265 58.94 6.44 26.29
N VAL C 266 58.97 6.78 25.00
CA VAL C 266 60.14 7.41 24.38
C VAL C 266 59.67 8.59 23.53
N SER C 267 60.27 9.75 23.75
CA SER C 267 60.03 10.93 22.92
C SER C 267 61.37 11.56 22.56
N ALA C 268 61.35 12.50 21.61
CA ALA C 268 62.59 13.06 21.09
C ALA C 268 62.37 14.48 20.60
N VAL C 269 63.38 15.32 20.80
CA VAL C 269 63.41 16.69 20.29
C VAL C 269 64.58 16.80 19.33
N LEU C 270 64.30 17.13 18.07
CA LEU C 270 65.31 17.22 17.02
C LEU C 270 65.49 18.68 16.60
N CYS C 271 66.74 19.14 16.54
CA CYS C 271 67.05 20.45 15.99
C CYS C 271 68.54 20.52 15.70
N ASP C 272 68.95 21.61 15.05
CA ASP C 272 70.34 21.82 14.68
C ASP C 272 71.11 22.48 15.82
N ASP C 273 72.43 22.60 15.63
CA ASP C 273 73.32 23.01 16.72
C ASP C 273 72.99 24.41 17.24
N ASP C 274 72.63 25.34 16.35
CA ASP C 274 72.40 26.72 16.77
C ASP C 274 71.26 26.83 17.77
N ILE C 275 70.31 25.90 17.75
CA ILE C 275 69.25 25.87 18.73
C ILE C 275 69.60 24.96 19.90
N MET C 276 70.06 23.75 19.60
CA MET C 276 70.26 22.73 20.64
C MET C 276 71.31 23.17 21.65
N LEU C 277 72.40 23.77 21.18
CA LEU C 277 73.52 24.05 22.07
C LEU C 277 73.32 25.34 22.89
N THR C 278 72.12 25.91 22.91
CA THR C 278 71.83 26.96 23.88
C THR C 278 71.57 26.39 25.27
N ILE C 279 71.23 25.11 25.38
CA ILE C 279 71.05 24.46 26.67
C ILE C 279 72.37 23.86 27.10
N LYS C 280 72.88 24.32 28.24
CA LYS C 280 74.16 23.95 28.79
C LYS C 280 74.01 22.80 29.78
N PRO C 281 75.10 22.08 30.08
CA PRO C 281 75.00 20.93 31.00
C PRO C 281 74.41 21.33 32.34
N GLY C 282 73.40 20.56 32.76
CA GLY C 282 72.72 20.78 34.03
C GLY C 282 71.42 21.56 33.93
N GLU C 283 71.00 21.95 32.73
CA GLU C 283 69.85 22.82 32.57
C GLU C 283 68.59 22.09 32.11
N HIS C 284 68.70 20.85 31.66
CA HIS C 284 67.51 20.10 31.27
C HIS C 284 67.82 18.61 31.30
N GLY C 285 66.77 17.83 31.42
CA GLY C 285 66.90 16.38 31.40
C GLY C 285 65.84 15.72 32.25
N SER C 286 65.88 14.40 32.27
CA SER C 286 64.94 13.61 33.04
C SER C 286 65.63 12.33 33.54
N THR C 287 65.07 11.42 34.48
CA THR C 287 65.87 10.32 34.96
C THR C 287 65.89 9.17 33.94
N TYR C 288 64.65 9.03 33.24
CA TYR C 288 64.63 7.89 32.34
C TYR C 288 64.97 8.30 30.90
N GLY C 289 65.16 9.59 30.68
CA GLY C 289 65.47 10.09 29.35
C GLY C 289 66.76 9.52 28.80
N GLY C 290 66.68 8.88 27.63
CA GLY C 290 67.86 8.33 27.00
C GLY C 290 68.39 7.04 27.60
N ASN C 291 67.58 6.34 28.39
CA ASN C 291 68.03 5.08 28.97
C ASN C 291 68.25 4.03 27.87
N PRO C 292 69.12 3.04 28.12
CA PRO C 292 69.47 2.11 27.03
C PRO C 292 68.32 1.25 26.55
N LEU C 293 67.42 0.85 27.44
CA LEU C 293 66.30 0.00 27.04
C LEU C 293 65.37 0.74 26.07
N GLY C 294 64.96 1.95 26.44
CA GLY C 294 64.15 2.75 25.54
C GLY C 294 64.84 3.00 24.21
N CYS C 295 66.16 3.15 24.23
CA CYS C 295 66.89 3.44 22.99
C CYS C 295 66.89 2.23 22.06
N ARG C 296 67.18 1.04 22.60
CA ARG C 296 67.07 -0.17 21.79
C ARG C 296 65.69 -0.31 21.18
N VAL C 297 64.66 -0.08 22.00
CA VAL C 297 63.28 -0.20 21.53
C VAL C 297 63.02 0.80 20.41
N ALA C 298 63.49 2.04 20.56
CA ALA C 298 63.24 3.07 19.56
C ALA C 298 63.96 2.77 18.25
N ILE C 299 65.20 2.29 18.32
CA ILE C 299 65.89 1.88 17.11
C ILE C 299 65.09 0.81 16.37
N ALA C 300 64.62 -0.21 17.10
CA ALA C 300 63.85 -1.27 16.45
C ALA C 300 62.54 -0.75 15.84
N ALA C 301 61.87 0.18 16.55
CA ALA C 301 60.60 0.69 16.04
C ALA C 301 60.79 1.51 14.77
N LEU C 302 61.80 2.38 14.75
CA LEU C 302 62.10 3.12 13.52
C LEU C 302 62.49 2.18 12.39
N GLU C 303 63.27 1.14 12.69
CA GLU C 303 63.67 0.20 11.66
C GLU C 303 62.47 -0.54 11.09
N VAL C 304 61.51 -0.90 11.95
CA VAL C 304 60.28 -1.53 11.47
C VAL C 304 59.54 -0.60 10.52
N LEU C 305 59.39 0.67 10.91
CA LEU C 305 58.74 1.64 10.03
C LEU C 305 59.41 1.70 8.67
N GLU C 306 60.75 1.70 8.65
CA GLU C 306 61.45 1.82 7.37
C GLU C 306 61.35 0.54 6.53
N GLU C 307 61.59 -0.61 7.15
CA GLU C 307 61.77 -1.85 6.40
C GLU C 307 60.45 -2.37 5.83
N GLU C 308 59.35 -2.18 6.54
CA GLU C 308 58.05 -2.62 6.05
C GLU C 308 57.34 -1.55 5.21
N ASN C 309 58.00 -0.43 4.95
CA ASN C 309 57.47 0.65 4.12
C ASN C 309 56.03 1.02 4.53
N LEU C 310 55.85 1.24 5.83
CA LEU C 310 54.52 1.48 6.35
C LEU C 310 53.96 2.83 5.92
N ALA C 311 54.81 3.80 5.58
CA ALA C 311 54.31 5.09 5.10
C ALA C 311 53.59 4.93 3.77
N GLU C 312 54.16 4.16 2.85
CA GLU C 312 53.50 3.92 1.57
C GLU C 312 52.18 3.19 1.75
N ASN C 313 52.14 2.21 2.66
CA ASN C 313 50.90 1.49 2.91
C ASN C 313 49.83 2.41 3.49
N ALA C 314 50.21 3.25 4.46
CA ALA C 314 49.27 4.19 5.05
C ALA C 314 48.73 5.14 3.99
N ASP C 315 49.61 5.65 3.12
CA ASP C 315 49.16 6.53 2.05
C ASP C 315 48.17 5.83 1.13
N LYS C 316 48.49 4.60 0.70
CA LYS C 316 47.63 3.90 -0.25
C LYS C 316 46.29 3.53 0.37
N LEU C 317 46.29 3.04 1.62
CA LEU C 317 45.05 2.54 2.20
C LEU C 317 44.18 3.65 2.79
N GLY C 318 44.78 4.77 3.19
CA GLY C 318 43.98 5.85 3.75
C GLY C 318 43.03 6.45 2.73
N ILE C 319 43.46 6.56 1.48
CA ILE C 319 42.57 7.09 0.45
C ILE C 319 41.44 6.12 0.17
N ILE C 320 41.69 4.81 0.27
CA ILE C 320 40.62 3.83 0.15
C ILE C 320 39.62 4.01 1.28
N LEU C 321 40.13 4.13 2.51
CA LEU C 321 39.25 4.32 3.66
C LEU C 321 38.40 5.57 3.52
N ARG C 322 39.01 6.69 3.12
CA ARG C 322 38.26 7.94 3.00
C ARG C 322 37.25 7.88 1.86
N ASN C 323 37.64 7.31 0.71
CA ASN C 323 36.71 7.20 -0.41
C ASN C 323 35.52 6.33 -0.03
N GLU C 324 35.74 5.26 0.74
CA GLU C 324 34.62 4.42 1.15
C GLU C 324 33.74 5.13 2.16
N LEU C 325 34.35 5.80 3.14
CA LEU C 325 33.57 6.52 4.14
C LEU C 325 32.75 7.65 3.52
N MET C 326 33.23 8.22 2.41
CA MET C 326 32.48 9.29 1.78
C MET C 326 31.23 8.82 1.05
N LYS C 327 31.06 7.51 0.87
CA LYS C 327 29.85 7.00 0.24
C LYS C 327 28.67 6.91 1.20
N LEU C 328 28.90 7.09 2.50
CA LEU C 328 27.81 7.07 3.47
C LEU C 328 26.94 8.32 3.27
N PRO C 329 25.63 8.19 3.50
CA PRO C 329 24.73 9.31 3.22
C PRO C 329 25.02 10.52 4.11
N SER C 330 24.70 11.71 3.58
CA SER C 330 25.07 12.95 4.27
C SER C 330 24.20 13.21 5.50
N ASP C 331 23.06 12.55 5.63
CA ASP C 331 22.21 12.74 6.80
C ASP C 331 22.73 12.00 8.02
N VAL C 332 23.77 11.17 7.88
CA VAL C 332 24.36 10.44 8.99
C VAL C 332 25.83 10.80 9.18
N VAL C 333 26.59 10.92 8.10
CA VAL C 333 27.99 11.32 8.14
C VAL C 333 28.13 12.61 7.36
N THR C 334 28.50 13.69 8.05
CA THR C 334 28.55 15.01 7.44
C THR C 334 29.93 15.40 6.93
N ALA C 335 30.99 14.78 7.44
CA ALA C 335 32.33 15.11 6.99
C ALA C 335 33.24 13.89 7.11
N VAL C 336 34.16 13.78 6.15
CA VAL C 336 35.25 12.81 6.17
C VAL C 336 36.54 13.56 5.95
N ARG C 337 37.55 13.29 6.77
CA ARG C 337 38.82 14.00 6.61
C ARG C 337 39.97 13.15 7.14
N GLY C 338 41.17 13.47 6.68
CA GLY C 338 42.36 12.83 7.18
C GLY C 338 43.46 12.82 6.13
N LYS C 339 44.61 12.28 6.54
CA LYS C 339 45.75 12.03 5.67
C LYS C 339 46.36 10.69 6.08
N GLY C 340 46.82 9.93 5.09
CA GLY C 340 47.32 8.59 5.38
C GLY C 340 46.27 7.81 6.13
N LEU C 341 46.68 7.14 7.21
CA LEU C 341 45.76 6.38 8.04
C LEU C 341 45.39 7.11 9.33
N LEU C 342 45.45 8.44 9.32
CA LEU C 342 44.91 9.27 10.40
C LEU C 342 43.66 9.92 9.84
N ASN C 343 42.49 9.41 10.22
CA ASN C 343 41.23 9.84 9.64
C ASN C 343 40.18 10.00 10.72
N ALA C 344 39.14 10.76 10.39
CA ALA C 344 38.00 10.93 11.27
C ALA C 344 36.76 11.20 10.45
N ILE C 345 35.61 10.84 11.02
CA ILE C 345 34.32 11.21 10.43
C ILE C 345 33.58 12.09 11.42
N VAL C 346 32.74 12.97 10.88
CA VAL C 346 31.82 13.78 11.68
C VAL C 346 30.41 13.29 11.36
N ILE C 347 29.69 12.90 12.39
CA ILE C 347 28.33 12.41 12.22
C ILE C 347 27.35 13.53 12.53
N LYS C 348 26.13 13.39 12.01
CA LYS C 348 25.08 14.39 12.23
C LYS C 348 24.43 14.10 13.58
N GLU C 349 25.10 14.54 14.64
CA GLU C 349 24.68 14.28 16.01
C GLU C 349 23.27 14.79 16.29
N THR C 350 22.34 13.88 16.55
CA THR C 350 21.04 14.25 17.09
C THR C 350 21.11 14.22 18.62
N LYS C 351 20.01 14.61 19.26
CA LYS C 351 19.94 14.44 20.71
C LYS C 351 19.78 12.99 21.11
N ASP C 352 19.25 12.15 20.23
CA ASP C 352 19.01 10.75 20.50
C ASP C 352 20.14 9.85 20.00
N TRP C 353 21.16 10.41 19.35
CA TRP C 353 22.14 9.60 18.63
C TRP C 353 23.42 10.40 18.47
N ASP C 354 24.54 9.82 18.90
CA ASP C 354 25.81 10.54 18.93
C ASP C 354 26.96 9.58 18.70
N ALA C 355 28.18 10.12 18.77
CA ALA C 355 29.37 9.34 18.47
C ALA C 355 29.61 8.24 19.49
N TRP C 356 29.24 8.46 20.76
CA TRP C 356 29.44 7.44 21.77
C TRP C 356 28.63 6.19 21.48
N LYS C 357 27.37 6.36 21.08
CA LYS C 357 26.54 5.20 20.79
C LYS C 357 27.02 4.49 19.53
N VAL C 358 27.47 5.25 18.54
CA VAL C 358 28.06 4.65 17.35
C VAL C 358 29.27 3.80 17.73
N CYS C 359 30.10 4.29 18.65
CA CYS C 359 31.29 3.54 19.01
C CYS C 359 30.96 2.33 19.89
N LEU C 360 29.94 2.44 20.74
CA LEU C 360 29.47 1.26 21.48
C LEU C 360 29.01 0.17 20.51
N ARG C 361 28.24 0.55 19.49
CA ARG C 361 27.79 -0.45 18.52
C ARG C 361 28.93 -0.95 17.65
N LEU C 362 29.92 -0.10 17.37
CA LEU C 362 31.13 -0.54 16.66
C LEU C 362 31.86 -1.61 17.46
N ARG C 363 32.05 -1.35 18.75
CA ARG C 363 32.59 -2.36 19.66
C ARG C 363 31.80 -3.65 19.59
N ASP C 364 30.45 -3.53 19.62
CA ASP C 364 29.62 -4.72 19.54
C ASP C 364 29.85 -5.50 18.25
N ASN C 365 30.18 -4.80 17.16
CA ASN C 365 30.41 -5.45 15.87
C ASN C 365 31.89 -5.72 15.60
N GLY C 366 32.74 -5.59 16.61
CA GLY C 366 34.12 -6.06 16.51
C GLY C 366 35.15 -5.05 16.07
N LEU C 367 34.90 -3.75 16.25
CA LEU C 367 35.86 -2.72 15.88
C LEU C 367 35.88 -1.66 16.96
N LEU C 368 37.09 -1.26 17.37
CA LEU C 368 37.27 -0.33 18.48
C LEU C 368 37.74 1.02 17.96
N ALA C 369 36.94 2.05 18.21
CA ALA C 369 37.29 3.43 17.93
C ALA C 369 36.74 4.29 19.06
N LYS C 370 37.28 5.49 19.21
CA LYS C 370 36.73 6.28 20.29
C LYS C 370 36.33 7.67 19.81
N PRO C 371 35.27 8.22 20.39
CA PRO C 371 34.77 9.52 19.95
C PRO C 371 35.57 10.66 20.54
N THR C 372 35.68 11.73 19.77
CA THR C 372 36.09 13.03 20.26
C THR C 372 34.84 13.92 20.26
N HIS C 373 34.57 14.55 21.39
CA HIS C 373 33.37 15.38 21.57
C HIS C 373 32.16 14.44 21.39
N GLY C 374 31.09 14.90 20.74
CA GLY C 374 29.92 14.07 20.57
C GLY C 374 29.58 13.76 19.12
N ASP C 375 30.39 14.27 18.18
CA ASP C 375 30.11 14.07 16.77
C ASP C 375 31.31 13.64 15.93
N ILE C 376 32.49 13.45 16.54
CA ILE C 376 33.69 13.07 15.81
C ILE C 376 34.10 11.66 16.23
N ILE C 377 34.43 10.83 15.26
CA ILE C 377 34.96 9.49 15.51
C ILE C 377 36.24 9.34 14.72
N ARG C 378 37.33 8.99 15.40
CA ARG C 378 38.59 8.75 14.73
C ARG C 378 38.66 7.33 14.20
N PHE C 379 39.22 7.18 12.99
CA PHE C 379 39.54 5.87 12.43
C PHE C 379 41.02 5.86 12.09
N ALA C 380 41.79 5.09 12.86
CA ALA C 380 43.25 5.07 12.73
C ALA C 380 43.76 3.69 13.11
N PRO C 381 43.67 2.73 12.20
CA PRO C 381 44.17 1.38 12.49
C PRO C 381 45.68 1.34 12.35
N PRO C 382 46.33 0.32 12.90
CA PRO C 382 47.79 0.20 12.73
C PRO C 382 48.17 0.12 11.26
N LEU C 383 49.35 0.66 10.96
CA LEU C 383 49.80 0.79 9.58
C LEU C 383 50.19 -0.55 8.95
N VAL C 384 50.23 -1.63 9.73
CA VAL C 384 50.50 -2.96 9.16
C VAL C 384 49.24 -3.61 8.60
N ILE C 385 48.10 -2.93 8.66
CA ILE C 385 46.87 -3.51 8.16
C ILE C 385 46.96 -3.72 6.65
N LYS C 386 46.33 -4.78 6.17
CA LYS C 386 46.28 -5.09 4.75
C LYS C 386 44.95 -4.62 4.16
N GLU C 387 44.88 -4.61 2.82
CA GLU C 387 43.70 -4.07 2.16
C GLU C 387 42.46 -4.91 2.42
N ASP C 388 42.60 -6.24 2.42
CA ASP C 388 41.43 -7.08 2.70
C ASP C 388 40.93 -6.88 4.13
N GLU C 389 41.86 -6.76 5.08
CA GLU C 389 41.47 -6.45 6.46
C GLU C 389 40.82 -5.07 6.55
N LEU C 390 41.34 -4.10 5.81
CA LEU C 390 40.75 -2.77 5.82
C LEU C 390 39.33 -2.80 5.27
N ARG C 391 39.10 -3.58 4.21
CA ARG C 391 37.75 -3.63 3.63
C ARG C 391 36.78 -4.40 4.52
N GLU C 392 37.27 -5.42 5.24
CA GLU C 392 36.41 -6.04 6.25
C GLU C 392 36.03 -5.02 7.34
N SER C 393 37.01 -4.22 7.79
CA SER C 393 36.72 -3.18 8.76
C SER C 393 35.71 -2.17 8.21
N ILE C 394 35.85 -1.81 6.94
CA ILE C 394 34.94 -0.85 6.31
C ILE C 394 33.53 -1.43 6.24
N GLU C 395 33.41 -2.74 5.98
CA GLU C 395 32.10 -3.37 6.05
C GLU C 395 31.51 -3.27 7.44
N ILE C 396 32.32 -3.48 8.48
CA ILE C 396 31.85 -3.33 9.85
C ILE C 396 31.34 -1.91 10.08
N ILE C 397 32.12 -0.92 9.63
CA ILE C 397 31.74 0.47 9.84
C ILE C 397 30.45 0.81 9.12
N ASN C 398 30.33 0.37 7.86
CA ASN C 398 29.10 0.60 7.09
C ASN C 398 27.89 0.00 7.79
N LYS C 399 27.98 -1.28 8.16
CA LYS C 399 26.84 -1.93 8.79
C LYS C 399 26.46 -1.25 10.09
N THR C 400 27.46 -0.89 10.91
CA THR C 400 27.17 -0.23 12.17
C THR C 400 26.51 1.13 11.96
N ILE C 401 27.06 1.93 11.05
CA ILE C 401 26.55 3.27 10.82
C ILE C 401 25.13 3.22 10.28
N LEU C 402 24.89 2.38 9.28
CA LEU C 402 23.58 2.32 8.66
C LEU C 402 22.55 1.56 9.49
N SER C 403 22.95 0.92 10.57
CA SER C 403 22.02 0.16 11.41
C SER C 403 21.23 1.04 12.37
N PHE C 404 21.50 2.34 12.43
CA PHE C 404 20.76 3.24 13.29
C PHE C 404 19.52 3.78 12.60
N GLY D 1 86.58 -4.15 16.24
CA GLY D 1 86.34 -4.05 17.66
C GLY D 1 85.18 -3.14 18.01
N PRO D 2 84.53 -3.42 19.14
CA PRO D 2 83.38 -2.59 19.57
C PRO D 2 83.84 -1.21 19.99
N PRO D 3 82.91 -0.26 20.16
CA PRO D 3 83.30 1.08 20.61
C PRO D 3 83.98 1.04 21.97
N THR D 4 84.99 1.88 22.13
CA THR D 4 85.63 2.09 23.42
C THR D 4 84.82 3.11 24.22
N SER D 5 85.30 3.43 25.43
CA SER D 5 84.63 4.45 26.22
C SER D 5 84.73 5.83 25.57
N ASP D 6 85.91 6.18 25.08
CA ASP D 6 86.09 7.48 24.43
C ASP D 6 85.28 7.57 23.15
N ASP D 7 85.14 6.45 22.42
CA ASP D 7 84.27 6.42 21.26
C ASP D 7 82.84 6.78 21.64
N ILE D 8 82.35 6.19 22.74
CA ILE D 8 80.99 6.44 23.18
C ILE D 8 80.82 7.89 23.60
N PHE D 9 81.79 8.42 24.36
CA PHE D 9 81.75 9.82 24.76
C PHE D 9 81.65 10.74 23.56
N GLU D 10 82.54 10.54 22.57
CA GLU D 10 82.59 11.43 21.41
C GLU D 10 81.34 11.30 20.55
N ARG D 11 80.82 10.07 20.39
CA ARG D 11 79.59 9.90 19.61
C ARG D 11 78.43 10.65 20.25
N GLU D 12 78.26 10.52 21.56
CA GLU D 12 77.21 11.28 22.22
C GLU D 12 77.44 12.78 22.10
N TYR D 13 78.70 13.22 22.20
CA TYR D 13 78.99 14.64 22.04
C TYR D 13 78.62 15.14 20.66
N LYS D 14 78.77 14.30 19.63
CA LYS D 14 78.49 14.76 18.28
C LYS D 14 76.99 14.77 17.98
N TYR D 15 76.26 13.76 18.43
CA TYR D 15 74.88 13.60 17.98
C TYR D 15 73.82 13.88 19.03
N GLY D 16 74.20 14.15 20.28
CA GLY D 16 73.25 14.37 21.34
C GLY D 16 73.37 15.76 21.93
N ALA D 17 72.25 16.25 22.48
CA ALA D 17 72.26 17.51 23.19
C ALA D 17 73.25 17.44 24.36
N HIS D 18 73.84 18.58 24.69
CA HIS D 18 74.84 18.66 25.76
C HIS D 18 74.19 19.09 27.09
N ASN D 19 73.08 18.47 27.46
CA ASN D 19 72.37 18.84 28.67
C ASN D 19 72.92 18.14 29.92
N TYR D 20 73.93 17.29 29.78
CA TYR D 20 74.55 16.61 30.91
C TYR D 20 76.06 16.66 30.79
N HIS D 21 76.73 16.58 31.95
CA HIS D 21 78.18 16.42 32.03
C HIS D 21 78.44 15.20 32.91
N PRO D 22 78.27 14.00 32.37
CA PRO D 22 78.31 12.80 33.20
C PRO D 22 79.73 12.46 33.63
N LEU D 23 79.82 11.52 34.57
CA LEU D 23 81.11 11.01 34.98
C LEU D 23 81.70 10.18 33.84
N PRO D 24 82.97 10.39 33.49
CA PRO D 24 83.56 9.65 32.36
C PRO D 24 83.65 8.14 32.58
N VAL D 25 82.56 7.44 32.30
CA VAL D 25 82.55 5.98 32.32
C VAL D 25 81.37 5.50 31.47
N ALA D 26 81.62 4.47 30.67
CA ALA D 26 80.66 4.00 29.66
C ALA D 26 80.16 2.62 30.08
N LEU D 27 78.98 2.57 30.70
CA LEU D 27 78.45 1.34 31.25
C LEU D 27 77.69 0.54 30.19
N GLU D 28 77.87 -0.78 30.22
CA GLU D 28 77.22 -1.68 29.29
C GLU D 28 76.39 -2.76 29.95
N ARG D 29 76.67 -3.10 31.21
CA ARG D 29 75.98 -4.20 31.88
CA ARG D 29 75.97 -4.20 31.88
C ARG D 29 75.73 -3.84 33.33
N GLY D 30 74.60 -4.30 33.86
CA GLY D 30 74.23 -4.09 35.24
C GLY D 30 73.55 -5.30 35.84
N LYS D 31 73.95 -5.68 37.05
CA LYS D 31 73.39 -6.85 37.70
C LYS D 31 73.49 -6.65 39.21
N GLY D 32 72.35 -6.54 39.87
CA GLY D 32 72.35 -6.38 41.32
C GLY D 32 73.03 -5.08 41.71
N ILE D 33 74.08 -5.19 42.53
CA ILE D 33 74.79 -4.01 43.00
C ILE D 33 75.93 -3.59 42.08
N TYR D 34 76.16 -4.31 40.99
CA TYR D 34 77.35 -4.11 40.17
C TYR D 34 77.02 -3.55 38.80
N LEU D 35 77.95 -2.76 38.27
CA LEU D 35 77.92 -2.27 36.90
C LEU D 35 79.23 -2.61 36.22
N TRP D 36 79.16 -2.91 34.92
CA TRP D 36 80.33 -3.18 34.10
C TRP D 36 80.40 -2.19 32.96
N ASP D 37 81.60 -1.67 32.69
CA ASP D 37 81.77 -0.79 31.55
C ASP D 37 82.17 -1.60 30.32
N VAL D 38 82.28 -0.92 29.17
CA VAL D 38 82.49 -1.62 27.91
C VAL D 38 83.85 -2.31 27.86
N GLU D 39 84.81 -1.88 28.68
CA GLU D 39 86.10 -2.57 28.75
C GLU D 39 86.04 -3.82 29.61
N GLY D 40 84.96 -4.03 30.36
CA GLY D 40 84.84 -5.17 31.24
C GLY D 40 85.16 -4.91 32.70
N ARG D 41 85.38 -3.67 33.08
CA ARG D 41 85.68 -3.35 34.48
C ARG D 41 84.40 -3.32 35.31
N LYS D 42 84.50 -3.82 36.54
CA LYS D 42 83.37 -3.94 37.43
C LYS D 42 83.38 -2.82 38.46
N TYR D 43 82.20 -2.29 38.78
CA TYR D 43 82.07 -1.20 39.73
C TYR D 43 80.94 -1.50 40.71
N PHE D 44 81.14 -1.08 41.97
CA PHE D 44 80.02 -0.92 42.88
C PHE D 44 79.20 0.29 42.45
N ASP D 45 77.89 0.11 42.33
CA ASP D 45 76.99 1.22 42.04
C ASP D 45 76.54 1.83 43.37
N PHE D 46 77.01 3.03 43.66
CA PHE D 46 76.63 3.74 44.87
C PHE D 46 75.74 4.94 44.59
N LEU D 47 75.09 4.96 43.43
CA LEU D 47 74.06 5.94 43.11
C LEU D 47 72.68 5.32 42.91
N SER D 48 72.62 4.08 42.42
CA SER D 48 71.37 3.35 42.25
C SER D 48 70.41 4.07 41.32
N SER D 49 70.95 4.84 40.37
CA SER D 49 70.15 5.63 39.45
C SER D 49 69.15 6.50 40.20
N TYR D 50 69.62 7.13 41.27
CA TYR D 50 68.80 7.98 42.13
C TYR D 50 67.65 7.21 42.75
N SER D 51 67.93 5.97 43.15
CA SER D 51 67.03 5.03 43.84
C SER D 51 66.08 4.32 42.87
N ALA D 52 66.24 4.50 41.56
CA ALA D 52 65.39 3.75 40.63
C ALA D 52 65.67 2.26 40.68
N VAL D 53 66.91 1.86 40.99
CA VAL D 53 67.22 0.44 41.10
C VAL D 53 67.52 0.08 42.55
N ASN D 54 66.59 0.47 43.45
CA ASN D 54 66.65 0.02 44.84
C ASN D 54 66.77 -1.50 44.92
N GLN D 55 66.09 -2.20 44.01
CA GLN D 55 66.06 -3.66 44.00
C GLN D 55 67.28 -4.27 43.31
N GLY D 56 68.26 -3.47 42.94
CA GLY D 56 69.37 -3.93 42.14
C GLY D 56 69.09 -3.84 40.65
N HIS D 57 70.15 -3.84 39.86
CA HIS D 57 70.00 -3.79 38.42
C HIS D 57 69.43 -5.11 37.92
N CYS D 58 68.44 -5.01 37.02
CA CYS D 58 67.88 -6.15 36.30
C CYS D 58 67.48 -7.28 37.25
N HIS D 59 66.70 -6.94 38.27
CA HIS D 59 66.27 -7.94 39.23
C HIS D 59 65.46 -9.01 38.50
N PRO D 60 65.80 -10.29 38.65
CA PRO D 60 65.19 -11.33 37.80
C PRO D 60 63.68 -11.38 37.87
N LYS D 61 63.07 -11.10 39.03
CA LYS D 61 61.62 -11.17 39.12
C LYS D 61 60.96 -10.05 38.32
N ILE D 62 61.51 -8.84 38.39
CA ILE D 62 60.97 -7.73 37.62
C ILE D 62 61.22 -7.93 36.14
N VAL D 63 62.42 -8.40 35.78
CA VAL D 63 62.73 -8.72 34.39
C VAL D 63 61.75 -9.74 33.85
N ASN D 64 61.43 -10.76 34.65
CA ASN D 64 60.54 -11.81 34.18
C ASN D 64 59.11 -11.30 34.05
N ALA D 65 58.68 -10.43 34.96
CA ALA D 65 57.37 -9.78 34.79
C ALA D 65 57.30 -9.02 33.47
N LEU D 66 58.35 -8.26 33.16
CA LEU D 66 58.39 -7.51 31.91
C LEU D 66 58.31 -8.46 30.72
N LYS D 67 59.21 -9.46 30.67
CA LYS D 67 59.25 -10.39 29.54
C LYS D 67 57.92 -11.13 29.39
N SER D 68 57.27 -11.46 30.50
CA SER D 68 55.99 -12.15 30.43
C SER D 68 54.93 -11.25 29.82
N GLN D 69 54.91 -9.97 30.20
CA GLN D 69 53.82 -9.13 29.73
C GLN D 69 54.02 -8.60 28.31
N VAL D 70 55.26 -8.43 27.84
CA VAL D 70 55.47 -7.85 26.50
CA VAL D 70 55.47 -7.85 26.50
C VAL D 70 54.84 -8.71 25.42
N ASP D 71 54.78 -10.03 25.65
CA ASP D 71 54.23 -10.93 24.63
C ASP D 71 52.70 -10.90 24.59
N LYS D 72 52.05 -10.35 25.62
CA LYS D 72 50.59 -10.28 25.67
C LYS D 72 50.05 -8.95 25.17
N LEU D 73 50.45 -7.84 25.82
CA LEU D 73 49.85 -6.53 25.59
C LEU D 73 50.65 -5.45 26.30
N THR D 74 51.00 -4.37 25.59
CA THR D 74 51.80 -3.31 26.21
C THR D 74 51.09 -1.97 26.29
N LEU D 75 50.20 -1.63 25.36
CA LEU D 75 49.59 -0.31 25.39
C LEU D 75 48.29 -0.32 24.59
N THR D 76 47.18 -0.06 25.27
CA THR D 76 45.90 0.20 24.61
C THR D 76 45.52 1.67 24.61
N SER D 77 46.24 2.49 25.38
CA SER D 77 45.84 3.83 25.79
C SER D 77 44.65 3.73 26.75
N ARG D 78 44.38 4.80 27.47
CA ARG D 78 43.29 4.81 28.44
C ARG D 78 41.93 5.02 27.79
N ALA D 79 41.89 5.09 26.46
CA ALA D 79 40.63 5.07 25.74
C ALA D 79 39.86 3.77 25.98
N PHE D 80 40.57 2.70 26.31
CA PHE D 80 39.97 1.43 26.67
C PHE D 80 40.54 0.96 28.00
N TYR D 81 39.91 -0.06 28.58
CA TYR D 81 40.45 -0.71 29.77
C TYR D 81 41.42 -1.81 29.36
N ASN D 82 42.49 -1.96 30.15
CA ASN D 82 43.30 -3.17 30.10
C ASN D 82 43.10 -3.93 31.40
N ASN D 83 43.44 -5.21 31.37
CA ASN D 83 43.13 -6.08 32.51
C ASN D 83 44.11 -5.97 33.66
N VAL D 84 45.22 -5.26 33.49
CA VAL D 84 46.27 -5.23 34.51
C VAL D 84 46.11 -4.05 35.47
N LEU D 85 45.68 -2.90 34.95
CA LEU D 85 45.75 -1.66 35.73
C LEU D 85 45.02 -1.79 37.06
N GLY D 86 43.82 -2.35 37.05
CA GLY D 86 43.04 -2.43 38.28
C GLY D 86 43.70 -3.29 39.35
N GLU D 87 44.35 -4.38 38.92
CA GLU D 87 45.08 -5.23 39.87
C GLU D 87 46.18 -4.43 40.56
N TYR D 88 46.98 -3.70 39.76
CA TYR D 88 48.03 -2.86 40.33
C TYR D 88 47.47 -1.78 41.24
N GLU D 89 46.36 -1.15 40.84
CA GLU D 89 45.77 -0.09 41.64
C GLU D 89 45.32 -0.61 43.00
N GLU D 90 44.60 -1.73 43.01
CA GLU D 90 44.20 -2.33 44.27
C GLU D 90 45.41 -2.67 45.13
N TYR D 91 46.43 -3.29 44.52
CA TYR D 91 47.62 -3.67 45.26
C TYR D 91 48.28 -2.46 45.93
N ILE D 92 48.56 -1.42 45.15
CA ILE D 92 49.36 -0.31 45.69
C ILE D 92 48.55 0.54 46.66
N THR D 93 47.25 0.74 46.38
CA THR D 93 46.43 1.51 47.31
C THR D 93 46.28 0.79 48.64
N LYS D 94 46.09 -0.54 48.61
CA LYS D 94 46.02 -1.27 49.87
C LYS D 94 47.37 -1.30 50.58
N LEU D 95 48.47 -1.30 49.82
CA LEU D 95 49.79 -1.30 50.43
C LEU D 95 50.05 -0.03 51.21
N PHE D 96 49.75 1.13 50.61
CA PHE D 96 50.04 2.40 51.27
C PHE D 96 48.84 3.00 52.00
N ASN D 97 47.69 2.31 52.01
CA ASN D 97 46.52 2.71 52.78
C ASN D 97 45.95 4.07 52.34
N TYR D 98 45.78 4.21 51.03
CA TYR D 98 45.04 5.33 50.45
C TYR D 98 43.90 4.79 49.61
N HIS D 99 42.88 5.63 49.40
CA HIS D 99 41.72 5.22 48.63
C HIS D 99 42.10 4.88 47.19
N LYS D 100 42.83 5.78 46.53
CA LYS D 100 43.00 5.71 45.09
C LYS D 100 44.42 6.11 44.70
N VAL D 101 44.78 5.69 43.49
CA VAL D 101 46.06 6.05 42.87
C VAL D 101 45.77 6.56 41.47
N LEU D 102 46.53 7.57 41.05
CA LEU D 102 46.53 8.03 39.67
C LEU D 102 47.89 7.73 39.06
N PRO D 103 47.96 6.87 38.04
CA PRO D 103 49.26 6.49 37.48
C PRO D 103 49.78 7.47 36.44
N MET D 104 51.07 7.73 36.53
CA MET D 104 51.78 8.54 35.53
C MET D 104 53.08 7.80 35.20
N ASN D 105 53.97 8.46 34.46
CA ASN D 105 55.19 7.84 33.99
C ASN D 105 56.44 8.34 34.69
N THR D 106 56.63 9.65 34.76
CA THR D 106 57.85 10.23 35.31
C THR D 106 57.54 10.93 36.63
N GLY D 107 58.59 11.17 37.40
CA GLY D 107 58.42 11.85 38.68
C GLY D 107 57.83 13.23 38.53
N VAL D 108 58.33 14.00 37.55
CA VAL D 108 57.83 15.36 37.37
C VAL D 108 56.37 15.35 36.96
N GLU D 109 55.93 14.32 36.22
CA GLU D 109 54.52 14.20 35.90
C GLU D 109 53.68 13.97 37.16
N ALA D 110 54.19 13.18 38.09
CA ALA D 110 53.50 13.01 39.37
C ALA D 110 53.41 14.32 40.12
N GLY D 111 54.50 15.10 40.14
CA GLY D 111 54.46 16.39 40.81
C GLY D 111 53.46 17.35 40.18
N GLU D 112 53.44 17.41 38.84
CA GLU D 112 52.47 18.27 38.15
C GLU D 112 51.05 17.83 38.42
N THR D 113 50.80 16.52 38.42
CA THR D 113 49.49 16.00 38.77
C THR D 113 49.09 16.44 40.18
N ALA D 114 50.03 16.37 41.13
CA ALA D 114 49.73 16.79 42.49
C ALA D 114 49.39 18.27 42.55
N CYS D 115 50.11 19.10 41.79
CA CYS D 115 49.80 20.52 41.77
C CYS D 115 48.42 20.79 41.18
N LYS D 116 48.06 20.08 40.10
CA LYS D 116 46.74 20.24 39.50
C LYS D 116 45.64 19.80 40.45
N LEU D 117 45.84 18.66 41.12
CA LEU D 117 44.89 18.20 42.14
C LEU D 117 44.73 19.24 43.24
N ALA D 118 45.85 19.77 43.74
CA ALA D 118 45.80 20.74 44.81
C ALA D 118 45.01 21.98 44.40
N ARG D 119 45.27 22.48 43.19
CA ARG D 119 44.56 23.67 42.71
C ARG D 119 43.06 23.39 42.54
N LYS D 120 42.72 22.28 41.87
CA LYS D 120 41.32 21.97 41.64
C LYS D 120 40.57 21.76 42.96
N TRP D 121 41.23 21.12 43.93
CA TRP D 121 40.63 20.96 45.25
C TRP D 121 40.50 22.29 45.97
N GLY D 122 41.49 23.18 45.80
CA GLY D 122 41.39 24.49 46.43
C GLY D 122 40.22 25.29 45.89
N TYR D 123 39.98 25.22 44.58
CA TYR D 123 38.87 25.96 43.99
C TYR D 123 37.54 25.32 44.32
N THR D 124 37.42 24.00 44.15
CA THR D 124 36.12 23.34 44.22
C THR D 124 35.74 22.89 45.63
N VAL D 125 36.69 22.65 46.52
CA VAL D 125 36.41 22.21 47.89
C VAL D 125 36.72 23.31 48.90
N LYS D 126 37.94 23.83 48.89
CA LYS D 126 38.29 24.86 49.87
C LYS D 126 37.57 26.17 49.59
N GLY D 127 37.18 26.42 48.34
CA GLY D 127 36.45 27.63 48.00
C GLY D 127 37.30 28.81 47.60
N ILE D 128 38.56 28.59 47.22
CA ILE D 128 39.41 29.68 46.76
C ILE D 128 38.85 30.22 45.45
N GLN D 129 38.93 31.54 45.28
CA GLN D 129 38.49 32.16 44.04
C GLN D 129 39.48 31.86 42.92
N LYS D 130 38.95 31.52 41.75
CA LYS D 130 39.80 31.31 40.58
C LYS D 130 40.28 32.64 40.03
N TYR D 131 41.59 32.77 39.80
CA TYR D 131 42.56 31.71 40.02
C TYR D 131 43.62 32.13 41.03
N LYS D 132 43.26 32.18 42.31
CA LYS D 132 44.10 32.75 43.35
C LYS D 132 44.81 31.70 44.20
N ALA D 133 44.69 30.41 43.85
CA ALA D 133 45.29 29.37 44.67
C ALA D 133 46.81 29.42 44.61
N LYS D 134 47.43 29.18 45.76
CA LYS D 134 48.89 29.15 45.85
C LYS D 134 49.35 27.80 46.37
N ILE D 135 50.55 27.41 45.94
CA ILE D 135 51.21 26.20 46.43
C ILE D 135 52.56 26.63 46.99
N VAL D 136 52.88 26.13 48.18
CA VAL D 136 54.10 26.50 48.88
C VAL D 136 55.12 25.38 48.69
N PHE D 137 56.38 25.76 48.45
CA PHE D 137 57.47 24.82 48.30
C PHE D 137 58.59 25.20 49.25
N ALA D 138 59.48 24.25 49.52
CA ALA D 138 60.64 24.49 50.36
C ALA D 138 61.85 24.83 49.50
N ALA D 139 62.59 25.84 49.93
CA ALA D 139 63.84 26.18 49.25
C ALA D 139 64.76 24.96 49.22
N GLY D 140 65.46 24.78 48.10
CA GLY D 140 66.26 23.59 47.87
C GLY D 140 65.50 22.43 47.26
N ASN D 141 64.20 22.57 47.03
CA ASN D 141 63.43 21.47 46.48
C ASN D 141 63.86 21.18 45.05
N PHE D 142 63.73 19.91 44.65
CA PHE D 142 63.88 19.53 43.26
C PHE D 142 62.84 18.47 42.93
N TRP D 143 62.07 18.70 41.86
CA TRP D 143 61.12 17.68 41.42
C TRP D 143 60.96 17.65 39.90
N GLY D 144 61.99 18.07 39.16
CA GLY D 144 61.95 17.96 37.71
C GLY D 144 62.35 19.26 37.05
N ARG D 145 62.21 19.29 35.72
CA ARG D 145 62.68 20.42 34.93
C ARG D 145 61.64 20.91 33.93
N THR D 146 60.37 20.58 34.12
CA THR D 146 59.33 21.28 33.39
C THR D 146 59.30 22.75 33.80
N LEU D 147 58.60 23.57 33.01
CA LEU D 147 58.51 24.98 33.35
C LEU D 147 57.88 25.16 34.73
N SER D 148 56.88 24.35 35.07
CA SER D 148 56.29 24.39 36.41
C SER D 148 57.32 24.06 37.48
N ALA D 149 58.07 22.98 37.29
CA ALA D 149 59.01 22.55 38.31
C ALA D 149 60.11 23.57 38.53
N ILE D 150 60.66 24.15 37.46
CA ILE D 150 61.69 25.15 37.64
C ILE D 150 61.11 26.45 38.17
N SER D 151 59.80 26.67 38.01
CA SER D 151 59.20 27.87 38.58
C SER D 151 59.13 27.84 40.10
N SER D 152 59.35 26.69 40.73
CA SER D 152 59.36 26.58 42.19
C SER D 152 60.77 26.40 42.75
N SER D 153 61.79 26.50 41.89
CA SER D 153 63.16 26.20 42.27
C SER D 153 63.90 27.46 42.70
N THR D 154 64.77 27.32 43.70
CA THR D 154 65.69 28.38 44.10
C THR D 154 67.09 28.17 43.53
N ASP D 155 67.23 27.31 42.52
CA ASP D 155 68.52 27.02 41.90
C ASP D 155 68.62 27.76 40.59
N PRO D 156 69.52 28.74 40.46
CA PRO D 156 69.58 29.55 39.23
C PRO D 156 69.84 28.74 37.96
N THR D 157 70.63 27.67 38.03
CA THR D 157 70.87 26.88 36.83
C THR D 157 69.61 26.21 36.32
N SER D 158 68.61 26.00 37.19
CA SER D 158 67.37 25.38 36.75
C SER D 158 66.49 26.36 35.97
N TYR D 159 66.37 27.60 36.44
CA TYR D 159 65.38 28.52 35.90
C TYR D 159 65.94 29.64 35.04
N ASP D 160 67.25 29.89 35.06
CA ASP D 160 67.78 31.04 34.34
C ASP D 160 67.68 30.84 32.83
N GLY D 161 67.18 31.86 32.13
CA GLY D 161 66.98 31.80 30.70
C GLY D 161 65.71 31.10 30.26
N PHE D 162 64.86 30.68 31.18
CA PHE D 162 63.68 29.89 30.87
C PHE D 162 62.36 30.54 31.27
N GLY D 163 62.39 31.77 31.78
CA GLY D 163 61.17 32.45 32.17
C GLY D 163 60.42 32.97 30.97
N PRO D 164 59.23 33.56 31.24
CA PRO D 164 58.62 33.84 32.54
C PRO D 164 58.11 32.58 33.25
N PHE D 165 57.84 32.71 34.55
CA PHE D 165 57.65 31.57 35.41
C PHE D 165 56.20 31.43 35.85
N MET D 166 55.86 30.23 36.31
CA MET D 166 54.50 29.94 36.72
C MET D 166 54.12 30.76 37.95
N PRO D 167 53.01 31.51 37.91
CA PRO D 167 52.57 32.22 39.10
C PRO D 167 51.93 31.26 40.10
N GLY D 168 51.75 31.76 41.32
CA GLY D 168 51.08 30.97 42.35
C GLY D 168 51.97 30.01 43.11
N PHE D 169 53.28 30.07 42.91
CA PHE D 169 54.22 29.21 43.63
C PHE D 169 54.99 30.09 44.62
N ASP D 170 54.93 29.75 45.90
CA ASP D 170 55.66 30.45 46.93
C ASP D 170 56.72 29.53 47.54
N ILE D 171 57.81 30.13 48.00
CA ILE D 171 58.95 29.38 48.51
C ILE D 171 59.23 29.84 49.94
N ILE D 172 59.44 28.89 50.83
CA ILE D 172 59.85 29.16 52.21
C ILE D 172 61.10 28.34 52.49
N PRO D 173 61.83 28.68 53.56
CA PRO D 173 62.96 27.84 53.95
C PRO D 173 62.51 26.42 54.30
N TYR D 174 63.35 25.45 53.94
CA TYR D 174 63.18 24.08 54.40
C TYR D 174 63.44 24.01 55.91
N ASN D 175 62.84 23.01 56.56
CA ASN D 175 63.11 22.72 57.97
C ASN D 175 62.78 23.91 58.85
N ASP D 176 61.68 24.60 58.54
CA ASP D 176 61.34 25.87 59.19
C ASP D 176 59.83 25.91 59.42
N LEU D 177 59.40 25.47 60.61
CA LEU D 177 57.99 25.41 60.96
C LEU D 177 57.36 26.80 61.14
N PRO D 178 58.02 27.77 61.80
CA PRO D 178 57.41 29.11 61.87
C PRO D 178 57.20 29.74 60.51
N ALA D 179 58.14 29.56 59.58
CA ALA D 179 57.94 30.05 58.22
C ALA D 179 56.73 29.41 57.57
N LEU D 180 56.55 28.10 57.78
CA LEU D 180 55.38 27.43 57.21
C LEU D 180 54.08 27.99 57.81
N GLU D 181 54.07 28.21 59.12
CA GLU D 181 52.87 28.76 59.76
C GLU D 181 52.53 30.14 59.19
N ARG D 182 53.55 31.01 59.08
CA ARG D 182 53.33 32.32 58.47
C ARG D 182 52.79 32.18 57.06
N ALA D 183 53.37 31.29 56.26
CA ALA D 183 52.88 31.09 54.90
C ALA D 183 51.43 30.64 54.88
N LEU D 184 51.07 29.74 55.79
CA LEU D 184 49.71 29.18 55.79
C LEU D 184 48.70 30.13 56.43
N GLN D 185 49.12 31.27 56.96
CA GLN D 185 48.16 32.30 57.34
C GLN D 185 47.27 32.71 56.15
N ASP D 186 47.78 32.59 54.92
CA ASP D 186 47.02 33.02 53.75
C ASP D 186 45.99 31.97 53.37
N PRO D 187 44.69 32.28 53.40
CA PRO D 187 43.67 31.26 53.06
C PRO D 187 43.68 30.82 51.61
N ASN D 188 44.38 31.51 50.72
CA ASN D 188 44.44 31.09 49.32
C ASN D 188 45.49 30.02 49.07
N VAL D 189 46.22 29.58 50.10
CA VAL D 189 47.17 28.49 49.95
C VAL D 189 46.41 27.17 49.89
N ALA D 190 46.62 26.41 48.82
CA ALA D 190 45.95 25.12 48.68
C ALA D 190 46.80 23.96 49.16
N ALA D 191 48.12 24.07 49.09
CA ALA D 191 48.96 22.90 49.36
C ALA D 191 50.36 23.33 49.76
N PHE D 192 51.03 22.44 50.47
CA PHE D 192 52.47 22.52 50.74
C PHE D 192 53.09 21.24 50.23
N MET D 193 54.02 21.36 49.29
CA MET D 193 54.72 20.23 48.72
C MET D 193 56.15 20.23 49.24
N VAL D 194 56.61 19.08 49.73
CA VAL D 194 57.89 19.02 50.44
C VAL D 194 58.40 17.59 50.38
N GLU D 195 59.73 17.45 50.30
CA GLU D 195 60.44 16.18 50.41
C GLU D 195 60.75 15.89 51.88
N PRO D 196 60.51 14.66 52.35
CA PRO D 196 60.87 14.35 53.75
C PRO D 196 62.36 14.38 53.98
N ILE D 197 63.14 14.08 52.95
CA ILE D 197 64.57 14.37 52.91
C ILE D 197 64.84 14.96 51.53
N GLN D 198 65.55 16.08 51.49
CA GLN D 198 65.85 16.73 50.21
C GLN D 198 67.06 16.04 49.58
N GLY D 199 66.83 15.31 48.50
CA GLY D 199 67.88 14.54 47.86
C GLY D 199 68.88 15.38 47.10
N GLU D 200 68.41 16.10 46.07
CA GLU D 200 69.32 16.85 45.19
C GLU D 200 70.00 17.98 45.93
N ALA D 201 69.40 18.50 47.00
CA ALA D 201 70.06 19.53 47.79
C ALA D 201 71.29 19.01 48.52
N GLY D 202 71.46 17.70 48.63
CA GLY D 202 72.63 17.12 49.27
C GLY D 202 72.28 16.25 50.46
N VAL D 203 71.18 15.50 50.34
CA VAL D 203 70.62 14.68 51.42
C VAL D 203 70.48 15.54 52.67
N VAL D 204 69.62 16.55 52.59
CA VAL D 204 69.36 17.44 53.71
C VAL D 204 68.23 16.83 54.54
N VAL D 205 68.56 16.36 55.72
CA VAL D 205 67.61 15.72 56.62
C VAL D 205 67.08 16.77 57.60
N PRO D 206 65.78 17.03 57.63
CA PRO D 206 65.26 18.02 58.57
C PRO D 206 65.31 17.50 60.00
N ASP D 207 65.13 18.42 60.94
CA ASP D 207 65.24 18.08 62.34
C ASP D 207 64.10 17.15 62.77
N PRO D 208 64.31 16.33 63.79
CA PRO D 208 63.21 15.52 64.33
C PRO D 208 62.01 16.38 64.69
N GLY D 209 60.83 15.89 64.33
CA GLY D 209 59.59 16.61 64.57
C GLY D 209 59.16 17.52 63.44
N TYR D 210 60.01 17.75 62.43
CA TYR D 210 59.63 18.67 61.35
C TYR D 210 58.40 18.17 60.62
N LEU D 211 58.39 16.89 60.23
CA LEU D 211 57.27 16.36 59.46
C LEU D 211 56.00 16.32 60.31
N MET D 212 56.15 15.99 61.60
CA MET D 212 55.01 16.05 62.52
C MET D 212 54.40 17.45 62.54
N GLY D 213 55.25 18.47 62.67
CA GLY D 213 54.76 19.84 62.71
C GLY D 213 54.15 20.27 61.39
N VAL D 214 54.72 19.82 60.27
CA VAL D 214 54.14 20.13 58.96
C VAL D 214 52.74 19.54 58.85
N ARG D 215 52.58 18.28 59.27
CA ARG D 215 51.26 17.66 59.27
C ARG D 215 50.27 18.44 60.13
N GLU D 216 50.70 18.81 61.34
CA GLU D 216 49.82 19.56 62.23
C GLU D 216 49.40 20.89 61.61
N LEU D 217 50.35 21.63 61.05
CA LEU D 217 50.05 22.94 60.47
C LEU D 217 49.13 22.82 59.26
N CYS D 218 49.41 21.86 58.37
CA CYS D 218 48.58 21.69 57.18
C CYS D 218 47.16 21.31 57.56
N THR D 219 47.00 20.41 58.54
CA THR D 219 45.65 20.02 58.95
C THR D 219 44.90 21.20 59.58
N ARG D 220 45.59 21.99 60.42
CA ARG D 220 44.92 23.10 61.08
C ARG D 220 44.42 24.14 60.08
N HIS D 221 45.19 24.39 59.02
CA HIS D 221 44.88 25.47 58.09
C HIS D 221 44.16 25.00 56.83
N GLN D 222 43.71 23.75 56.81
CA GLN D 222 43.02 23.17 55.65
C GLN D 222 43.86 23.32 54.39
N VAL D 223 45.07 22.76 54.47
CA VAL D 223 46.05 22.83 53.40
C VAL D 223 46.53 21.41 53.13
N LEU D 224 46.63 21.05 51.85
CA LEU D 224 47.05 19.70 51.50
C LEU D 224 48.55 19.54 51.71
N PHE D 225 48.91 18.48 52.42
CA PHE D 225 50.30 18.09 52.63
C PHE D 225 50.69 17.12 51.52
N ILE D 226 51.49 17.58 50.57
CA ILE D 226 52.01 16.74 49.49
C ILE D 226 53.42 16.32 49.87
N ALA D 227 53.62 15.03 50.10
CA ALA D 227 54.95 14.49 50.38
C ALA D 227 55.53 13.91 49.10
N ASP D 228 56.66 14.47 48.68
CA ASP D 228 57.39 13.98 47.50
C ASP D 228 58.36 12.89 47.97
N GLU D 229 57.95 11.63 47.81
CA GLU D 229 58.78 10.49 48.17
C GLU D 229 59.32 9.77 46.93
N ILE D 230 59.49 10.52 45.84
CA ILE D 230 59.95 9.90 44.59
C ILE D 230 61.36 9.35 44.76
N GLN D 231 62.20 10.04 45.53
CA GLN D 231 63.54 9.54 45.84
C GLN D 231 63.63 8.85 47.20
N THR D 232 62.86 9.30 48.19
CA THR D 232 62.99 8.80 49.55
C THR D 232 62.12 7.59 49.84
N GLY D 233 61.11 7.33 49.03
CA GLY D 233 60.17 6.26 49.32
C GLY D 233 60.72 4.89 48.97
N LEU D 234 59.87 3.88 49.19
CA LEU D 234 60.11 2.52 48.71
C LEU D 234 61.42 1.95 49.26
N ALA D 235 61.56 2.02 50.58
CA ALA D 235 62.54 1.33 51.42
C ALA D 235 63.91 2.01 51.43
N ARG D 236 64.17 3.02 50.59
CA ARG D 236 65.51 3.59 50.48
C ARG D 236 66.02 4.12 51.83
N THR D 237 65.16 4.78 52.60
CA THR D 237 65.57 5.38 53.85
C THR D 237 65.34 4.47 55.06
N GLY D 238 64.94 3.21 54.83
CA GLY D 238 64.72 2.29 55.92
C GLY D 238 63.27 2.04 56.28
N ARG D 239 62.34 2.75 55.65
CA ARG D 239 60.91 2.51 55.82
C ARG D 239 60.26 2.54 54.46
N TRP D 240 58.99 2.10 54.40
CA TRP D 240 58.25 2.20 53.15
C TRP D 240 58.22 3.64 52.64
N LEU D 241 57.98 4.59 53.54
CA LEU D 241 58.09 6.01 53.24
C LEU D 241 58.92 6.67 54.33
N ALA D 242 59.69 7.68 53.94
CA ALA D 242 60.46 8.42 54.94
C ALA D 242 59.56 9.02 56.01
N VAL D 243 58.36 9.47 55.63
CA VAL D 243 57.43 10.02 56.61
C VAL D 243 57.07 9.00 57.68
N ASP D 244 57.21 7.71 57.38
CA ASP D 244 56.92 6.68 58.38
C ASP D 244 57.76 6.85 59.64
N TYR D 245 58.93 7.49 59.52
CA TYR D 245 59.76 7.67 60.71
C TYR D 245 59.09 8.53 61.77
N GLU D 246 58.07 9.31 61.40
CA GLU D 246 57.36 10.13 62.38
C GLU D 246 55.85 9.85 62.37
N ASN D 247 55.43 8.70 61.82
CA ASN D 247 54.02 8.29 61.79
C ASN D 247 53.14 9.29 61.04
N VAL D 248 53.70 10.01 60.09
CA VAL D 248 53.01 11.10 59.42
C VAL D 248 52.29 10.58 58.18
N ARG D 249 51.01 10.93 58.05
CA ARG D 249 50.22 10.55 56.88
C ARG D 249 49.94 11.78 56.02
N PRO D 250 50.65 11.96 54.91
CA PRO D 250 50.38 13.10 54.03
C PRO D 250 49.03 12.95 53.34
N ASP D 251 48.55 14.07 52.79
CA ASP D 251 47.31 14.04 52.02
C ASP D 251 47.54 13.47 50.63
N ILE D 252 48.70 13.76 50.03
CA ILE D 252 49.07 13.23 48.72
C ILE D 252 50.49 12.71 48.83
N VAL D 253 50.71 11.48 48.36
CA VAL D 253 52.03 10.86 48.35
C VAL D 253 52.44 10.66 46.90
N LEU D 254 53.64 11.15 46.55
CA LEU D 254 54.19 10.98 45.22
C LEU D 254 55.23 9.86 45.25
N LEU D 255 55.08 8.89 44.35
CA LEU D 255 56.02 7.79 44.23
C LEU D 255 56.56 7.72 42.81
N GLY D 256 57.81 7.30 42.68
CA GLY D 256 58.43 7.12 41.38
C GLY D 256 59.59 6.14 41.40
N LYS D 257 60.52 6.35 40.49
CA LYS D 257 61.79 5.63 40.42
C LYS D 257 61.76 4.13 40.77
N ALA D 258 62.00 3.78 42.03
CA ALA D 258 62.09 2.38 42.45
C ALA D 258 60.78 1.64 42.22
N LEU D 259 59.72 2.39 41.91
CA LEU D 259 58.43 1.79 41.62
C LEU D 259 58.50 0.76 40.50
N SER D 260 59.53 0.83 39.66
CA SER D 260 59.69 -0.10 38.55
C SER D 260 61.01 -0.85 38.58
N GLY D 261 61.84 -0.64 39.60
CA GLY D 261 63.16 -1.25 39.59
C GLY D 261 64.03 -0.81 38.44
N GLY D 262 63.74 0.33 37.82
CA GLY D 262 64.52 0.85 36.72
C GLY D 262 64.19 0.26 35.36
N LEU D 263 63.17 -0.58 35.25
CA LEU D 263 62.85 -1.24 34.00
C LEU D 263 61.85 -0.47 33.14
N TYR D 264 61.18 0.53 33.69
CA TYR D 264 60.08 1.21 33.00
C TYR D 264 59.74 2.50 33.74
N PRO D 265 59.50 3.61 33.04
CA PRO D 265 59.12 4.83 33.75
C PRO D 265 57.71 4.72 34.32
N VAL D 266 57.60 4.53 35.64
CA VAL D 266 56.32 4.45 36.33
C VAL D 266 56.34 5.42 37.50
N SER D 267 55.30 6.23 37.65
CA SER D 267 55.12 7.05 38.83
C SER D 267 53.67 6.94 39.27
N ALA D 268 53.40 7.37 40.50
CA ALA D 268 52.08 7.23 41.09
C ALA D 268 51.77 8.43 41.99
N VAL D 269 50.48 8.78 42.03
CA VAL D 269 49.96 9.79 42.94
C VAL D 269 48.89 9.14 43.79
N LEU D 270 49.11 9.09 45.10
CA LEU D 270 48.21 8.43 46.04
C LEU D 270 47.49 9.47 46.89
N CYS D 271 46.17 9.36 47.00
CA CYS D 271 45.40 10.21 47.91
C CYS D 271 43.99 9.62 48.04
N ASP D 272 43.23 10.20 48.97
CA ASP D 272 41.89 9.73 49.27
C ASP D 272 40.87 10.35 48.32
N ASP D 273 39.64 9.81 48.37
CA ASP D 273 38.59 10.17 47.42
C ASP D 273 38.32 11.67 47.40
N ASP D 274 38.22 12.29 48.58
CA ASP D 274 37.86 13.71 48.67
C ASP D 274 38.80 14.59 47.87
N ILE D 275 40.04 14.16 47.68
CA ILE D 275 41.00 14.91 46.87
C ILE D 275 41.01 14.38 45.44
N MET D 276 41.09 13.06 45.29
CA MET D 276 41.30 12.46 43.98
C MET D 276 40.13 12.77 43.03
N LEU D 277 38.91 12.76 43.56
CA LEU D 277 37.73 12.89 42.71
C LEU D 277 37.41 14.33 42.32
N THR D 278 38.25 15.29 42.70
CA THR D 278 38.06 16.64 42.15
C THR D 278 38.40 16.70 40.67
N ILE D 279 39.21 15.77 40.18
CA ILE D 279 39.50 15.69 38.75
C ILE D 279 38.49 14.73 38.12
N LYS D 280 37.73 15.25 37.18
CA LYS D 280 36.66 14.52 36.51
C LYS D 280 37.20 13.86 35.24
N PRO D 281 36.45 12.93 34.66
CA PRO D 281 36.92 12.28 33.42
C PRO D 281 37.23 13.29 32.33
N GLY D 282 38.33 13.05 31.62
CA GLY D 282 38.77 13.91 30.55
C GLY D 282 39.58 15.11 30.95
N GLU D 283 39.83 15.31 32.25
CA GLU D 283 40.52 16.49 32.73
C GLU D 283 41.99 16.26 33.08
N HIS D 284 42.49 15.05 32.91
CA HIS D 284 43.91 14.78 33.17
C HIS D 284 44.26 13.40 32.65
N GLY D 285 45.54 13.19 32.39
CA GLY D 285 46.01 11.89 31.99
C GLY D 285 47.32 11.98 31.21
N SER D 286 47.70 10.84 30.65
CA SER D 286 48.98 10.69 29.97
C SER D 286 48.93 9.50 29.02
N THR D 287 49.57 9.33 27.76
CA THR D 287 49.26 8.24 26.87
C THR D 287 49.77 6.92 27.46
N TYR D 288 50.99 6.91 28.19
CA TYR D 288 51.53 5.65 28.69
C TYR D 288 51.17 5.41 30.15
N GLY D 289 50.56 6.41 30.78
CA GLY D 289 50.16 6.30 32.17
C GLY D 289 49.20 5.15 32.42
N GLY D 290 49.59 4.22 33.28
CA GLY D 290 48.75 3.09 33.60
C GLY D 290 48.74 1.96 32.59
N ASN D 291 49.71 1.91 31.69
CA ASN D 291 49.73 0.86 30.69
C ASN D 291 50.01 -0.50 31.35
N PRO D 292 49.54 -1.59 30.74
CA PRO D 292 49.66 -2.90 31.40
C PRO D 292 51.10 -3.36 31.63
N LEU D 293 52.01 -3.03 30.72
CA LEU D 293 53.40 -3.43 30.86
C LEU D 293 54.03 -2.81 32.10
N GLY D 294 53.94 -1.48 32.21
CA GLY D 294 54.45 -0.80 33.38
C GLY D 294 53.78 -1.26 34.67
N CYS D 295 52.50 -1.62 34.60
CA CYS D 295 51.81 -2.08 35.80
C CYS D 295 52.33 -3.44 36.26
N ARG D 296 52.54 -4.38 35.33
CA ARG D 296 53.15 -5.65 35.71
C ARG D 296 54.53 -5.42 36.33
N VAL D 297 55.33 -4.54 35.72
CA VAL D 297 56.66 -4.23 36.26
C VAL D 297 56.54 -3.70 37.68
N ALA D 298 55.60 -2.77 37.90
CA ALA D 298 55.48 -2.12 39.20
C ALA D 298 55.00 -3.09 40.27
N ILE D 299 54.06 -3.97 39.93
CA ILE D 299 53.64 -5.01 40.86
C ILE D 299 54.84 -5.84 41.30
N ALA D 300 55.64 -6.30 40.32
CA ALA D 300 56.80 -7.11 40.65
C ALA D 300 57.81 -6.33 41.51
N ALA D 301 58.01 -5.05 41.21
CA ALA D 301 59.00 -4.27 41.95
C ALA D 301 58.57 -4.05 43.40
N LEU D 302 57.31 -3.71 43.62
CA LEU D 302 56.80 -3.59 44.98
C LEU D 302 56.88 -4.92 45.72
N GLU D 303 56.55 -6.03 45.03
CA GLU D 303 56.65 -7.34 45.67
C GLU D 303 58.08 -7.65 46.08
N VAL D 304 59.05 -7.31 45.23
CA VAL D 304 60.46 -7.52 45.58
C VAL D 304 60.81 -6.73 46.83
N LEU D 305 60.39 -5.45 46.87
CA LEU D 305 60.67 -4.63 48.05
C LEU D 305 60.10 -5.27 49.31
N GLU D 306 58.88 -5.81 49.23
CA GLU D 306 58.25 -6.35 50.43
C GLU D 306 58.83 -7.70 50.84
N GLU D 307 59.00 -8.62 49.88
CA GLU D 307 59.39 -9.99 50.19
C GLU D 307 60.81 -10.05 50.76
N GLU D 308 61.75 -9.33 50.16
CA GLU D 308 63.14 -9.38 50.59
C GLU D 308 63.43 -8.45 51.76
N ASN D 309 62.39 -7.81 52.31
CA ASN D 309 62.51 -6.95 53.50
C ASN D 309 63.64 -5.93 53.34
N LEU D 310 63.63 -5.24 52.20
CA LEU D 310 64.72 -4.34 51.87
C LEU D 310 64.75 -3.10 52.77
N ALA D 311 63.63 -2.72 53.37
CA ALA D 311 63.62 -1.56 54.26
C ALA D 311 64.42 -1.84 55.53
N GLU D 312 64.22 -3.02 56.13
CA GLU D 312 64.99 -3.39 57.31
C GLU D 312 66.48 -3.49 56.99
N ASN D 313 66.81 -4.07 55.83
CA ASN D 313 68.20 -4.16 55.42
C ASN D 313 68.80 -2.78 55.24
N ALA D 314 68.05 -1.86 54.62
CA ALA D 314 68.54 -0.50 54.44
C ALA D 314 68.77 0.19 55.77
N ASP D 315 67.86 -0.01 56.73
CA ASP D 315 68.04 0.58 58.07
C ASP D 315 69.34 0.09 58.70
N LYS D 316 69.49 -1.24 58.80
CA LYS D 316 70.67 -1.80 59.48
C LYS D 316 71.97 -1.40 58.76
N LEU D 317 72.02 -1.62 57.44
CA LEU D 317 73.26 -1.37 56.72
C LEU D 317 73.56 0.12 56.62
N GLY D 318 72.54 0.98 56.67
CA GLY D 318 72.81 2.40 56.71
C GLY D 318 73.39 2.84 58.04
N ILE D 319 72.91 2.24 59.13
CA ILE D 319 73.57 2.45 60.42
C ILE D 319 75.05 2.11 60.30
N ILE D 320 75.34 0.94 59.75
CA ILE D 320 76.74 0.50 59.61
C ILE D 320 77.53 1.48 58.74
N LEU D 321 76.95 1.89 57.62
CA LEU D 321 77.65 2.73 56.65
C LEU D 321 77.95 4.10 57.23
N ARG D 322 76.98 4.72 57.92
CA ARG D 322 77.24 6.01 58.54
C ARG D 322 78.25 5.90 59.68
N ASN D 323 78.16 4.84 60.48
CA ASN D 323 79.12 4.67 61.57
C ASN D 323 80.53 4.52 61.05
N GLU D 324 80.71 3.85 59.91
CA GLU D 324 82.04 3.72 59.34
C GLU D 324 82.48 5.02 58.66
N LEU D 325 81.56 5.71 57.98
CA LEU D 325 81.92 6.97 57.33
C LEU D 325 82.33 8.04 58.32
N MET D 326 81.75 8.04 59.52
CA MET D 326 82.13 9.03 60.51
C MET D 326 83.50 8.77 61.12
N LYS D 327 84.16 7.65 60.79
CA LYS D 327 85.51 7.41 61.27
C LYS D 327 86.56 8.19 60.50
N LEU D 328 86.22 8.72 59.32
CA LEU D 328 87.18 9.47 58.53
C LEU D 328 87.52 10.79 59.24
N PRO D 329 88.75 11.27 59.08
CA PRO D 329 89.17 12.47 59.81
C PRO D 329 88.35 13.69 59.44
N SER D 330 88.25 14.62 60.39
CA SER D 330 87.38 15.78 60.23
C SER D 330 87.98 16.86 59.33
N ASP D 331 89.27 16.80 59.03
CA ASP D 331 89.88 17.76 58.12
C ASP D 331 89.87 17.27 56.67
N VAL D 332 89.14 16.20 56.38
CA VAL D 332 88.94 15.76 55.00
C VAL D 332 87.44 15.61 54.74
N VAL D 333 86.69 15.21 55.75
CA VAL D 333 85.24 15.07 55.68
C VAL D 333 84.63 15.85 56.83
N THR D 334 83.87 16.89 56.52
CA THR D 334 83.31 17.76 57.55
C THR D 334 81.94 17.31 58.05
N ALA D 335 81.20 16.52 57.28
CA ALA D 335 79.87 16.12 57.69
C ALA D 335 79.50 14.78 57.08
N VAL D 336 78.75 13.99 57.84
CA VAL D 336 78.14 12.75 57.37
C VAL D 336 76.66 12.80 57.77
N ARG D 337 75.78 12.50 56.82
CA ARG D 337 74.35 12.57 57.10
C ARG D 337 73.60 11.59 56.21
N GLY D 338 72.35 11.34 56.58
CA GLY D 338 71.49 10.45 55.83
C GLY D 338 70.57 9.60 56.68
N LYS D 339 69.71 8.83 56.04
CA LYS D 339 68.83 7.87 56.69
C LYS D 339 68.74 6.63 55.83
N GLY D 340 68.73 5.46 56.48
CA GLY D 340 68.76 4.23 55.71
C GLY D 340 69.98 4.20 54.83
N LEU D 341 69.79 3.83 53.56
CA LEU D 341 70.88 3.79 52.59
C LEU D 341 70.86 4.99 51.65
N LEU D 342 70.28 6.10 52.08
CA LEU D 342 70.41 7.39 51.39
C LEU D 342 71.29 8.27 52.26
N ASN D 343 72.56 8.38 51.90
CA ASN D 343 73.53 9.08 52.72
C ASN D 343 74.41 9.96 51.85
N ALA D 344 75.11 10.89 52.50
CA ALA D 344 76.06 11.75 51.80
C ALA D 344 77.15 12.17 52.79
N ILE D 345 78.29 12.54 52.24
CA ILE D 345 79.37 13.13 53.03
C ILE D 345 79.68 14.51 52.46
N VAL D 346 80.17 15.38 53.32
CA VAL D 346 80.58 16.74 52.94
C VAL D 346 82.06 16.86 53.22
N ILE D 347 82.86 16.96 52.17
CA ILE D 347 84.30 17.16 52.31
C ILE D 347 84.58 18.66 52.37
N LYS D 348 85.66 19.04 53.04
CA LYS D 348 86.05 20.45 53.05
C LYS D 348 86.87 20.71 51.78
N GLU D 349 86.16 21.11 50.73
CA GLU D 349 86.81 21.30 49.44
C GLU D 349 87.88 22.37 49.53
N THR D 350 89.03 22.10 48.91
CA THR D 350 90.10 23.07 48.80
C THR D 350 90.01 23.72 47.42
N LYS D 351 91.00 24.57 47.10
CA LYS D 351 91.08 25.11 45.76
C LYS D 351 91.51 24.04 44.76
N ASP D 352 92.25 23.04 45.23
CA ASP D 352 92.84 22.00 44.38
C ASP D 352 92.06 20.69 44.39
N TRP D 353 91.22 20.45 45.38
CA TRP D 353 90.67 19.14 45.64
C TRP D 353 89.19 19.27 45.97
N ASP D 354 88.34 18.69 45.13
CA ASP D 354 86.89 18.81 45.31
C ASP D 354 86.21 17.46 45.23
N ALA D 355 84.87 17.44 45.20
CA ALA D 355 84.14 16.19 45.17
C ALA D 355 84.30 15.47 43.83
N TRP D 356 84.48 16.22 42.74
CA TRP D 356 84.60 15.61 41.43
C TRP D 356 85.87 14.77 41.31
N LYS D 357 86.99 15.28 41.84
CA LYS D 357 88.23 14.49 41.83
C LYS D 357 88.10 13.25 42.69
N VAL D 358 87.41 13.37 43.84
CA VAL D 358 87.18 12.21 44.69
C VAL D 358 86.37 11.16 43.96
N CYS D 359 85.35 11.59 43.21
CA CYS D 359 84.53 10.63 42.49
C CYS D 359 85.29 10.01 41.32
N LEU D 360 86.16 10.78 40.67
CA LEU D 360 87.02 10.20 39.64
C LEU D 360 87.92 9.11 40.22
N ARG D 361 88.53 9.39 41.37
CA ARG D 361 89.40 8.39 41.98
C ARG D 361 88.61 7.19 42.51
N LEU D 362 87.40 7.41 43.00
CA LEU D 362 86.53 6.30 43.37
C LEU D 362 86.21 5.43 42.16
N ARG D 363 85.92 6.05 41.02
CA ARG D 363 85.71 5.31 39.78
C ARG D 363 86.95 4.50 39.43
N ASP D 364 88.13 5.10 39.56
CA ASP D 364 89.37 4.36 39.30
C ASP D 364 89.53 3.16 40.23
N ASN D 365 88.90 3.18 41.41
CA ASN D 365 89.02 2.09 42.37
C ASN D 365 87.79 1.20 42.40
N GLY D 366 86.91 1.30 41.42
CA GLY D 366 85.79 0.38 41.30
C GLY D 366 84.54 0.72 42.06
N LEU D 367 84.26 2.01 42.28
CA LEU D 367 83.04 2.42 42.94
C LEU D 367 82.53 3.69 42.27
N LEU D 368 81.26 3.69 41.89
CA LEU D 368 80.66 4.80 41.16
C LEU D 368 79.75 5.60 42.08
N ALA D 369 80.07 6.89 42.24
CA ALA D 369 79.27 7.82 43.01
C ALA D 369 79.23 9.15 42.27
N LYS D 370 78.20 9.95 42.58
CA LYS D 370 78.02 11.21 41.89
C LYS D 370 78.21 12.38 42.84
N PRO D 371 79.06 13.35 42.49
CA PRO D 371 79.20 14.55 43.34
C PRO D 371 78.02 15.49 43.12
N THR D 372 77.34 15.85 44.22
CA THR D 372 76.14 16.68 44.10
C THR D 372 76.49 18.13 43.82
N HIS D 373 77.52 18.65 44.50
CA HIS D 373 78.04 19.97 44.17
C HIS D 373 79.54 20.01 44.43
N GLY D 374 80.07 21.17 44.79
CA GLY D 374 81.51 21.29 45.00
C GLY D 374 82.05 20.45 46.14
N ASP D 375 81.18 20.06 47.08
CA ASP D 375 81.65 19.41 48.31
C ASP D 375 80.82 18.21 48.74
N ILE D 376 79.73 17.87 48.05
CA ILE D 376 78.83 16.80 48.48
C ILE D 376 79.08 15.56 47.63
N ILE D 377 79.07 14.40 48.28
CA ILE D 377 79.16 13.11 47.60
C ILE D 377 78.08 12.20 48.18
N ARG D 378 77.21 11.70 47.32
CA ARG D 378 76.13 10.81 47.73
C ARG D 378 76.60 9.36 47.71
N PHE D 379 76.22 8.61 48.73
CA PHE D 379 76.48 7.18 48.82
C PHE D 379 75.14 6.46 49.00
N ALA D 380 74.68 5.80 47.94
CA ALA D 380 73.36 5.18 47.93
C ALA D 380 73.40 3.90 47.11
N PRO D 381 73.87 2.81 47.69
CA PRO D 381 73.95 1.54 46.96
C PRO D 381 72.58 0.88 46.90
N PRO D 382 72.37 -0.06 45.99
CA PRO D 382 71.09 -0.78 45.95
C PRO D 382 70.82 -1.48 47.27
N LEU D 383 69.54 -1.57 47.62
CA LEU D 383 69.15 -2.11 48.92
C LEU D 383 69.34 -3.61 49.04
N VAL D 384 69.67 -4.30 47.94
CA VAL D 384 69.93 -5.74 48.01
C VAL D 384 71.36 -6.05 48.40
N ILE D 385 72.18 -5.03 48.68
CA ILE D 385 73.57 -5.25 49.04
C ILE D 385 73.66 -5.96 50.40
N LYS D 386 74.67 -6.79 50.56
CA LYS D 386 74.90 -7.52 51.80
C LYS D 386 76.00 -6.83 52.61
N GLU D 387 76.16 -7.27 53.86
CA GLU D 387 77.07 -6.57 54.76
C GLU D 387 78.52 -6.67 54.29
N ASP D 388 78.94 -7.84 53.81
CA ASP D 388 80.33 -8.00 53.38
C ASP D 388 80.64 -7.12 52.17
N GLU D 389 79.73 -7.08 51.19
CA GLU D 389 79.91 -6.19 50.04
C GLU D 389 79.95 -4.74 50.47
N LEU D 390 79.07 -4.37 51.42
CA LEU D 390 79.07 -3.01 51.93
C LEU D 390 80.40 -2.67 52.60
N ARG D 391 80.98 -3.61 53.33
CA ARG D 391 82.23 -3.33 54.02
C ARG D 391 83.40 -3.24 53.05
N GLU D 392 83.38 -4.06 52.00
CA GLU D 392 84.38 -3.89 50.93
C GLU D 392 84.27 -2.52 50.29
N SER D 393 83.04 -2.08 50.01
CA SER D 393 82.83 -0.76 49.45
C SER D 393 83.31 0.33 50.40
N ILE D 394 83.05 0.16 51.69
CA ILE D 394 83.48 1.15 52.68
C ILE D 394 85.00 1.23 52.74
N GLU D 395 85.67 0.09 52.60
CA GLU D 395 87.13 0.11 52.59
C GLU D 395 87.65 0.79 51.33
N ILE D 396 87.01 0.55 50.18
CA ILE D 396 87.35 1.29 48.97
C ILE D 396 87.22 2.79 49.21
N ILE D 397 86.11 3.20 49.86
CA ILE D 397 85.87 4.61 50.13
C ILE D 397 86.94 5.19 51.03
N ASN D 398 87.26 4.49 52.11
CA ASN D 398 88.30 4.94 53.04
C ASN D 398 89.63 5.12 52.33
N LYS D 399 90.06 4.09 51.59
CA LYS D 399 91.36 4.15 50.93
C LYS D 399 91.39 5.24 49.88
N THR D 400 90.29 5.46 49.18
CA THR D 400 90.25 6.53 48.19
C THR D 400 90.31 7.91 48.85
N ILE D 401 89.56 8.09 49.94
CA ILE D 401 89.55 9.38 50.63
C ILE D 401 90.93 9.71 51.16
N LEU D 402 91.53 8.80 51.91
CA LEU D 402 92.82 9.09 52.53
C LEU D 402 93.99 8.92 51.58
N SER D 403 93.75 8.64 50.30
CA SER D 403 94.81 8.60 49.31
C SER D 403 95.10 9.97 48.69
N PHE D 404 94.39 11.00 49.11
CA PHE D 404 94.62 12.35 48.60
C PHE D 404 95.64 13.09 49.47
N GLY E 1 -71.28 -9.94 -52.88
CA GLY E 1 -71.69 -11.13 -52.15
C GLY E 1 -70.94 -11.32 -50.84
N PRO E 2 -71.62 -11.85 -49.83
CA PRO E 2 -70.98 -12.07 -48.53
C PRO E 2 -69.99 -13.21 -48.60
N PRO E 3 -69.01 -13.24 -47.70
CA PRO E 3 -68.06 -14.37 -47.70
C PRO E 3 -68.75 -15.68 -47.35
N THR E 4 -68.41 -16.71 -48.10
CA THR E 4 -68.82 -18.07 -47.75
C THR E 4 -67.93 -18.59 -46.63
N SER E 5 -68.20 -19.81 -46.18
CA SER E 5 -67.38 -20.41 -45.12
C SER E 5 -65.94 -20.58 -45.57
N ASP E 6 -65.74 -21.07 -46.79
CA ASP E 6 -64.38 -21.31 -47.28
C ASP E 6 -63.63 -19.98 -47.43
N ASP E 7 -64.32 -18.92 -47.84
CA ASP E 7 -63.70 -17.60 -47.89
C ASP E 7 -63.20 -17.18 -46.51
N ILE E 8 -64.01 -17.41 -45.48
CA ILE E 8 -63.61 -17.05 -44.12
C ILE E 8 -62.39 -17.85 -43.70
N PHE E 9 -62.41 -19.16 -43.97
CA PHE E 9 -61.26 -20.01 -43.64
C PHE E 9 -59.99 -19.49 -44.32
N GLU E 10 -60.03 -19.27 -45.63
CA GLU E 10 -58.85 -18.85 -46.36
C GLU E 10 -58.36 -17.47 -45.93
N ARG E 11 -59.28 -16.56 -45.59
CA ARG E 11 -58.88 -15.22 -45.17
C ARG E 11 -58.15 -15.27 -43.84
N GLU E 12 -58.71 -16.00 -42.85
CA GLU E 12 -58.02 -16.16 -41.59
C GLU E 12 -56.67 -16.85 -41.79
N TYR E 13 -56.62 -17.83 -42.68
CA TYR E 13 -55.35 -18.51 -42.96
C TYR E 13 -54.31 -17.53 -43.48
N LYS E 14 -54.73 -16.61 -44.35
CA LYS E 14 -53.76 -15.68 -44.93
C LYS E 14 -53.30 -14.62 -43.93
N TYR E 15 -54.22 -14.07 -43.15
CA TYR E 15 -53.91 -12.86 -42.38
C TYR E 15 -53.81 -13.07 -40.88
N GLY E 16 -54.12 -14.25 -40.37
CA GLY E 16 -54.03 -14.49 -38.94
C GLY E 16 -53.01 -15.55 -38.58
N ALA E 17 -52.54 -15.54 -37.33
CA ALA E 17 -51.63 -16.56 -36.86
C ALA E 17 -52.29 -17.94 -36.94
N HIS E 18 -51.45 -18.97 -37.07
CA HIS E 18 -51.93 -20.35 -37.15
C HIS E 18 -51.83 -21.05 -35.79
N ASN E 19 -52.25 -20.38 -34.71
CA ASN E 19 -52.18 -20.98 -33.38
C ASN E 19 -53.40 -21.82 -33.05
N TYR E 20 -54.39 -21.90 -33.93
CA TYR E 20 -55.55 -22.75 -33.75
C TYR E 20 -55.83 -23.55 -35.02
N HIS E 21 -56.46 -24.70 -34.86
CA HIS E 21 -57.02 -25.47 -35.97
C HIS E 21 -58.49 -25.74 -35.62
N PRO E 22 -59.36 -24.79 -35.90
CA PRO E 22 -60.76 -24.92 -35.48
C PRO E 22 -61.53 -25.90 -36.35
N LEU E 23 -62.63 -26.39 -35.80
CA LEU E 23 -63.57 -27.17 -36.60
C LEU E 23 -64.10 -26.28 -37.73
N PRO E 24 -64.12 -26.77 -38.97
CA PRO E 24 -64.51 -25.90 -40.09
C PRO E 24 -65.98 -25.48 -40.06
N VAL E 25 -66.32 -24.53 -39.18
CA VAL E 25 -67.64 -23.91 -39.15
C VAL E 25 -67.44 -22.42 -38.99
N ALA E 26 -68.11 -21.62 -39.81
CA ALA E 26 -68.00 -20.17 -39.78
C ALA E 26 -69.31 -19.59 -39.25
N LEU E 27 -69.38 -19.37 -37.94
CA LEU E 27 -70.59 -18.87 -37.30
C LEU E 27 -70.69 -17.35 -37.42
N GLU E 28 -71.92 -16.87 -37.55
CA GLU E 28 -72.15 -15.43 -37.57
C GLU E 28 -73.30 -14.98 -36.67
N ARG E 29 -74.10 -15.89 -36.13
CA ARG E 29 -75.16 -15.49 -35.21
C ARG E 29 -75.28 -16.49 -34.08
N GLY E 30 -75.72 -16.03 -32.92
CA GLY E 30 -75.95 -16.91 -31.80
C GLY E 30 -77.01 -16.41 -30.86
N LYS E 31 -77.96 -17.27 -30.48
CA LYS E 31 -78.98 -16.89 -29.52
C LYS E 31 -79.34 -18.09 -28.67
N GLY E 32 -79.27 -17.92 -27.35
CA GLY E 32 -79.62 -19.00 -26.44
C GLY E 32 -78.72 -20.20 -26.68
N ILE E 33 -79.32 -21.32 -27.04
CA ILE E 33 -78.58 -22.56 -27.25
C ILE E 33 -78.14 -22.74 -28.70
N TYR E 34 -78.44 -21.80 -29.59
CA TYR E 34 -78.28 -22.01 -31.02
C TYR E 34 -77.23 -21.10 -31.64
N LEU E 35 -76.60 -21.61 -32.69
CA LEU E 35 -75.64 -20.87 -33.49
C LEU E 35 -75.99 -21.01 -34.97
N TRP E 36 -75.78 -19.95 -35.74
CA TRP E 36 -76.02 -19.91 -37.17
C TRP E 36 -74.75 -19.53 -37.90
N ASP E 37 -74.42 -20.29 -38.95
CA ASP E 37 -73.26 -20.02 -39.78
C ASP E 37 -73.64 -19.09 -40.93
N VAL E 38 -72.66 -18.74 -41.77
CA VAL E 38 -72.87 -17.78 -42.83
C VAL E 38 -73.69 -18.33 -43.99
N GLU E 39 -73.89 -19.64 -44.04
CA GLU E 39 -74.79 -20.24 -45.02
C GLU E 39 -76.22 -20.34 -44.51
N GLY E 40 -76.48 -19.96 -43.26
CA GLY E 40 -77.80 -20.00 -42.70
C GLY E 40 -78.13 -21.25 -41.91
N ARG E 41 -77.23 -22.23 -41.85
CA ARG E 41 -77.48 -23.47 -41.13
C ARG E 41 -77.48 -23.23 -39.63
N LYS E 42 -78.28 -24.02 -38.92
CA LYS E 42 -78.52 -23.86 -37.50
C LYS E 42 -77.98 -25.05 -36.73
N TYR E 43 -77.31 -24.79 -35.60
CA TYR E 43 -76.63 -25.81 -34.82
C TYR E 43 -76.94 -25.63 -33.34
N PHE E 44 -77.02 -26.75 -32.63
CA PHE E 44 -76.94 -26.75 -31.18
C PHE E 44 -75.51 -26.47 -30.75
N ASP E 45 -75.33 -25.56 -29.78
CA ASP E 45 -74.01 -25.27 -29.23
C ASP E 45 -73.78 -26.19 -28.02
N PHE E 46 -72.94 -27.20 -28.19
CA PHE E 46 -72.61 -28.10 -27.10
C PHE E 46 -71.19 -27.90 -26.60
N LEU E 47 -70.63 -26.71 -26.81
CA LEU E 47 -69.39 -26.30 -26.17
C LEU E 47 -69.59 -25.13 -25.22
N SER E 48 -70.53 -24.24 -25.52
CA SER E 48 -70.83 -23.07 -24.69
C SER E 48 -69.61 -22.19 -24.49
N SER E 49 -68.72 -22.16 -25.49
CA SER E 49 -67.50 -21.37 -25.45
C SER E 49 -66.71 -21.64 -24.16
N TYR E 50 -66.60 -22.92 -23.84
CA TYR E 50 -65.87 -23.39 -22.65
C TYR E 50 -66.48 -22.83 -21.37
N SER E 51 -67.81 -22.74 -21.36
CA SER E 51 -68.70 -22.32 -20.26
C SER E 51 -68.90 -20.81 -20.19
N ALA E 52 -68.33 -20.04 -21.12
CA ALA E 52 -68.52 -18.59 -21.07
C ALA E 52 -69.97 -18.19 -21.31
N VAL E 53 -70.71 -18.97 -22.10
CA VAL E 53 -72.12 -18.67 -22.32
C VAL E 53 -72.99 -19.73 -21.65
N ASN E 54 -72.72 -19.98 -20.36
CA ASN E 54 -73.65 -20.77 -19.54
C ASN E 54 -75.07 -20.26 -19.67
N GLN E 55 -75.22 -18.94 -19.71
CA GLN E 55 -76.51 -18.27 -19.82
C GLN E 55 -77.06 -18.29 -21.25
N GLY E 56 -76.41 -18.97 -22.18
CA GLY E 56 -76.80 -18.92 -23.57
C GLY E 56 -76.25 -17.69 -24.26
N HIS E 57 -76.15 -17.78 -25.59
CA HIS E 57 -75.61 -16.68 -26.38
C HIS E 57 -76.54 -15.48 -26.31
N CYS E 58 -75.95 -14.30 -26.06
CA CYS E 58 -76.65 -13.02 -26.11
C CYS E 58 -77.91 -13.04 -25.24
N HIS E 59 -77.72 -13.32 -23.97
CA HIS E 59 -78.85 -13.30 -23.04
C HIS E 59 -79.38 -11.89 -22.93
N PRO E 60 -80.69 -11.67 -23.14
CA PRO E 60 -81.20 -10.30 -23.25
C PRO E 60 -80.96 -9.44 -22.02
N LYS E 61 -80.91 -10.02 -20.83
CA LYS E 61 -80.63 -9.22 -19.64
C LYS E 61 -79.19 -8.71 -19.65
N ILE E 62 -78.24 -9.59 -19.96
CA ILE E 62 -76.84 -9.18 -20.00
C ILE E 62 -76.59 -8.23 -21.16
N VAL E 63 -77.24 -8.47 -22.30
CA VAL E 63 -77.13 -7.56 -23.44
C VAL E 63 -77.66 -6.19 -23.07
N ASN E 64 -78.79 -6.13 -22.35
CA ASN E 64 -79.34 -4.85 -21.93
C ASN E 64 -78.41 -4.15 -20.95
N ALA E 65 -77.78 -4.91 -20.04
CA ALA E 65 -76.82 -4.31 -19.12
C ALA E 65 -75.67 -3.67 -19.90
N LEU E 66 -75.13 -4.38 -20.89
CA LEU E 66 -74.05 -3.84 -21.70
C LEU E 66 -74.49 -2.58 -22.44
N LYS E 67 -75.65 -2.66 -23.11
CA LYS E 67 -76.12 -1.53 -23.90
C LYS E 67 -76.39 -0.31 -23.04
N SER E 68 -76.92 -0.52 -21.83
CA SER E 68 -77.19 0.59 -20.94
C SER E 68 -75.90 1.21 -20.42
N GLN E 69 -74.93 0.38 -20.02
CA GLN E 69 -73.71 0.94 -19.43
C GLN E 69 -72.83 1.61 -20.48
N VAL E 70 -72.83 1.11 -21.73
CA VAL E 70 -71.94 1.69 -22.72
C VAL E 70 -72.37 3.10 -23.13
N ASP E 71 -73.62 3.48 -22.85
CA ASP E 71 -74.06 4.86 -23.08
C ASP E 71 -73.60 5.81 -21.98
N LYS E 72 -73.10 5.29 -20.86
CA LYS E 72 -72.72 6.12 -19.72
C LYS E 72 -71.21 6.26 -19.60
N LEU E 73 -70.50 5.16 -19.44
CA LEU E 73 -69.08 5.16 -19.12
C LEU E 73 -68.56 3.73 -19.22
N THR E 74 -67.39 3.57 -19.82
CA THR E 74 -66.84 2.24 -20.03
C THR E 74 -65.47 2.01 -19.39
N LEU E 75 -64.63 3.04 -19.27
CA LEU E 75 -63.28 2.83 -18.77
C LEU E 75 -62.71 4.13 -18.26
N THR E 76 -62.40 4.20 -16.97
CA THR E 76 -61.68 5.33 -16.39
C THR E 76 -60.24 5.00 -16.05
N SER E 77 -59.86 3.72 -16.10
CA SER E 77 -58.66 3.17 -15.47
C SER E 77 -58.80 3.24 -13.96
N ARG E 78 -57.92 2.55 -13.25
CA ARG E 78 -57.98 2.50 -11.80
C ARG E 78 -57.25 3.66 -11.14
N ALA E 79 -56.76 4.63 -11.92
CA ALA E 79 -56.26 5.86 -11.33
C ALA E 79 -57.39 6.67 -10.71
N PHE E 80 -58.63 6.42 -11.10
CA PHE E 80 -59.81 7.06 -10.52
C PHE E 80 -60.82 5.98 -10.13
N TYR E 81 -61.79 6.38 -9.31
CA TYR E 81 -62.91 5.51 -8.98
C TYR E 81 -64.01 5.63 -10.01
N ASN E 82 -64.67 4.52 -10.31
CA ASN E 82 -65.95 4.54 -11.01
C ASN E 82 -67.04 4.07 -10.05
N ASN E 83 -68.28 4.41 -10.38
CA ASN E 83 -69.37 4.15 -9.45
C ASN E 83 -69.86 2.71 -9.45
N VAL E 84 -69.47 1.91 -10.44
CA VAL E 84 -70.04 0.57 -10.58
C VAL E 84 -69.25 -0.50 -9.83
N LEU E 85 -67.92 -0.33 -9.72
CA LEU E 85 -67.07 -1.41 -9.25
C LEU E 85 -67.44 -1.87 -7.84
N GLY E 86 -67.63 -0.92 -6.92
CA GLY E 86 -67.94 -1.29 -5.55
C GLY E 86 -69.24 -2.04 -5.38
N GLU E 87 -70.25 -1.69 -6.19
CA GLU E 87 -71.52 -2.41 -6.15
C GLU E 87 -71.33 -3.87 -6.55
N TYR E 88 -70.62 -4.09 -7.66
CA TYR E 88 -70.31 -5.45 -8.10
C TYR E 88 -69.49 -6.21 -7.06
N GLU E 89 -68.53 -5.52 -6.44
CA GLU E 89 -67.68 -6.17 -5.44
C GLU E 89 -68.49 -6.63 -4.25
N GLU E 90 -69.31 -5.73 -3.69
CA GLU E 90 -70.19 -6.11 -2.59
C GLU E 90 -71.07 -7.28 -2.98
N TYR E 91 -71.67 -7.22 -4.18
CA TYR E 91 -72.54 -8.28 -4.65
C TYR E 91 -71.83 -9.62 -4.68
N ILE E 92 -70.69 -9.71 -5.36
CA ILE E 92 -70.07 -11.01 -5.57
C ILE E 92 -69.46 -11.55 -4.27
N THR E 93 -68.90 -10.67 -3.43
CA THR E 93 -68.35 -11.15 -2.17
C THR E 93 -69.44 -11.66 -1.25
N LYS E 94 -70.58 -10.97 -1.17
CA LYS E 94 -71.67 -11.50 -0.37
C LYS E 94 -72.24 -12.78 -0.98
N LEU E 95 -72.19 -12.90 -2.31
CA LEU E 95 -72.74 -14.09 -2.96
C LEU E 95 -71.90 -15.32 -2.63
N PHE E 96 -70.58 -15.21 -2.66
CA PHE E 96 -69.72 -16.36 -2.40
C PHE E 96 -69.14 -16.38 -0.99
N ASN E 97 -69.46 -15.38 -0.16
CA ASN E 97 -69.08 -15.34 1.25
C ASN E 97 -67.56 -15.37 1.42
N TYR E 98 -66.88 -14.46 0.74
CA TYR E 98 -65.50 -14.13 1.02
C TYR E 98 -65.43 -12.63 1.32
N HIS E 99 -64.38 -12.23 2.04
CA HIS E 99 -64.26 -10.82 2.40
C HIS E 99 -64.10 -9.94 1.17
N LYS E 100 -63.26 -10.35 0.23
CA LYS E 100 -62.88 -9.43 -0.83
C LYS E 100 -62.73 -10.15 -2.16
N VAL E 101 -62.81 -9.34 -3.23
CA VAL E 101 -62.60 -9.77 -4.60
C VAL E 101 -61.58 -8.85 -5.25
N LEU E 102 -60.74 -9.42 -6.10
CA LEU E 102 -59.81 -8.68 -6.93
C LEU E 102 -60.22 -8.92 -8.38
N PRO E 103 -60.64 -7.88 -9.11
CA PRO E 103 -61.13 -8.07 -10.48
C PRO E 103 -60.00 -8.07 -11.50
N MET E 104 -60.10 -9.01 -12.44
CA MET E 104 -59.19 -9.05 -13.58
C MET E 104 -60.02 -9.28 -14.83
N ASN E 105 -59.38 -9.56 -15.96
CA ASN E 105 -60.08 -9.70 -17.24
C ASN E 105 -60.14 -11.13 -17.72
N THR E 106 -59.02 -11.82 -17.81
CA THR E 106 -58.97 -13.17 -18.35
C THR E 106 -58.72 -14.18 -17.23
N GLY E 107 -58.98 -15.45 -17.53
CA GLY E 107 -58.77 -16.48 -16.54
C GLY E 107 -57.31 -16.64 -16.14
N VAL E 108 -56.41 -16.56 -17.11
CA VAL E 108 -54.99 -16.71 -16.81
C VAL E 108 -54.50 -15.58 -15.91
N GLU E 109 -55.07 -14.37 -16.08
CA GLU E 109 -54.71 -13.27 -15.19
C GLU E 109 -55.16 -13.55 -13.77
N ALA E 110 -56.33 -14.16 -13.60
CA ALA E 110 -56.79 -14.54 -12.27
C ALA E 110 -55.85 -15.59 -11.66
N GLY E 111 -55.39 -16.55 -12.47
CA GLY E 111 -54.44 -17.53 -11.96
C GLY E 111 -53.11 -16.89 -11.55
N GLU E 112 -52.60 -15.98 -12.38
CA GLU E 112 -51.37 -15.28 -12.04
C GLU E 112 -51.52 -14.47 -10.76
N THR E 113 -52.67 -13.81 -10.62
CA THR E 113 -52.97 -13.07 -9.40
C THR E 113 -52.95 -13.99 -8.18
N ALA E 114 -53.58 -15.16 -8.31
CA ALA E 114 -53.60 -16.11 -7.20
C ALA E 114 -52.20 -16.59 -6.85
N CYS E 115 -51.36 -16.82 -7.86
CA CYS E 115 -49.98 -17.21 -7.58
C CYS E 115 -49.23 -16.11 -6.85
N LYS E 116 -49.46 -14.86 -7.24
CA LYS E 116 -48.78 -13.75 -6.57
C LYS E 116 -49.28 -13.59 -5.14
N LEU E 117 -50.59 -13.74 -4.92
CA LEU E 117 -51.13 -13.73 -3.56
C LEU E 117 -50.52 -14.84 -2.72
N ALA E 118 -50.41 -16.05 -3.28
CA ALA E 118 -49.86 -17.17 -2.52
C ALA E 118 -48.41 -16.92 -2.15
N ARG E 119 -47.60 -16.42 -3.09
CA ARG E 119 -46.20 -16.13 -2.78
C ARG E 119 -46.08 -15.02 -1.74
N LYS E 120 -46.81 -13.92 -1.93
CA LYS E 120 -46.71 -12.80 -0.99
C LYS E 120 -47.16 -13.23 0.40
N TRP E 121 -48.25 -13.99 0.49
CA TRP E 121 -48.70 -14.53 1.77
C TRP E 121 -47.67 -15.47 2.37
N GLY E 122 -47.03 -16.30 1.54
CA GLY E 122 -46.03 -17.20 2.05
C GLY E 122 -44.83 -16.48 2.65
N TYR E 123 -44.40 -15.39 2.01
CA TYR E 123 -43.25 -14.65 2.53
C TYR E 123 -43.62 -13.83 3.75
N THR E 124 -44.78 -13.15 3.70
CA THR E 124 -45.10 -12.16 4.73
C THR E 124 -45.86 -12.74 5.92
N VAL E 125 -46.64 -13.81 5.73
CA VAL E 125 -47.42 -14.42 6.80
C VAL E 125 -46.82 -15.76 7.23
N LYS E 126 -46.61 -16.67 6.27
CA LYS E 126 -46.08 -17.98 6.64
C LYS E 126 -44.61 -17.91 7.04
N GLY E 127 -43.88 -16.89 6.60
CA GLY E 127 -42.49 -16.72 6.99
C GLY E 127 -41.48 -17.40 6.10
N ILE E 128 -41.88 -17.82 4.89
CA ILE E 128 -40.93 -18.41 3.96
C ILE E 128 -39.87 -17.38 3.59
N GLN E 129 -38.62 -17.82 3.47
CA GLN E 129 -37.55 -16.92 3.05
C GLN E 129 -37.66 -16.60 1.57
N LYS E 130 -37.47 -15.33 1.21
CA LYS E 130 -37.44 -14.94 -0.19
C LYS E 130 -36.18 -15.48 -0.87
N TYR E 131 -36.33 -16.10 -2.03
CA TYR E 131 -37.61 -16.34 -2.69
C TYR E 131 -37.81 -17.84 -2.88
N LYS E 132 -38.08 -18.54 -1.76
CA LYS E 132 -38.12 -20.00 -1.74
C LYS E 132 -39.53 -20.57 -1.81
N ALA E 133 -40.55 -19.73 -1.95
CA ALA E 133 -41.92 -20.24 -1.94
C ALA E 133 -42.20 -21.13 -3.14
N LYS E 134 -42.90 -22.24 -2.89
CA LYS E 134 -43.33 -23.16 -3.93
C LYS E 134 -44.85 -23.15 -4.03
N ILE E 135 -45.35 -23.42 -5.24
CA ILE E 135 -46.76 -23.67 -5.46
C ILE E 135 -46.88 -25.04 -6.13
N VAL E 136 -47.81 -25.85 -5.62
CA VAL E 136 -48.02 -27.20 -6.14
C VAL E 136 -49.23 -27.18 -7.06
N PHE E 137 -49.11 -27.88 -8.19
CA PHE E 137 -50.14 -28.01 -9.20
C PHE E 137 -50.39 -29.50 -9.46
N ALA E 138 -51.51 -29.78 -10.11
CA ALA E 138 -51.86 -31.16 -10.45
C ALA E 138 -51.59 -31.40 -11.92
N ALA E 139 -50.98 -32.56 -12.23
CA ALA E 139 -50.76 -32.95 -13.62
C ALA E 139 -52.08 -32.93 -14.38
N GLY E 140 -52.00 -32.50 -15.65
CA GLY E 140 -53.19 -32.31 -16.44
C GLY E 140 -53.87 -30.97 -16.24
N ASN E 141 -53.35 -30.12 -15.36
CA ASN E 141 -53.94 -28.80 -15.16
C ASN E 141 -53.83 -27.95 -16.41
N PHE E 142 -54.82 -27.09 -16.62
CA PHE E 142 -54.72 -26.04 -17.62
C PHE E 142 -55.29 -24.76 -17.01
N TRP E 143 -54.47 -23.72 -16.95
CA TRP E 143 -55.02 -22.43 -16.51
C TRP E 143 -54.52 -21.26 -17.35
N GLY E 144 -54.04 -21.51 -18.57
CA GLY E 144 -53.74 -20.43 -19.47
C GLY E 144 -52.45 -20.68 -20.21
N ARG E 145 -51.98 -19.64 -20.91
CA ARG E 145 -50.89 -19.76 -21.86
C ARG E 145 -49.74 -18.78 -21.61
N THR E 146 -49.72 -18.12 -20.45
CA THR E 146 -48.56 -17.32 -20.10
C THR E 146 -47.36 -18.24 -19.81
N LEU E 147 -46.18 -17.62 -19.69
CA LEU E 147 -44.98 -18.40 -19.40
C LEU E 147 -45.13 -19.17 -18.08
N SER E 148 -45.71 -18.53 -17.06
CA SER E 148 -45.92 -19.22 -15.79
C SER E 148 -46.90 -20.38 -15.93
N ALA E 149 -48.05 -20.11 -16.57
CA ALA E 149 -49.08 -21.11 -16.71
C ALA E 149 -48.55 -22.35 -17.42
N ILE E 150 -47.79 -22.18 -18.49
CA ILE E 150 -47.24 -23.34 -19.18
C ILE E 150 -46.07 -23.92 -18.41
N SER E 151 -45.44 -23.15 -17.51
CA SER E 151 -44.43 -23.72 -16.64
C SER E 151 -45.03 -24.74 -15.70
N SER E 152 -46.31 -24.60 -15.36
CA SER E 152 -46.94 -25.62 -14.51
C SER E 152 -47.61 -26.75 -15.31
N SER E 153 -47.59 -26.69 -16.64
CA SER E 153 -48.29 -27.69 -17.45
C SER E 153 -47.47 -28.97 -17.60
N THR E 154 -48.17 -30.09 -17.72
CA THR E 154 -47.56 -31.36 -18.13
C THR E 154 -47.85 -31.69 -19.58
N ASP E 155 -48.44 -30.75 -20.33
CA ASP E 155 -48.80 -30.97 -21.72
C ASP E 155 -47.70 -30.41 -22.61
N PRO E 156 -46.98 -31.24 -23.38
CA PRO E 156 -45.87 -30.71 -24.20
C PRO E 156 -46.31 -29.67 -25.21
N THR E 157 -47.53 -29.75 -25.75
CA THR E 157 -47.99 -28.74 -26.68
CA THR E 157 -47.96 -28.73 -26.69
C THR E 157 -48.04 -27.36 -26.04
N SER E 158 -48.19 -27.31 -24.71
CA SER E 158 -48.22 -26.03 -24.00
C SER E 158 -46.83 -25.45 -23.80
N TYR E 159 -45.85 -26.27 -23.41
CA TYR E 159 -44.57 -25.73 -22.94
C TYR E 159 -43.39 -25.98 -23.86
N ASP E 160 -43.47 -26.96 -24.76
CA ASP E 160 -42.31 -27.31 -25.58
C ASP E 160 -41.95 -26.14 -26.49
N GLY E 161 -40.68 -25.72 -26.44
CA GLY E 161 -40.21 -24.63 -27.25
C GLY E 161 -40.40 -23.25 -26.66
N PHE E 162 -40.93 -23.15 -25.44
CA PHE E 162 -41.24 -21.85 -24.84
C PHE E 162 -40.45 -21.56 -23.57
N GLY E 163 -39.51 -22.43 -23.18
CA GLY E 163 -38.73 -22.22 -21.99
C GLY E 163 -37.64 -21.17 -22.20
N PRO E 164 -36.87 -20.89 -21.13
CA PRO E 164 -36.86 -21.55 -19.82
C PRO E 164 -38.06 -21.20 -18.95
N PHE E 165 -38.26 -21.97 -17.89
CA PHE E 165 -39.56 -22.00 -17.22
C PHE E 165 -39.47 -21.41 -15.82
N MET E 166 -40.63 -21.03 -15.31
CA MET E 166 -40.74 -20.43 -14.00
C MET E 166 -40.34 -21.43 -12.92
N PRO E 167 -39.41 -21.09 -12.04
CA PRO E 167 -39.10 -21.98 -10.91
C PRO E 167 -40.14 -21.87 -9.82
N GLY E 168 -40.11 -22.87 -8.92
CA GLY E 168 -40.99 -22.87 -7.79
C GLY E 168 -42.37 -23.46 -8.04
N PHE E 169 -42.58 -24.09 -9.19
CA PHE E 169 -43.83 -24.74 -9.54
C PHE E 169 -43.58 -26.25 -9.52
N ASP E 170 -44.23 -26.96 -8.60
CA ASP E 170 -44.09 -28.41 -8.50
C ASP E 170 -45.37 -29.08 -8.93
N ILE E 171 -45.27 -30.30 -9.44
CA ILE E 171 -46.40 -30.99 -10.04
C ILE E 171 -46.56 -32.36 -9.39
N ILE E 172 -47.80 -32.68 -9.01
CA ILE E 172 -48.14 -33.99 -8.47
C ILE E 172 -49.31 -34.53 -9.29
N PRO E 173 -49.57 -35.84 -9.21
CA PRO E 173 -50.75 -36.38 -9.91
C PRO E 173 -52.04 -35.77 -9.39
N TYR E 174 -53.01 -35.69 -10.28
CA TYR E 174 -54.36 -35.30 -9.91
C TYR E 174 -55.04 -36.45 -9.18
N ASN E 175 -56.03 -36.11 -8.36
CA ASN E 175 -56.89 -37.11 -7.70
C ASN E 175 -56.04 -38.06 -6.84
N ASP E 176 -55.06 -37.50 -6.13
CA ASP E 176 -54.04 -38.29 -5.44
C ASP E 176 -53.72 -37.60 -4.10
N LEU E 177 -54.42 -38.00 -3.05
CA LEU E 177 -54.22 -37.40 -1.73
C LEU E 177 -52.89 -37.80 -1.09
N PRO E 178 -52.45 -39.06 -1.20
CA PRO E 178 -51.10 -39.37 -0.67
C PRO E 178 -49.99 -38.53 -1.30
N ALA E 179 -50.08 -38.24 -2.60
CA ALA E 179 -49.06 -37.42 -3.25
C ALA E 179 -49.10 -35.99 -2.74
N LEU E 180 -50.30 -35.44 -2.52
CA LEU E 180 -50.40 -34.10 -1.95
C LEU E 180 -49.84 -34.08 -0.54
N GLU E 181 -50.17 -35.09 0.26
CA GLU E 181 -49.62 -35.17 1.61
C GLU E 181 -48.10 -35.23 1.60
N ARG E 182 -47.53 -35.98 0.65
CA ARG E 182 -46.08 -36.01 0.54
C ARG E 182 -45.51 -34.65 0.13
N ALA E 183 -46.17 -33.97 -0.79
CA ALA E 183 -45.66 -32.68 -1.27
C ALA E 183 -45.71 -31.62 -0.17
N LEU E 184 -46.75 -31.64 0.67
CA LEU E 184 -46.93 -30.58 1.64
C LEU E 184 -46.04 -30.73 2.87
N GLN E 185 -45.15 -31.73 2.91
CA GLN E 185 -44.18 -31.82 4.00
C GLN E 185 -43.15 -30.70 3.94
N ASP E 186 -42.93 -30.12 2.76
CA ASP E 186 -41.99 -29.02 2.58
C ASP E 186 -42.62 -27.72 3.08
N PRO E 187 -42.11 -27.13 4.16
CA PRO E 187 -42.71 -25.89 4.68
C PRO E 187 -42.55 -24.70 3.75
N ASN E 188 -41.76 -24.82 2.68
CA ASN E 188 -41.66 -23.75 1.70
C ASN E 188 -42.81 -23.75 0.70
N VAL E 189 -43.68 -24.76 0.74
CA VAL E 189 -44.89 -24.73 -0.08
C VAL E 189 -45.85 -23.70 0.48
N ALA E 190 -46.29 -22.78 -0.38
CA ALA E 190 -47.26 -21.78 0.04
C ALA E 190 -48.70 -22.12 -0.36
N ALA E 191 -48.89 -22.89 -1.43
CA ALA E 191 -50.25 -23.10 -1.94
C ALA E 191 -50.29 -24.33 -2.81
N PHE E 192 -51.50 -24.88 -2.93
CA PHE E 192 -51.85 -25.94 -3.88
C PHE E 192 -52.99 -25.41 -4.74
N MET E 193 -52.77 -25.33 -6.04
CA MET E 193 -53.79 -24.89 -6.98
C MET E 193 -54.34 -26.09 -7.73
N VAL E 194 -55.67 -26.21 -7.79
CA VAL E 194 -56.28 -27.38 -8.37
C VAL E 194 -57.67 -27.04 -8.90
N GLU E 195 -58.05 -27.70 -10.01
CA GLU E 195 -59.40 -27.64 -10.57
C GLU E 195 -60.27 -28.70 -9.92
N PRO E 196 -61.47 -28.35 -9.47
CA PRO E 196 -62.35 -29.38 -8.89
C PRO E 196 -62.73 -30.46 -9.88
N ILE E 197 -62.81 -30.11 -11.16
CA ILE E 197 -62.88 -31.04 -12.28
C ILE E 197 -61.95 -30.50 -13.34
N GLN E 198 -61.06 -31.35 -13.86
CA GLN E 198 -60.09 -30.90 -14.86
C GLN E 198 -60.78 -30.83 -16.22
N GLY E 199 -60.96 -29.61 -16.73
CA GLY E 199 -61.64 -29.40 -17.98
C GLY E 199 -60.85 -29.79 -19.21
N GLU E 200 -59.78 -29.05 -19.50
CA GLU E 200 -58.98 -29.32 -20.70
CA GLU E 200 -59.00 -29.32 -20.71
C GLU E 200 -58.37 -30.71 -20.70
N ALA E 201 -58.19 -31.32 -19.53
CA ALA E 201 -57.64 -32.67 -19.47
C ALA E 201 -58.61 -33.71 -20.00
N GLY E 202 -59.89 -33.37 -20.17
CA GLY E 202 -60.86 -34.30 -20.72
C GLY E 202 -62.04 -34.54 -19.80
N VAL E 203 -62.43 -33.52 -19.04
CA VAL E 203 -63.47 -33.61 -18.02
C VAL E 203 -63.12 -34.75 -17.07
N VAL E 204 -62.06 -34.57 -16.31
CA VAL E 204 -61.56 -35.58 -15.37
C VAL E 204 -62.13 -35.26 -14.00
N VAL E 205 -63.06 -36.10 -13.54
CA VAL E 205 -63.73 -35.91 -12.27
C VAL E 205 -62.97 -36.71 -11.20
N PRO E 206 -62.48 -36.08 -10.14
CA PRO E 206 -61.78 -36.83 -9.10
C PRO E 206 -62.76 -37.64 -8.26
N ASP E 207 -62.21 -38.55 -7.46
CA ASP E 207 -63.04 -39.45 -6.67
C ASP E 207 -63.72 -38.69 -5.54
N PRO E 208 -64.89 -39.17 -5.09
CA PRO E 208 -65.54 -38.54 -3.95
C PRO E 208 -64.60 -38.48 -2.75
N GLY E 209 -64.63 -37.35 -2.05
CA GLY E 209 -63.74 -37.13 -0.94
C GLY E 209 -62.42 -36.46 -1.29
N TYR E 210 -62.09 -36.34 -2.59
CA TYR E 210 -60.82 -35.72 -2.96
C TYR E 210 -60.74 -34.27 -2.48
N LEU E 211 -61.80 -33.49 -2.74
CA LEU E 211 -61.76 -32.07 -2.37
C LEU E 211 -61.76 -31.89 -0.85
N MET E 212 -62.52 -32.73 -0.13
CA MET E 212 -62.47 -32.71 1.33
C MET E 212 -61.07 -33.02 1.84
N GLY E 213 -60.42 -34.03 1.27
CA GLY E 213 -59.06 -34.36 1.70
C GLY E 213 -58.06 -33.26 1.37
N VAL E 214 -58.25 -32.60 0.23
CA VAL E 214 -57.39 -31.48 -0.13
C VAL E 214 -57.54 -30.36 0.89
N ARG E 215 -58.79 -30.01 1.22
CA ARG E 215 -59.02 -28.98 2.24
C ARG E 215 -58.35 -29.36 3.55
N GLU E 216 -58.54 -30.61 3.99
CA GLU E 216 -57.96 -31.08 5.25
C GLU E 216 -56.43 -30.97 5.24
N LEU E 217 -55.80 -31.46 4.17
CA LEU E 217 -54.33 -31.47 4.12
C LEU E 217 -53.78 -30.06 4.04
N CYS E 218 -54.40 -29.17 3.25
CA CYS E 218 -53.93 -27.79 3.17
C CYS E 218 -54.04 -27.10 4.53
N THR E 219 -55.17 -27.28 5.21
CA THR E 219 -55.32 -26.68 6.54
C THR E 219 -54.26 -27.23 7.50
N ARG E 220 -54.08 -28.55 7.51
CA ARG E 220 -53.14 -29.16 8.46
C ARG E 220 -51.72 -28.62 8.28
N HIS E 221 -51.31 -28.35 7.05
CA HIS E 221 -49.92 -28.01 6.77
C HIS E 221 -49.71 -26.53 6.49
N GLN E 222 -50.70 -25.68 6.80
CA GLN E 222 -50.61 -24.22 6.60
C GLN E 222 -50.26 -23.89 5.16
N VAL E 223 -51.11 -24.36 4.26
CA VAL E 223 -50.95 -24.18 2.82
C VAL E 223 -52.26 -23.65 2.26
N LEU E 224 -52.18 -22.71 1.32
CA LEU E 224 -53.39 -22.13 0.76
C LEU E 224 -54.01 -23.07 -0.28
N PHE E 225 -55.32 -23.29 -0.16
CA PHE E 225 -56.07 -24.07 -1.14
C PHE E 225 -56.64 -23.11 -2.18
N ILE E 226 -56.09 -23.15 -3.39
CA ILE E 226 -56.58 -22.35 -4.52
C ILE E 226 -57.42 -23.26 -5.40
N ALA E 227 -58.70 -22.93 -5.53
CA ALA E 227 -59.64 -23.68 -6.37
C ALA E 227 -59.85 -22.90 -7.65
N ASP E 228 -59.39 -23.47 -8.77
CA ASP E 228 -59.62 -22.88 -10.08
C ASP E 228 -61.00 -23.32 -10.56
N GLU E 229 -62.00 -22.46 -10.35
CA GLU E 229 -63.36 -22.72 -10.80
C GLU E 229 -63.73 -21.91 -12.04
N ILE E 230 -62.73 -21.58 -12.86
CA ILE E 230 -62.98 -20.72 -14.02
C ILE E 230 -63.88 -21.41 -15.03
N GLN E 231 -63.77 -22.73 -15.16
CA GLN E 231 -64.67 -23.52 -16.02
C GLN E 231 -65.80 -24.20 -15.26
N THR E 232 -65.53 -24.68 -14.06
CA THR E 232 -66.50 -25.47 -13.31
C THR E 232 -67.45 -24.63 -12.46
N GLY E 233 -67.12 -23.36 -12.22
CA GLY E 233 -67.96 -22.53 -11.39
C GLY E 233 -69.22 -22.06 -12.10
N LEU E 234 -70.04 -21.34 -11.35
CA LEU E 234 -71.19 -20.60 -11.88
C LEU E 234 -72.18 -21.53 -12.59
N ALA E 235 -72.62 -22.55 -11.85
CA ALA E 235 -73.76 -23.42 -12.13
C ALA E 235 -73.46 -24.51 -13.17
N ARG E 236 -72.31 -24.49 -13.84
CA ARG E 236 -72.06 -25.45 -14.92
C ARG E 236 -72.13 -26.89 -14.42
N THR E 237 -71.58 -27.18 -13.25
CA THR E 237 -71.58 -28.53 -12.71
C THR E 237 -72.81 -28.84 -11.88
N GLY E 238 -73.76 -27.91 -11.76
CA GLY E 238 -74.94 -28.11 -10.96
C GLY E 238 -74.92 -27.44 -9.61
N ARG E 239 -73.86 -26.71 -9.27
CA ARG E 239 -73.79 -25.92 -8.06
C ARG E 239 -73.13 -24.58 -8.40
N TRP E 240 -73.28 -23.62 -7.48
CA TRP E 240 -72.58 -22.35 -7.64
C TRP E 240 -71.08 -22.55 -7.83
N LEU E 241 -70.51 -23.50 -7.08
CA LEU E 241 -69.13 -23.91 -7.23
C LEU E 241 -69.10 -25.43 -7.17
N ALA E 242 -68.21 -26.05 -7.94
CA ALA E 242 -68.08 -27.50 -7.89
C ALA E 242 -67.68 -27.98 -6.50
N VAL E 243 -66.86 -27.20 -5.79
CA VAL E 243 -66.48 -27.54 -4.43
C VAL E 243 -67.70 -27.63 -3.51
N ASP E 244 -68.80 -26.95 -3.86
CA ASP E 244 -70.01 -27.04 -3.06
C ASP E 244 -70.53 -28.47 -2.96
N TYR E 245 -70.17 -29.34 -3.89
CA TYR E 245 -70.63 -30.73 -3.79
C TYR E 245 -70.11 -31.40 -2.53
N GLU E 246 -68.97 -30.94 -2.01
CA GLU E 246 -68.41 -31.54 -0.80
C GLU E 246 -68.35 -30.55 0.36
N ASN E 247 -69.07 -29.42 0.26
CA ASN E 247 -69.12 -28.43 1.32
C ASN E 247 -67.73 -27.97 1.73
N VAL E 248 -66.89 -27.74 0.73
CA VAL E 248 -65.49 -27.38 0.92
C VAL E 248 -65.31 -25.90 0.62
N ARG E 249 -64.62 -25.19 1.51
CA ARG E 249 -64.35 -23.75 1.33
C ARG E 249 -62.87 -23.53 1.05
N PRO E 250 -62.49 -23.31 -0.21
CA PRO E 250 -61.08 -23.03 -0.51
C PRO E 250 -60.65 -21.68 0.05
N ASP E 251 -59.33 -21.50 0.15
CA ASP E 251 -58.81 -20.23 0.60
C ASP E 251 -58.90 -19.17 -0.49
N ILE E 252 -58.63 -19.56 -1.73
CA ILE E 252 -58.76 -18.66 -2.87
C ILE E 252 -59.65 -19.33 -3.90
N VAL E 253 -60.63 -18.59 -4.44
CA VAL E 253 -61.50 -19.09 -5.50
C VAL E 253 -61.28 -18.24 -6.75
N LEU E 254 -61.03 -18.91 -7.88
CA LEU E 254 -60.87 -18.24 -9.16
C LEU E 254 -62.15 -18.39 -9.98
N LEU E 255 -62.67 -17.28 -10.48
CA LEU E 255 -63.85 -17.28 -11.33
C LEU E 255 -63.55 -16.57 -12.64
N GLY E 256 -64.28 -16.94 -13.69
CA GLY E 256 -64.17 -16.28 -14.97
C GLY E 256 -65.24 -16.76 -15.93
N LYS E 257 -64.96 -16.65 -17.23
CA LYS E 257 -65.80 -17.19 -18.26
C LYS E 257 -67.27 -16.77 -18.14
N ALA E 258 -68.09 -17.65 -17.55
CA ALA E 258 -69.53 -17.41 -17.42
C ALA E 258 -69.83 -16.15 -16.63
N LEU E 259 -68.82 -15.63 -15.93
CA LEU E 259 -68.97 -14.40 -15.17
C LEU E 259 -69.51 -13.26 -16.00
N SER E 260 -69.43 -13.36 -17.33
CA SER E 260 -69.90 -12.31 -18.22
C SER E 260 -70.95 -12.78 -19.23
N GLY E 261 -71.29 -14.07 -19.26
CA GLY E 261 -72.18 -14.55 -20.29
C GLY E 261 -71.62 -14.45 -21.68
N GLY E 262 -70.29 -14.35 -21.81
CA GLY E 262 -69.64 -14.26 -23.11
C GLY E 262 -69.57 -12.87 -23.71
N LEU E 263 -70.03 -11.85 -22.99
CA LEU E 263 -70.09 -10.50 -23.56
C LEU E 263 -68.86 -9.66 -23.27
N TYR E 264 -68.01 -10.08 -22.34
CA TYR E 264 -66.89 -9.25 -21.92
C TYR E 264 -65.87 -10.09 -21.15
N PRO E 265 -64.57 -9.90 -21.34
CA PRO E 265 -63.60 -10.67 -20.55
C PRO E 265 -63.56 -10.20 -19.11
N VAL E 266 -64.15 -10.97 -18.20
CA VAL E 266 -64.19 -10.66 -16.78
C VAL E 266 -63.75 -11.88 -15.98
N SER E 267 -62.84 -11.68 -15.03
CA SER E 267 -62.45 -12.74 -14.11
C SER E 267 -62.31 -12.15 -12.71
N ALA E 268 -62.26 -13.03 -11.72
CA ALA E 268 -62.30 -12.60 -10.33
C ALA E 268 -61.46 -13.53 -9.46
N VAL E 269 -60.81 -12.96 -8.46
CA VAL E 269 -60.11 -13.70 -7.43
C VAL E 269 -60.77 -13.39 -6.10
N LEU E 270 -61.31 -14.40 -5.42
CA LEU E 270 -62.03 -14.22 -4.17
C LEU E 270 -61.24 -14.79 -3.01
N CYS E 271 -61.10 -14.01 -1.93
CA CYS E 271 -60.48 -14.53 -0.72
C CYS E 271 -60.71 -13.56 0.44
N ASP E 272 -60.36 -14.03 1.64
CA ASP E 272 -60.51 -13.29 2.88
C ASP E 272 -59.36 -12.29 3.07
N ASP E 273 -59.54 -11.41 4.07
CA ASP E 273 -58.63 -10.27 4.25
C ASP E 273 -57.19 -10.71 4.49
N ASP E 274 -56.99 -11.73 5.33
CA ASP E 274 -55.62 -12.09 5.71
C ASP E 274 -54.79 -12.58 4.53
N ILE E 275 -55.44 -12.97 3.43
CA ILE E 275 -54.74 -13.27 2.18
C ILE E 275 -54.73 -12.06 1.25
N MET E 276 -55.90 -11.45 1.05
CA MET E 276 -56.04 -10.41 0.04
C MET E 276 -55.16 -9.21 0.35
N LEU E 277 -55.12 -8.79 1.61
CA LEU E 277 -54.43 -7.57 1.98
C LEU E 277 -52.91 -7.74 2.07
N THR E 278 -52.37 -8.90 1.69
CA THR E 278 -50.92 -9.00 1.54
C THR E 278 -50.40 -8.19 0.36
N ILE E 279 -51.26 -7.89 -0.62
CA ILE E 279 -50.90 -7.03 -1.74
C ILE E 279 -51.30 -5.61 -1.42
N LYS E 280 -50.32 -4.70 -1.42
CA LYS E 280 -50.48 -3.30 -1.04
C LYS E 280 -50.80 -2.45 -2.26
N PRO E 281 -51.29 -1.22 -2.06
CA PRO E 281 -51.59 -0.35 -3.20
C PRO E 281 -50.38 -0.16 -4.11
N GLY E 282 -50.63 -0.27 -5.41
CA GLY E 282 -49.59 -0.13 -6.41
C GLY E 282 -48.84 -1.40 -6.77
N GLU E 283 -49.15 -2.52 -6.11
CA GLU E 283 -48.36 -3.74 -6.28
C GLU E 283 -48.99 -4.75 -7.22
N HIS E 284 -50.17 -4.47 -7.75
CA HIS E 284 -50.81 -5.40 -8.69
C HIS E 284 -51.99 -4.69 -9.33
N GLY E 285 -52.29 -5.08 -10.56
CA GLY E 285 -53.45 -4.52 -11.23
C GLY E 285 -53.47 -4.84 -12.70
N SER E 286 -54.23 -4.04 -13.44
CA SER E 286 -54.58 -4.31 -14.82
C SER E 286 -55.37 -3.13 -15.37
N THR E 287 -55.06 -2.59 -16.66
CA THR E 287 -55.76 -1.43 -17.16
C THR E 287 -57.27 -1.68 -17.15
N TYR E 288 -57.83 -2.90 -17.64
CA TYR E 288 -59.26 -3.04 -17.85
C TYR E 288 -59.93 -3.70 -16.65
N GLY E 289 -59.13 -4.12 -15.68
CA GLY E 289 -59.65 -4.80 -14.51
C GLY E 289 -60.58 -3.94 -13.69
N GLY E 290 -61.80 -4.41 -13.49
CA GLY E 290 -62.79 -3.68 -12.71
C GLY E 290 -63.42 -2.50 -13.40
N ASN E 291 -63.35 -2.44 -14.74
CA ASN E 291 -63.97 -1.34 -15.46
C ASN E 291 -65.48 -1.42 -15.31
N PRO E 292 -66.19 -0.28 -15.41
CA PRO E 292 -67.63 -0.28 -15.10
C PRO E 292 -68.47 -1.09 -16.07
N LEU E 293 -68.06 -1.17 -17.34
CA LEU E 293 -68.83 -1.95 -18.31
C LEU E 293 -68.79 -3.43 -17.97
N GLY E 294 -67.59 -3.98 -17.74
CA GLY E 294 -67.47 -5.36 -17.34
C GLY E 294 -68.19 -5.65 -16.03
N CYS E 295 -68.19 -4.68 -15.11
CA CYS E 295 -68.87 -4.90 -13.84
C CYS E 295 -70.39 -4.95 -14.01
N ARG E 296 -70.96 -4.06 -14.80
CA ARG E 296 -72.38 -4.16 -15.10
C ARG E 296 -72.71 -5.50 -15.74
N VAL E 297 -71.91 -5.90 -16.73
CA VAL E 297 -72.13 -7.18 -17.41
C VAL E 297 -72.10 -8.33 -16.40
N ALA E 298 -71.13 -8.31 -15.48
CA ALA E 298 -70.96 -9.42 -14.55
C ALA E 298 -72.09 -9.46 -13.52
N ILE E 299 -72.54 -8.29 -13.05
CA ILE E 299 -73.69 -8.26 -12.16
C ILE E 299 -74.90 -8.90 -12.86
N ALA E 300 -75.13 -8.52 -14.12
CA ALA E 300 -76.27 -9.10 -14.84
C ALA E 300 -76.11 -10.60 -15.05
N ALA E 301 -74.89 -11.05 -15.34
CA ALA E 301 -74.66 -12.48 -15.57
C ALA E 301 -74.89 -13.30 -14.31
N LEU E 302 -74.40 -12.80 -13.16
CA LEU E 302 -74.65 -13.49 -11.89
C LEU E 302 -76.13 -13.47 -11.53
N GLU E 303 -76.82 -12.35 -11.80
CA GLU E 303 -78.24 -12.28 -11.53
C GLU E 303 -79.01 -13.26 -12.42
N VAL E 304 -78.55 -13.47 -13.65
CA VAL E 304 -79.20 -14.44 -14.52
C VAL E 304 -78.99 -15.86 -13.98
N LEU E 305 -77.75 -16.15 -13.54
CA LEU E 305 -77.48 -17.47 -12.97
C LEU E 305 -78.38 -17.74 -11.76
N GLU E 306 -78.55 -16.75 -10.88
CA GLU E 306 -79.35 -16.98 -9.68
C GLU E 306 -80.85 -16.99 -9.97
N GLU E 307 -81.33 -16.03 -10.74
CA GLU E 307 -82.77 -15.87 -10.96
C GLU E 307 -83.37 -17.09 -11.64
N GLU E 308 -82.71 -17.58 -12.69
CA GLU E 308 -83.26 -18.66 -13.50
C GLU E 308 -82.90 -20.05 -12.97
N ASN E 309 -82.27 -20.14 -11.79
CA ASN E 309 -81.98 -21.40 -11.14
C ASN E 309 -81.27 -22.37 -12.08
N LEU E 310 -80.26 -21.86 -12.79
CA LEU E 310 -79.62 -22.66 -13.82
C LEU E 310 -78.78 -23.80 -13.24
N ALA E 311 -78.35 -23.70 -11.98
CA ALA E 311 -77.60 -24.80 -11.38
C ALA E 311 -78.45 -26.05 -11.25
N GLU E 312 -79.69 -25.91 -10.78
CA GLU E 312 -80.59 -27.06 -10.66
C GLU E 312 -80.92 -27.64 -12.02
N ASN E 313 -81.16 -26.77 -13.01
CA ASN E 313 -81.40 -27.24 -14.37
C ASN E 313 -80.20 -28.01 -14.89
N ALA E 314 -78.99 -27.51 -14.63
CA ALA E 314 -77.78 -28.21 -15.05
C ALA E 314 -77.71 -29.58 -14.40
N ASP E 315 -78.00 -29.66 -13.10
CA ASP E 315 -77.95 -30.95 -12.39
C ASP E 315 -78.92 -31.95 -13.01
N LYS E 316 -80.20 -31.57 -13.14
CA LYS E 316 -81.21 -32.50 -13.64
C LYS E 316 -80.94 -32.90 -15.08
N LEU E 317 -80.69 -31.92 -15.95
CA LEU E 317 -80.47 -32.23 -17.35
C LEU E 317 -79.16 -32.97 -17.57
N GLY E 318 -78.18 -32.79 -16.68
CA GLY E 318 -76.95 -33.57 -16.78
C GLY E 318 -77.16 -35.02 -16.39
N ILE E 319 -78.01 -35.26 -15.39
CA ILE E 319 -78.45 -36.62 -15.11
C ILE E 319 -79.02 -37.24 -16.39
N ILE E 320 -79.96 -36.53 -17.02
CA ILE E 320 -80.60 -37.06 -18.22
C ILE E 320 -79.57 -37.29 -19.34
N LEU E 321 -78.65 -36.33 -19.52
CA LEU E 321 -77.68 -36.42 -20.61
C LEU E 321 -76.75 -37.61 -20.43
N ARG E 322 -76.21 -37.79 -19.23
CA ARG E 322 -75.31 -38.92 -19.00
C ARG E 322 -76.05 -40.25 -19.10
N ASN E 323 -77.28 -40.31 -18.60
CA ASN E 323 -78.04 -41.54 -18.70
C ASN E 323 -78.28 -41.92 -20.16
N GLU E 324 -78.64 -40.95 -21.00
CA GLU E 324 -78.86 -41.28 -22.41
C GLU E 324 -77.56 -41.58 -23.12
N LEU E 325 -76.47 -40.90 -22.75
CA LEU E 325 -75.18 -41.17 -23.39
C LEU E 325 -74.68 -42.57 -23.09
N MET E 326 -74.92 -43.06 -21.86
CA MET E 326 -74.45 -44.39 -21.50
C MET E 326 -75.21 -45.50 -22.23
N LYS E 327 -76.29 -45.18 -22.94
CA LYS E 327 -76.99 -46.18 -23.73
C LYS E 327 -76.27 -46.50 -25.04
N LEU E 328 -75.35 -45.65 -25.48
CA LEU E 328 -74.59 -45.91 -26.69
C LEU E 328 -73.74 -47.18 -26.50
N PRO E 329 -73.48 -47.91 -27.58
CA PRO E 329 -72.81 -49.21 -27.44
C PRO E 329 -71.41 -49.09 -26.85
N SER E 330 -71.12 -49.97 -25.89
CA SER E 330 -69.80 -50.01 -25.26
C SER E 330 -68.69 -50.30 -26.26
N ASP E 331 -69.01 -50.96 -27.38
CA ASP E 331 -68.01 -51.22 -28.40
C ASP E 331 -67.46 -49.95 -29.01
N VAL E 332 -68.16 -48.83 -28.86
CA VAL E 332 -67.87 -47.59 -29.57
C VAL E 332 -67.59 -46.44 -28.62
N VAL E 333 -68.40 -46.29 -27.59
CA VAL E 333 -68.18 -45.28 -26.55
C VAL E 333 -67.69 -46.01 -25.31
N THR E 334 -66.39 -45.86 -25.00
CA THR E 334 -65.83 -46.58 -23.88
C THR E 334 -66.06 -45.88 -22.55
N ALA E 335 -66.40 -44.59 -22.54
CA ALA E 335 -66.61 -43.94 -21.25
C ALA E 335 -67.56 -42.75 -21.38
N VAL E 336 -68.31 -42.51 -20.30
CA VAL E 336 -69.11 -41.31 -20.13
C VAL E 336 -68.78 -40.74 -18.75
N ARG E 337 -68.51 -39.43 -18.69
CA ARG E 337 -68.21 -38.83 -17.39
C ARG E 337 -68.62 -37.37 -17.39
N GLY E 338 -68.74 -36.81 -16.20
CA GLY E 338 -69.04 -35.41 -16.05
C GLY E 338 -69.92 -35.15 -14.84
N LYS E 339 -70.14 -33.87 -14.59
CA LYS E 339 -71.04 -33.42 -13.54
C LYS E 339 -71.88 -32.27 -14.08
N GLY E 340 -73.14 -32.22 -13.66
CA GLY E 340 -74.05 -31.22 -14.21
C GLY E 340 -74.03 -31.27 -15.71
N LEU E 341 -73.92 -30.10 -16.35
CA LEU E 341 -73.86 -30.01 -17.80
C LEU E 341 -72.43 -29.85 -18.31
N LEU E 342 -71.46 -30.37 -17.59
CA LEU E 342 -70.08 -30.49 -18.06
C LEU E 342 -69.79 -31.98 -18.21
N ASN E 343 -69.82 -32.49 -19.43
CA ASN E 343 -69.68 -33.93 -19.64
C ASN E 343 -68.75 -34.18 -20.82
N ALA E 344 -68.31 -35.44 -20.91
CA ALA E 344 -67.47 -35.88 -22.01
C ALA E 344 -67.68 -37.37 -22.24
N ILE E 345 -67.54 -37.78 -23.48
CA ILE E 345 -67.52 -39.18 -23.85
C ILE E 345 -66.13 -39.53 -24.39
N VAL E 346 -65.73 -40.77 -24.13
CA VAL E 346 -64.51 -41.36 -24.65
C VAL E 346 -64.92 -42.47 -25.60
N ILE E 347 -64.49 -42.34 -26.86
CA ILE E 347 -64.85 -43.26 -27.92
C ILE E 347 -63.69 -44.21 -28.16
N LYS E 348 -64.01 -45.37 -28.74
CA LYS E 348 -63.01 -46.39 -29.07
C LYS E 348 -62.30 -45.96 -30.36
N GLU E 349 -61.36 -45.03 -30.21
CA GLU E 349 -60.61 -44.52 -31.35
C GLU E 349 -59.83 -45.65 -32.02
N THR E 350 -60.09 -45.87 -33.29
CA THR E 350 -59.33 -46.81 -34.10
C THR E 350 -58.29 -46.04 -34.91
N LYS E 351 -57.57 -46.77 -35.76
CA LYS E 351 -56.63 -46.11 -36.67
C LYS E 351 -57.37 -45.28 -37.72
N ASP E 352 -58.61 -45.63 -38.03
CA ASP E 352 -59.38 -45.02 -39.10
C ASP E 352 -60.48 -44.10 -38.60
N TRP E 353 -60.70 -44.01 -37.30
CA TRP E 353 -61.90 -43.37 -36.76
C TRP E 353 -61.55 -42.70 -35.44
N ASP E 354 -61.77 -41.39 -35.35
CA ASP E 354 -61.37 -40.62 -34.17
C ASP E 354 -62.44 -39.58 -33.87
N ALA E 355 -62.17 -38.80 -32.82
CA ALA E 355 -63.15 -37.81 -32.34
C ALA E 355 -63.37 -36.69 -33.34
N TRP E 356 -62.36 -36.35 -34.14
CA TRP E 356 -62.48 -35.25 -35.08
C TRP E 356 -63.51 -35.56 -36.15
N LYS E 357 -63.48 -36.77 -36.70
CA LYS E 357 -64.46 -37.16 -37.71
C LYS E 357 -65.86 -37.20 -37.10
N VAL E 358 -65.97 -37.65 -35.85
CA VAL E 358 -67.26 -37.66 -35.18
C VAL E 358 -67.79 -36.23 -35.03
N CYS E 359 -66.93 -35.29 -34.68
CA CYS E 359 -67.38 -33.90 -34.54
C CYS E 359 -67.72 -33.27 -35.89
N LEU E 360 -66.99 -33.64 -36.95
CA LEU E 360 -67.38 -33.18 -38.28
C LEU E 360 -68.77 -33.67 -38.64
N ARG E 361 -69.07 -34.95 -38.38
CA ARG E 361 -70.39 -35.46 -38.70
C ARG E 361 -71.47 -34.88 -37.78
N LEU E 362 -71.13 -34.63 -36.51
CA LEU E 362 -72.05 -33.93 -35.63
C LEU E 362 -72.40 -32.56 -36.20
N ARG E 363 -71.40 -31.80 -36.63
CA ARG E 363 -71.63 -30.54 -37.31
C ARG E 363 -72.56 -30.73 -38.50
N ASP E 364 -72.31 -31.77 -39.31
CA ASP E 364 -73.19 -32.06 -40.45
C ASP E 364 -74.63 -32.25 -40.00
N ASN E 365 -74.84 -32.86 -38.84
CA ASN E 365 -76.17 -33.17 -38.35
C ASN E 365 -76.72 -32.10 -37.40
N GLY E 366 -76.06 -30.95 -37.29
CA GLY E 366 -76.62 -29.82 -36.58
C GLY E 366 -76.19 -29.66 -35.14
N LEU E 367 -75.05 -30.23 -34.74
CA LEU E 367 -74.57 -30.11 -33.36
C LEU E 367 -73.09 -29.77 -33.39
N LEU E 368 -72.70 -28.76 -32.62
CA LEU E 368 -71.32 -28.30 -32.57
C LEU E 368 -70.67 -28.77 -31.27
N ALA E 369 -69.63 -29.58 -31.41
CA ALA E 369 -68.86 -30.08 -30.27
C ALA E 369 -67.38 -30.03 -30.64
N LYS E 370 -66.54 -30.02 -29.60
CA LYS E 370 -65.11 -29.92 -29.78
C LYS E 370 -64.42 -31.19 -29.30
N PRO E 371 -63.59 -31.82 -30.12
CA PRO E 371 -62.78 -32.95 -29.64
C PRO E 371 -61.56 -32.42 -28.91
N THR E 372 -61.29 -32.99 -27.72
CA THR E 372 -60.17 -32.52 -26.92
C THR E 372 -58.90 -33.33 -27.13
N HIS E 373 -59.02 -34.63 -27.37
CA HIS E 373 -57.92 -35.44 -27.87
C HIS E 373 -58.48 -36.35 -28.96
N GLY E 374 -57.69 -37.32 -29.39
CA GLY E 374 -58.12 -38.21 -30.46
C GLY E 374 -59.35 -39.03 -30.11
N ASP E 375 -59.71 -39.11 -28.83
CA ASP E 375 -60.80 -39.98 -28.38
C ASP E 375 -61.78 -39.31 -27.44
N ILE E 376 -61.62 -38.03 -27.13
CA ILE E 376 -62.47 -37.33 -26.17
C ILE E 376 -63.35 -36.34 -26.91
N ILE E 377 -64.66 -36.36 -26.61
CA ILE E 377 -65.58 -35.36 -27.14
C ILE E 377 -66.37 -34.78 -25.97
N ARG E 378 -66.30 -33.46 -25.81
CA ARG E 378 -67.02 -32.78 -24.74
C ARG E 378 -68.45 -32.45 -25.15
N PHE E 379 -69.37 -32.57 -24.20
CA PHE E 379 -70.74 -32.14 -24.36
C PHE E 379 -71.07 -31.19 -23.20
N ALA E 380 -71.32 -29.94 -23.54
CA ALA E 380 -71.59 -28.90 -22.55
C ALA E 380 -72.47 -27.82 -23.19
N PRO E 381 -73.77 -28.07 -23.28
CA PRO E 381 -74.67 -27.05 -23.83
C PRO E 381 -74.93 -25.96 -22.81
N PRO E 382 -75.45 -24.81 -23.24
CA PRO E 382 -75.74 -23.75 -22.27
C PRO E 382 -76.79 -24.20 -21.26
N LEU E 383 -76.71 -23.64 -20.06
CA LEU E 383 -77.55 -24.09 -18.95
C LEU E 383 -79.01 -23.67 -19.11
N VAL E 384 -79.32 -22.80 -20.08
CA VAL E 384 -80.71 -22.42 -20.34
C VAL E 384 -81.43 -23.42 -21.21
N ILE E 385 -80.77 -24.50 -21.62
CA ILE E 385 -81.41 -25.49 -22.47
C ILE E 385 -82.55 -26.18 -21.70
N LYS E 386 -83.58 -26.55 -22.42
CA LYS E 386 -84.73 -27.24 -21.85
C LYS E 386 -84.68 -28.73 -22.20
N GLU E 387 -85.52 -29.51 -21.52
CA GLU E 387 -85.39 -30.97 -21.61
C GLU E 387 -85.70 -31.47 -23.02
N ASP E 388 -86.71 -30.91 -23.69
CA ASP E 388 -87.02 -31.37 -25.03
C ASP E 388 -85.93 -30.98 -26.02
N GLU E 389 -85.39 -29.77 -25.88
CA GLU E 389 -84.23 -29.37 -26.68
C GLU E 389 -83.06 -30.31 -26.44
N LEU E 390 -82.81 -30.66 -25.17
CA LEU E 390 -81.73 -31.58 -24.84
C LEU E 390 -81.97 -32.95 -25.46
N ARG E 391 -83.21 -33.41 -25.47
CA ARG E 391 -83.49 -34.74 -26.02
C ARG E 391 -83.37 -34.75 -27.54
N GLU E 392 -83.73 -33.64 -28.20
CA GLU E 392 -83.48 -33.56 -29.64
C GLU E 392 -81.97 -33.54 -29.93
N SER E 393 -81.19 -32.84 -29.10
CA SER E 393 -79.75 -32.87 -29.27
C SER E 393 -79.19 -34.27 -29.06
N ILE E 394 -79.68 -34.96 -28.04
CA ILE E 394 -79.28 -36.35 -27.81
C ILE E 394 -79.64 -37.22 -28.99
N GLU E 395 -80.79 -36.93 -29.63
CA GLU E 395 -81.16 -37.65 -30.85
C GLU E 395 -80.14 -37.41 -31.95
N ILE E 396 -79.68 -36.17 -32.10
CA ILE E 396 -78.62 -35.87 -33.07
C ILE E 396 -77.35 -36.66 -32.74
N ILE E 397 -76.99 -36.71 -31.46
CA ILE E 397 -75.79 -37.43 -31.05
C ILE E 397 -75.91 -38.92 -31.36
N ASN E 398 -77.07 -39.50 -31.05
CA ASN E 398 -77.32 -40.91 -31.34
C ASN E 398 -77.22 -41.18 -32.84
N LYS E 399 -77.91 -40.36 -33.63
CA LYS E 399 -77.84 -40.48 -35.08
C LYS E 399 -76.40 -40.48 -35.56
N THR E 400 -75.60 -39.54 -35.06
CA THR E 400 -74.23 -39.43 -35.52
C THR E 400 -73.38 -40.63 -35.11
N ILE E 401 -73.40 -40.99 -33.82
CA ILE E 401 -72.56 -42.08 -33.34
C ILE E 401 -72.96 -43.39 -34.01
N LEU E 402 -74.26 -43.66 -34.10
CA LEU E 402 -74.74 -44.87 -34.75
C LEU E 402 -74.66 -44.81 -36.27
N SER E 403 -74.29 -43.65 -36.84
CA SER E 403 -74.13 -43.56 -38.29
C SER E 403 -72.79 -44.10 -38.77
N PHE E 404 -71.88 -44.46 -37.87
CA PHE E 404 -70.60 -45.01 -38.26
C PHE E 404 -70.65 -46.54 -38.29
N GLY F 1 -81.57 7.14 -1.62
CA GLY F 1 -80.63 8.07 -2.23
C GLY F 1 -79.41 7.38 -2.82
N PRO F 2 -78.87 7.95 -3.89
CA PRO F 2 -77.73 7.33 -4.56
C PRO F 2 -76.45 7.53 -3.77
N PRO F 3 -75.48 6.64 -3.91
CA PRO F 3 -74.24 6.78 -3.12
C PRO F 3 -73.44 8.01 -3.53
N THR F 4 -72.91 8.70 -2.53
CA THR F 4 -72.00 9.81 -2.74
C THR F 4 -70.60 9.28 -3.06
N SER F 5 -69.65 10.21 -3.28
CA SER F 5 -68.28 9.79 -3.55
C SER F 5 -67.69 9.06 -2.35
N ASP F 6 -67.90 9.58 -1.14
CA ASP F 6 -67.38 8.94 0.06
C ASP F 6 -67.95 7.53 0.24
N ASP F 7 -69.26 7.37 -0.04
CA ASP F 7 -69.86 6.05 0.02
C ASP F 7 -69.16 5.09 -0.94
N ILE F 8 -68.87 5.54 -2.16
CA ILE F 8 -68.20 4.71 -3.14
C ILE F 8 -66.81 4.30 -2.64
N PHE F 9 -66.05 5.28 -2.14
CA PHE F 9 -64.72 4.99 -1.61
C PHE F 9 -64.78 3.94 -0.50
N GLU F 10 -65.68 4.13 0.46
CA GLU F 10 -65.76 3.23 1.60
C GLU F 10 -66.23 1.83 1.19
N ARG F 11 -67.16 1.76 0.24
CA ARG F 11 -67.64 0.46 -0.21
C ARG F 11 -66.54 -0.33 -0.89
N GLU F 12 -65.78 0.32 -1.79
CA GLU F 12 -64.66 -0.36 -2.41
C GLU F 12 -63.61 -0.75 -1.38
N TYR F 13 -63.36 0.11 -0.40
CA TYR F 13 -62.41 -0.23 0.66
C TYR F 13 -62.86 -1.49 1.40
N LYS F 14 -64.16 -1.63 1.61
CA LYS F 14 -64.67 -2.78 2.37
C LYS F 14 -64.60 -4.06 1.55
N TYR F 15 -65.04 -4.03 0.30
CA TYR F 15 -65.28 -5.26 -0.43
C TYR F 15 -64.27 -5.55 -1.54
N GLY F 16 -63.35 -4.64 -1.82
CA GLY F 16 -62.38 -4.87 -2.88
C GLY F 16 -60.95 -4.95 -2.38
N ALA F 17 -60.09 -5.60 -3.14
CA ALA F 17 -58.67 -5.63 -2.81
C ALA F 17 -58.11 -4.21 -2.75
N HIS F 18 -57.06 -4.04 -1.94
CA HIS F 18 -56.39 -2.75 -1.81
C HIS F 18 -55.16 -2.64 -2.69
N ASN F 19 -55.24 -3.13 -3.94
CA ASN F 19 -54.09 -3.06 -4.83
C ASN F 19 -53.93 -1.71 -5.51
N TYR F 20 -54.86 -0.78 -5.32
CA TYR F 20 -54.76 0.56 -5.88
C TYR F 20 -55.01 1.60 -4.80
N HIS F 21 -54.47 2.79 -5.04
CA HIS F 21 -54.76 3.99 -4.24
C HIS F 21 -55.15 5.08 -5.22
N PRO F 22 -56.39 5.07 -5.71
CA PRO F 22 -56.77 6.01 -6.76
C PRO F 22 -56.94 7.43 -6.23
N LEU F 23 -56.91 8.38 -7.15
CA LEU F 23 -57.24 9.76 -6.80
C LEU F 23 -58.69 9.83 -6.34
N PRO F 24 -58.99 10.47 -5.20
CA PRO F 24 -60.36 10.46 -4.67
C PRO F 24 -61.35 11.19 -5.54
N VAL F 25 -61.84 10.53 -6.59
CA VAL F 25 -62.90 11.06 -7.45
C VAL F 25 -63.68 9.88 -8.01
N ALA F 26 -65.00 10.00 -7.99
CA ALA F 26 -65.90 8.88 -8.32
C ALA F 26 -66.68 9.23 -9.57
N LEU F 27 -66.20 8.77 -10.73
CA LEU F 27 -66.82 9.08 -12.00
C LEU F 27 -67.97 8.12 -12.32
N GLU F 28 -69.02 8.65 -12.94
CA GLU F 28 -70.13 7.84 -13.39
C GLU F 28 -70.50 8.05 -14.86
N ARG F 29 -69.98 9.08 -15.52
CA ARG F 29 -70.29 9.34 -16.91
C ARG F 29 -69.07 9.92 -17.60
N GLY F 30 -68.96 9.65 -18.91
CA GLY F 30 -67.89 10.22 -19.71
C GLY F 30 -68.27 10.28 -21.18
N LYS F 31 -67.92 11.38 -21.84
CA LYS F 31 -68.16 11.50 -23.28
C LYS F 31 -67.11 12.43 -23.87
N GLY F 32 -66.44 11.96 -24.92
CA GLY F 32 -65.39 12.76 -25.54
C GLY F 32 -64.27 13.00 -24.56
N ILE F 33 -64.00 14.28 -24.28
CA ILE F 33 -62.88 14.66 -23.42
C ILE F 33 -63.29 14.82 -21.97
N TYR F 34 -64.55 14.64 -21.63
CA TYR F 34 -65.08 15.01 -20.33
C TYR F 34 -65.49 13.80 -19.50
N LEU F 35 -65.39 13.95 -18.17
CA LEU F 35 -65.86 12.97 -17.20
C LEU F 35 -66.70 13.69 -16.15
N TRP F 36 -67.78 13.04 -15.71
CA TRP F 36 -68.66 13.57 -14.69
C TRP F 36 -68.65 12.63 -13.48
N ASP F 37 -68.63 13.22 -12.28
CA ASP F 37 -68.65 12.41 -11.07
C ASP F 37 -70.08 12.31 -10.54
N VAL F 38 -70.26 11.56 -9.44
CA VAL F 38 -71.60 11.27 -8.95
C VAL F 38 -72.26 12.49 -8.33
N GLU F 39 -71.50 13.52 -8.00
CA GLU F 39 -72.08 14.79 -7.55
C GLU F 39 -72.46 15.71 -8.71
N GLY F 40 -72.13 15.33 -9.94
CA GLY F 40 -72.46 16.13 -11.10
C GLY F 40 -71.33 17.00 -11.61
N ARG F 41 -70.18 17.00 -10.95
CA ARG F 41 -69.08 17.86 -11.36
C ARG F 41 -68.42 17.33 -12.62
N LYS F 42 -67.95 18.25 -13.45
CA LYS F 42 -67.44 17.96 -14.80
C LYS F 42 -65.95 18.23 -14.85
N TYR F 43 -65.20 17.30 -15.45
CA TYR F 43 -63.74 17.36 -15.48
C TYR F 43 -63.23 17.14 -16.90
N PHE F 44 -62.06 17.72 -17.19
CA PHE F 44 -61.27 17.32 -18.35
C PHE F 44 -60.52 16.04 -18.01
N ASP F 45 -60.57 15.06 -18.91
CA ASP F 45 -59.80 13.83 -18.74
C ASP F 45 -58.44 14.02 -19.40
N PHE F 46 -57.41 14.21 -18.58
CA PHE F 46 -56.05 14.34 -19.07
C PHE F 46 -55.20 13.10 -18.79
N LEU F 47 -55.85 11.96 -18.60
CA LEU F 47 -55.18 10.67 -18.55
C LEU F 47 -55.58 9.75 -19.69
N SER F 48 -56.82 9.86 -20.18
CA SER F 48 -57.31 9.06 -21.30
C SER F 48 -57.20 7.57 -21.03
N SER F 49 -57.32 7.18 -19.76
CA SER F 49 -57.21 5.78 -19.34
C SER F 49 -55.94 5.14 -19.91
N TYR F 50 -54.83 5.88 -19.84
CA TYR F 50 -53.53 5.44 -20.31
C TYR F 50 -53.54 5.17 -21.81
N SER F 51 -54.28 6.00 -22.55
CA SER F 51 -54.44 6.04 -24.01
C SER F 51 -55.51 5.09 -24.51
N ALA F 52 -56.23 4.38 -23.63
CA ALA F 52 -57.29 3.50 -24.11
C ALA F 52 -58.43 4.27 -24.76
N VAL F 53 -58.67 5.51 -24.32
CA VAL F 53 -59.71 6.32 -24.95
C VAL F 53 -59.07 7.50 -25.69
N ASN F 54 -58.10 7.19 -26.55
CA ASN F 54 -57.60 8.19 -27.49
C ASN F 54 -58.74 8.83 -28.27
N GLN F 55 -59.71 8.01 -28.67
CA GLN F 55 -60.88 8.47 -29.42
C GLN F 55 -61.89 9.19 -28.55
N GLY F 56 -61.59 9.44 -27.28
CA GLY F 56 -62.55 10.00 -26.36
C GLY F 56 -63.47 8.95 -25.80
N HIS F 57 -64.09 9.28 -24.65
CA HIS F 57 -65.00 8.35 -24.00
C HIS F 57 -66.25 8.15 -24.84
N CYS F 58 -66.61 6.88 -25.05
CA CYS F 58 -67.87 6.49 -25.69
C CYS F 58 -68.03 7.16 -27.05
N HIS F 59 -67.07 6.93 -27.93
CA HIS F 59 -67.15 7.47 -29.27
C HIS F 59 -68.34 6.84 -30.00
N PRO F 60 -69.21 7.63 -30.60
CA PRO F 60 -70.47 7.07 -31.13
C PRO F 60 -70.28 5.99 -32.18
N LYS F 61 -69.25 6.08 -33.02
CA LYS F 61 -69.03 5.03 -34.02
C LYS F 61 -68.67 3.70 -33.36
N ILE F 62 -67.76 3.74 -32.38
CA ILE F 62 -67.36 2.52 -31.68
C ILE F 62 -68.51 1.98 -30.85
N VAL F 63 -69.26 2.87 -30.20
CA VAL F 63 -70.43 2.43 -29.42
C VAL F 63 -71.45 1.75 -30.32
N ASN F 64 -71.67 2.31 -31.51
CA ASN F 64 -72.61 1.71 -32.45
C ASN F 64 -72.10 0.36 -32.95
N ALA F 65 -70.79 0.24 -33.18
CA ALA F 65 -70.24 -1.05 -33.55
C ALA F 65 -70.51 -2.09 -32.47
N LEU F 66 -70.26 -1.72 -31.20
CA LEU F 66 -70.52 -2.63 -30.10
C LEU F 66 -71.99 -3.03 -30.02
N LYS F 67 -72.88 -2.04 -30.07
CA LYS F 67 -74.31 -2.33 -29.96
C LYS F 67 -74.80 -3.19 -31.11
N SER F 68 -74.29 -2.95 -32.31
CA SER F 68 -74.71 -3.74 -33.47
C SER F 68 -74.22 -5.17 -33.35
N GLN F 69 -72.96 -5.37 -32.97
CA GLN F 69 -72.43 -6.73 -32.92
C GLN F 69 -73.00 -7.52 -31.75
N VAL F 70 -73.32 -6.87 -30.64
CA VAL F 70 -73.80 -7.62 -29.48
C VAL F 70 -75.19 -8.21 -29.74
N ASP F 71 -75.93 -7.67 -30.71
CA ASP F 71 -77.20 -8.25 -31.11
C ASP F 71 -77.05 -9.48 -32.00
N LYS F 72 -75.84 -9.72 -32.52
CA LYS F 72 -75.60 -10.83 -33.45
C LYS F 72 -74.92 -12.01 -32.76
N LEU F 73 -73.71 -11.78 -32.21
CA LEU F 73 -72.86 -12.84 -31.72
C LEU F 73 -71.68 -12.21 -31.01
N THR F 74 -71.32 -12.74 -29.85
CA THR F 74 -70.23 -12.16 -29.06
C THR F 74 -69.06 -13.10 -28.82
N LEU F 75 -69.29 -14.41 -28.73
CA LEU F 75 -68.19 -15.32 -28.41
C LEU F 75 -68.55 -16.73 -28.86
N THR F 76 -67.70 -17.31 -29.71
CA THR F 76 -67.82 -18.71 -30.09
C THR F 76 -66.72 -19.57 -29.50
N SER F 77 -65.68 -18.95 -28.94
CA SER F 77 -64.37 -19.55 -28.67
C SER F 77 -63.68 -19.86 -29.99
N ARG F 78 -62.38 -20.12 -29.94
CA ARG F 78 -61.62 -20.41 -31.15
C ARG F 78 -61.73 -21.86 -31.58
N ALA F 79 -62.56 -22.66 -30.91
CA ALA F 79 -62.86 -24.00 -31.41
C ALA F 79 -63.61 -23.96 -32.73
N PHE F 80 -64.27 -22.84 -33.03
CA PHE F 80 -64.94 -22.62 -34.30
C PHE F 80 -64.50 -21.28 -34.87
N TYR F 81 -64.83 -21.07 -36.15
CA TYR F 81 -64.61 -19.77 -36.78
C TYR F 81 -65.82 -18.86 -36.54
N ASN F 82 -65.54 -17.57 -36.39
CA ASN F 82 -66.57 -16.55 -36.53
C ASN F 82 -66.26 -15.71 -37.76
N ASN F 83 -67.28 -15.04 -38.27
CA ASN F 83 -67.14 -14.34 -39.55
C ASN F 83 -66.41 -13.01 -39.45
N VAL F 84 -66.18 -12.50 -38.24
CA VAL F 84 -65.64 -11.15 -38.09
C VAL F 84 -64.11 -11.13 -38.00
N LEU F 85 -63.51 -12.18 -37.43
CA LEU F 85 -62.08 -12.14 -37.10
C LEU F 85 -61.22 -11.92 -38.34
N GLY F 86 -61.49 -12.67 -39.41
CA GLY F 86 -60.65 -12.56 -40.61
C GLY F 86 -60.70 -11.18 -41.24
N GLU F 87 -61.86 -10.54 -41.23
CA GLU F 87 -61.98 -9.19 -41.77
C GLU F 87 -61.11 -8.21 -40.99
N TYR F 88 -61.20 -8.26 -39.65
CA TYR F 88 -60.36 -7.41 -38.81
C TYR F 88 -58.88 -7.70 -39.02
N GLU F 89 -58.53 -8.98 -39.17
CA GLU F 89 -57.14 -9.34 -39.36
C GLU F 89 -56.59 -8.76 -40.66
N GLU F 90 -57.31 -8.97 -41.77
CA GLU F 90 -56.91 -8.37 -43.04
C GLU F 90 -56.76 -6.85 -42.89
N TYR F 91 -57.75 -6.21 -42.26
CA TYR F 91 -57.71 -4.76 -42.09
C TYR F 91 -56.43 -4.32 -41.37
N ILE F 92 -56.17 -4.87 -40.18
CA ILE F 92 -55.09 -4.34 -39.36
C ILE F 92 -53.73 -4.70 -39.95
N THR F 93 -53.60 -5.91 -40.54
CA THR F 93 -52.31 -6.26 -41.12
C THR F 93 -52.00 -5.39 -42.33
N LYS F 94 -52.99 -5.11 -43.18
CA LYS F 94 -52.72 -4.22 -44.30
C LYS F 94 -52.47 -2.79 -43.82
N LEU F 95 -53.10 -2.40 -42.70
CA LEU F 95 -52.89 -1.06 -42.17
C LEU F 95 -51.45 -0.87 -41.70
N PHE F 96 -50.90 -1.84 -40.97
CA PHE F 96 -49.55 -1.71 -40.44
C PHE F 96 -48.49 -2.42 -41.27
N ASN F 97 -48.89 -3.11 -42.35
CA ASN F 97 -47.96 -3.71 -43.30
C ASN F 97 -47.10 -4.80 -42.64
N TYR F 98 -47.76 -5.74 -41.97
CA TYR F 98 -47.16 -7.00 -41.56
C TYR F 98 -47.99 -8.14 -42.12
N HIS F 99 -47.38 -9.31 -42.22
CA HIS F 99 -48.07 -10.46 -42.82
C HIS F 99 -49.28 -10.87 -41.99
N LYS F 100 -49.13 -10.93 -40.67
CA LYS F 100 -50.14 -11.57 -39.84
C LYS F 100 -50.30 -10.85 -38.52
N VAL F 101 -51.42 -11.12 -37.86
CA VAL F 101 -51.71 -10.62 -36.53
C VAL F 101 -52.14 -11.79 -35.65
N LEU F 102 -51.79 -11.72 -34.38
CA LEU F 102 -52.26 -12.68 -33.39
C LEU F 102 -53.08 -11.92 -32.36
N PRO F 103 -54.39 -12.15 -32.25
CA PRO F 103 -55.21 -11.36 -31.34
C PRO F 103 -55.16 -11.88 -29.91
N MET F 104 -55.09 -10.94 -28.97
CA MET F 104 -55.22 -11.25 -27.55
C MET F 104 -56.17 -10.25 -26.92
N ASN F 105 -56.23 -10.21 -25.60
CA ASN F 105 -57.16 -9.33 -24.89
C ASN F 105 -56.47 -8.17 -24.19
N THR F 106 -55.49 -8.44 -23.34
CA THR F 106 -54.84 -7.41 -22.55
C THR F 106 -53.42 -7.16 -23.06
N GLY F 107 -52.85 -6.04 -22.63
CA GLY F 107 -51.50 -5.70 -23.07
C GLY F 107 -50.46 -6.70 -22.60
N VAL F 108 -50.59 -7.16 -21.35
CA VAL F 108 -49.60 -8.11 -20.84
C VAL F 108 -49.67 -9.44 -21.58
N GLU F 109 -50.86 -9.83 -22.03
CA GLU F 109 -50.97 -11.05 -22.84
C GLU F 109 -50.27 -10.89 -24.17
N ALA F 110 -50.36 -9.70 -24.78
CA ALA F 110 -49.62 -9.44 -26.01
C ALA F 110 -48.11 -9.51 -25.75
N GLY F 111 -47.65 -8.95 -24.64
CA GLY F 111 -46.22 -9.06 -24.31
C GLY F 111 -45.77 -10.49 -24.09
N GLU F 112 -46.58 -11.28 -23.37
CA GLU F 112 -46.24 -12.69 -23.15
C GLU F 112 -46.21 -13.45 -24.48
N THR F 113 -47.15 -13.15 -25.37
CA THR F 113 -47.15 -13.74 -26.70
C THR F 113 -45.87 -13.39 -27.44
N ALA F 114 -45.44 -12.13 -27.35
CA ALA F 114 -44.20 -11.73 -28.01
C ALA F 114 -43.00 -12.49 -27.45
N CYS F 115 -42.95 -12.67 -26.13
CA CYS F 115 -41.86 -13.42 -25.53
C CYS F 115 -41.86 -14.87 -26.00
N LYS F 116 -43.05 -15.48 -26.10
CA LYS F 116 -43.11 -16.86 -26.56
C LYS F 116 -42.72 -16.98 -28.03
N LEU F 117 -43.16 -16.04 -28.86
CA LEU F 117 -42.73 -16.03 -30.25
C LEU F 117 -41.21 -15.88 -30.36
N ALA F 118 -40.63 -14.99 -29.56
CA ALA F 118 -39.19 -14.76 -29.60
C ALA F 118 -38.42 -16.01 -29.21
N ARG F 119 -38.86 -16.68 -28.14
CA ARG F 119 -38.19 -17.90 -27.71
C ARG F 119 -38.34 -19.01 -28.76
N LYS F 120 -39.55 -19.21 -29.26
CA LYS F 120 -39.77 -20.28 -30.24
C LYS F 120 -38.98 -20.02 -31.52
N TRP F 121 -38.94 -18.76 -31.97
CA TRP F 121 -38.12 -18.40 -33.12
C TRP F 121 -36.64 -18.61 -32.84
N GLY F 122 -36.18 -18.26 -31.62
CA GLY F 122 -34.78 -18.46 -31.29
C GLY F 122 -34.38 -19.92 -31.31
N TYR F 123 -35.26 -20.80 -30.83
CA TYR F 123 -34.94 -22.23 -30.81
C TYR F 123 -35.06 -22.84 -32.21
N THR F 124 -36.09 -22.47 -32.96
CA THR F 124 -36.36 -23.17 -34.22
C THR F 124 -35.71 -22.53 -35.43
N VAL F 125 -35.45 -21.22 -35.42
CA VAL F 125 -34.84 -20.53 -36.55
C VAL F 125 -33.39 -20.14 -36.24
N LYS F 126 -33.16 -19.41 -35.14
CA LYS F 126 -31.80 -18.99 -34.84
C LYS F 126 -30.92 -20.15 -34.41
N GLY F 127 -31.49 -21.23 -33.89
CA GLY F 127 -30.71 -22.40 -33.51
C GLY F 127 -30.22 -22.42 -32.10
N ILE F 128 -30.78 -21.58 -31.22
CA ILE F 128 -30.41 -21.61 -29.81
C ILE F 128 -30.78 -22.96 -29.21
N GLN F 129 -29.91 -23.48 -28.35
CA GLN F 129 -30.21 -24.74 -27.67
C GLN F 129 -31.28 -24.52 -26.61
N LYS F 130 -32.25 -25.45 -26.55
CA LYS F 130 -33.27 -25.40 -25.51
C LYS F 130 -32.66 -25.78 -24.16
N TYR F 131 -32.89 -24.95 -23.13
CA TYR F 131 -33.66 -23.71 -23.22
C TYR F 131 -32.82 -22.50 -22.80
N LYS F 132 -31.92 -22.08 -23.67
CA LYS F 132 -30.94 -21.04 -23.35
C LYS F 132 -31.29 -19.66 -23.88
N ALA F 133 -32.45 -19.50 -24.53
CA ALA F 133 -32.78 -18.23 -25.14
C ALA F 133 -32.94 -17.14 -24.08
N LYS F 134 -32.41 -15.95 -24.39
CA LYS F 134 -32.55 -14.77 -23.55
C LYS F 134 -33.37 -13.72 -24.27
N ILE F 135 -34.09 -12.91 -23.49
CA ILE F 135 -34.73 -11.70 -23.98
C ILE F 135 -34.20 -10.53 -23.18
N VAL F 136 -33.85 -9.45 -23.87
CA VAL F 136 -33.28 -8.26 -23.24
C VAL F 136 -34.38 -7.21 -23.12
N PHE F 137 -34.43 -6.56 -21.96
CA PHE F 137 -35.38 -5.49 -21.68
C PHE F 137 -34.61 -4.26 -21.23
N ALA F 138 -35.30 -3.11 -21.28
CA ALA F 138 -34.73 -1.85 -20.84
C ALA F 138 -35.23 -1.51 -19.44
N ALA F 139 -34.31 -1.05 -18.59
CA ALA F 139 -34.70 -0.62 -17.25
C ALA F 139 -35.77 0.46 -17.32
N GLY F 140 -36.68 0.43 -16.35
CA GLY F 140 -37.83 1.31 -16.39
C GLY F 140 -38.98 0.80 -17.23
N ASN F 141 -38.85 -0.35 -17.89
CA ASN F 141 -39.93 -0.89 -18.69
C ASN F 141 -41.13 -1.25 -17.81
N PHE F 142 -42.32 -1.14 -18.39
CA PHE F 142 -43.52 -1.68 -17.77
C PHE F 142 -44.38 -2.30 -18.87
N TRP F 143 -44.67 -3.60 -18.75
CA TRP F 143 -45.59 -4.20 -19.70
C TRP F 143 -46.58 -5.16 -19.05
N GLY F 144 -46.81 -5.04 -17.75
CA GLY F 144 -47.87 -5.80 -17.11
C GLY F 144 -47.46 -6.29 -15.75
N ARG F 145 -48.32 -7.14 -15.17
CA ARG F 145 -48.17 -7.58 -13.80
C ARG F 145 -48.14 -9.10 -13.65
N THR F 146 -47.97 -9.84 -14.74
CA THR F 146 -47.75 -11.28 -14.62
C THR F 146 -46.38 -11.53 -13.98
N LEU F 147 -46.15 -12.79 -13.61
CA LEU F 147 -44.87 -13.16 -13.02
C LEU F 147 -43.72 -12.86 -13.99
N SER F 148 -43.90 -13.14 -15.28
CA SER F 148 -42.86 -12.83 -16.26
C SER F 148 -42.63 -11.33 -16.36
N ALA F 149 -43.70 -10.57 -16.54
CA ALA F 149 -43.58 -9.12 -16.74
C ALA F 149 -42.86 -8.47 -15.59
N ILE F 150 -43.19 -8.86 -14.35
CA ILE F 150 -42.49 -8.28 -13.21
C ILE F 150 -41.10 -8.86 -13.08
N SER F 151 -40.84 -10.03 -13.65
CA SER F 151 -39.48 -10.54 -13.67
C SER F 151 -38.56 -9.66 -14.51
N SER F 152 -39.11 -8.97 -15.51
CA SER F 152 -38.27 -8.05 -16.27
C SER F 152 -38.25 -6.63 -15.72
N SER F 153 -38.95 -6.35 -14.62
CA SER F 153 -39.06 -5.00 -14.10
C SER F 153 -37.87 -4.63 -13.22
N THR F 154 -37.53 -3.34 -13.22
CA THR F 154 -36.58 -2.79 -12.26
C THR F 154 -37.28 -2.03 -11.13
N ASP F 155 -38.61 -2.08 -11.09
CA ASP F 155 -39.38 -1.34 -10.09
C ASP F 155 -39.69 -2.28 -8.92
N PRO F 156 -39.16 -2.02 -7.72
CA PRO F 156 -39.41 -2.94 -6.60
C PRO F 156 -40.88 -3.12 -6.27
N THR F 157 -41.70 -2.08 -6.44
CA THR F 157 -43.13 -2.23 -6.19
CA THR F 157 -43.13 -2.26 -6.16
C THR F 157 -43.76 -3.29 -7.08
N SER F 158 -43.16 -3.55 -8.25
CA SER F 158 -43.69 -4.56 -9.15
C SER F 158 -43.29 -5.98 -8.72
N TYR F 159 -42.02 -6.18 -8.33
CA TYR F 159 -41.51 -7.53 -8.15
C TYR F 159 -41.24 -7.94 -6.70
N ASP F 160 -41.10 -6.99 -5.78
CA ASP F 160 -40.72 -7.35 -4.42
C ASP F 160 -41.82 -8.17 -3.76
N GLY F 161 -41.46 -9.35 -3.26
CA GLY F 161 -42.41 -10.23 -2.61
C GLY F 161 -43.11 -11.21 -3.52
N PHE F 162 -42.79 -11.22 -4.81
CA PHE F 162 -43.51 -12.05 -5.77
C PHE F 162 -42.64 -13.08 -6.46
N GLY F 163 -41.37 -13.25 -6.08
CA GLY F 163 -40.51 -14.24 -6.69
C GLY F 163 -40.79 -15.63 -6.19
N PRO F 164 -40.03 -16.62 -6.72
CA PRO F 164 -38.88 -16.48 -7.62
C PRO F 164 -39.27 -16.11 -9.05
N PHE F 165 -38.28 -15.67 -9.82
CA PHE F 165 -38.54 -14.95 -11.06
C PHE F 165 -38.15 -15.74 -12.28
N MET F 166 -38.73 -15.34 -13.41
CA MET F 166 -38.49 -15.99 -14.69
C MET F 166 -37.03 -15.85 -15.10
N PRO F 167 -36.34 -16.95 -15.40
CA PRO F 167 -34.98 -16.84 -15.94
C PRO F 167 -34.99 -16.43 -17.40
N GLY F 168 -33.81 -16.03 -17.88
CA GLY F 168 -33.66 -15.67 -19.28
C GLY F 168 -34.05 -14.25 -19.63
N PHE F 169 -34.32 -13.40 -18.64
CA PHE F 169 -34.65 -11.99 -18.86
C PHE F 169 -33.48 -11.15 -18.37
N ASP F 170 -32.87 -10.38 -19.27
CA ASP F 170 -31.77 -9.50 -18.92
C ASP F 170 -32.16 -8.05 -19.14
N ILE F 171 -31.56 -7.17 -18.35
CA ILE F 171 -31.96 -5.76 -18.30
C ILE F 171 -30.75 -4.89 -18.58
N ILE F 172 -30.92 -3.94 -19.48
CA ILE F 172 -29.91 -2.92 -19.78
C ILE F 172 -30.56 -1.57 -19.59
N PRO F 173 -29.76 -0.50 -19.48
CA PRO F 173 -30.35 0.84 -19.41
C PRO F 173 -31.14 1.17 -20.65
N TYR F 174 -32.19 1.98 -20.47
CA TYR F 174 -32.92 2.56 -21.57
C TYR F 174 -32.07 3.63 -22.26
N ASN F 175 -32.37 3.88 -23.54
CA ASN F 175 -31.75 4.98 -24.29
C ASN F 175 -30.23 4.85 -24.30
N ASP F 176 -29.74 3.62 -24.47
CA ASP F 176 -28.31 3.29 -24.30
C ASP F 176 -27.91 2.29 -25.39
N LEU F 177 -27.42 2.81 -26.52
CA LEU F 177 -27.04 1.96 -27.63
C LEU F 177 -25.77 1.15 -27.35
N PRO F 178 -24.72 1.74 -26.75
CA PRO F 178 -23.56 0.89 -26.37
C PRO F 178 -23.93 -0.29 -25.48
N ALA F 179 -24.88 -0.10 -24.56
CA ALA F 179 -25.28 -1.22 -23.69
C ALA F 179 -26.02 -2.29 -24.47
N LEU F 180 -26.88 -1.90 -25.42
CA LEU F 180 -27.54 -2.90 -26.25
C LEU F 180 -26.53 -3.64 -27.10
N GLU F 181 -25.58 -2.91 -27.68
CA GLU F 181 -24.54 -3.56 -28.48
C GLU F 181 -23.73 -4.54 -27.66
N ARG F 182 -23.44 -4.19 -26.40
CA ARG F 182 -22.74 -5.13 -25.52
C ARG F 182 -23.60 -6.35 -25.22
N ALA F 183 -24.90 -6.14 -24.97
CA ALA F 183 -25.77 -7.25 -24.62
C ALA F 183 -25.94 -8.22 -25.78
N LEU F 184 -25.99 -7.71 -27.01
CA LEU F 184 -26.31 -8.56 -28.16
C LEU F 184 -25.10 -9.35 -28.67
N GLN F 185 -23.95 -9.27 -27.99
CA GLN F 185 -22.83 -10.14 -28.34
C GLN F 185 -23.12 -11.60 -28.01
N ASP F 186 -24.04 -11.86 -27.09
CA ASP F 186 -24.41 -13.23 -26.71
C ASP F 186 -25.35 -13.81 -27.75
N PRO F 187 -24.92 -14.84 -28.48
CA PRO F 187 -25.78 -15.42 -29.53
C PRO F 187 -27.02 -16.12 -28.98
N ASN F 188 -27.11 -16.33 -27.67
CA ASN F 188 -28.33 -16.89 -27.09
C ASN F 188 -29.41 -15.86 -26.88
N VAL F 189 -29.14 -14.58 -27.15
CA VAL F 189 -30.19 -13.57 -27.12
C VAL F 189 -31.09 -13.75 -28.33
N ALA F 190 -32.40 -13.86 -28.08
CA ALA F 190 -33.36 -14.00 -29.16
C ALA F 190 -34.06 -12.70 -29.52
N ALA F 191 -34.21 -11.77 -28.57
CA ALA F 191 -35.01 -10.58 -28.83
C ALA F 191 -34.64 -9.47 -27.86
N PHE F 192 -34.94 -8.24 -28.28
CA PHE F 192 -34.89 -7.05 -27.44
C PHE F 192 -36.27 -6.41 -27.49
N MET F 193 -36.91 -6.29 -26.33
CA MET F 193 -38.23 -5.68 -26.20
C MET F 193 -38.06 -4.30 -25.58
N VAL F 194 -38.68 -3.29 -26.18
CA VAL F 194 -38.46 -1.92 -25.74
C VAL F 194 -39.65 -1.07 -26.16
N GLU F 195 -39.99 -0.08 -25.33
CA GLU F 195 -41.02 0.93 -25.62
C GLU F 195 -40.39 2.11 -26.34
N PRO F 196 -40.97 2.59 -27.43
CA PRO F 196 -40.42 3.77 -28.12
C PRO F 196 -40.38 4.99 -27.23
N ILE F 197 -41.36 5.14 -26.35
CA ILE F 197 -41.34 6.09 -25.24
C ILE F 197 -41.80 5.32 -24.02
N GLN F 198 -41.07 5.43 -22.92
CA GLN F 198 -41.42 4.71 -21.70
C GLN F 198 -42.51 5.50 -20.96
N GLY F 199 -43.72 4.95 -20.94
CA GLY F 199 -44.85 5.64 -20.34
C GLY F 199 -44.87 5.60 -18.83
N GLU F 200 -45.01 4.39 -18.26
CA GLU F 200 -45.09 4.25 -16.81
CA GLU F 200 -45.09 4.27 -16.81
C GLU F 200 -43.85 4.79 -16.11
N ALA F 201 -42.70 4.77 -16.81
CA ALA F 201 -41.48 5.32 -16.23
C ALA F 201 -41.52 6.83 -16.06
N GLY F 202 -42.47 7.52 -16.69
CA GLY F 202 -42.60 8.95 -16.54
C GLY F 202 -42.51 9.71 -17.84
N VAL F 203 -43.01 9.10 -18.93
CA VAL F 203 -42.91 9.65 -20.28
C VAL F 203 -41.44 9.96 -20.57
N VAL F 204 -40.64 8.92 -20.67
CA VAL F 204 -39.19 9.05 -20.90
C VAL F 204 -38.95 8.86 -22.38
N VAL F 205 -38.58 9.95 -23.06
CA VAL F 205 -38.36 9.97 -24.50
C VAL F 205 -36.88 9.77 -24.77
N PRO F 206 -36.49 8.74 -25.51
CA PRO F 206 -35.06 8.54 -25.79
C PRO F 206 -34.56 9.57 -26.78
N ASP F 207 -33.24 9.58 -26.97
CA ASP F 207 -32.62 10.58 -27.83
C ASP F 207 -32.91 10.27 -29.30
N PRO F 208 -32.92 11.28 -30.16
CA PRO F 208 -33.05 11.03 -31.60
C PRO F 208 -31.99 10.05 -32.07
N GLY F 209 -32.41 9.12 -32.93
CA GLY F 209 -31.53 8.08 -33.41
C GLY F 209 -31.52 6.80 -32.59
N TYR F 210 -32.11 6.81 -31.40
CA TYR F 210 -32.11 5.61 -30.58
C TYR F 210 -32.83 4.46 -31.29
N LEU F 211 -34.03 4.71 -31.82
CA LEU F 211 -34.79 3.64 -32.45
C LEU F 211 -34.09 3.14 -33.71
N MET F 212 -33.51 4.05 -34.51
CA MET F 212 -32.73 3.64 -35.67
CA MET F 212 -32.74 3.61 -35.67
C MET F 212 -31.56 2.75 -35.25
N GLY F 213 -30.85 3.14 -34.18
CA GLY F 213 -29.72 2.34 -33.72
C GLY F 213 -30.15 0.98 -33.19
N VAL F 214 -31.30 0.92 -32.52
CA VAL F 214 -31.83 -0.35 -32.06
C VAL F 214 -32.13 -1.26 -33.23
N ARG F 215 -32.82 -0.72 -34.25
CA ARG F 215 -33.10 -1.51 -35.45
C ARG F 215 -31.81 -2.03 -36.08
N GLU F 216 -30.82 -1.16 -36.22
CA GLU F 216 -29.56 -1.56 -36.85
C GLU F 216 -28.86 -2.66 -36.06
N LEU F 217 -28.77 -2.50 -34.73
CA LEU F 217 -28.07 -3.49 -33.91
C LEU F 217 -28.81 -4.83 -33.90
N CYS F 218 -30.14 -4.80 -33.81
CA CYS F 218 -30.89 -6.05 -33.82
C CYS F 218 -30.71 -6.78 -35.15
N THR F 219 -30.80 -6.05 -36.26
CA THR F 219 -30.57 -6.67 -37.56
C THR F 219 -29.17 -7.25 -37.66
N ARG F 220 -28.17 -6.49 -37.21
CA ARG F 220 -26.78 -6.92 -37.33
C ARG F 220 -26.52 -8.22 -36.58
N HIS F 221 -27.12 -8.37 -35.41
CA HIS F 221 -26.80 -9.50 -34.54
C HIS F 221 -27.86 -10.59 -34.56
N GLN F 222 -28.78 -10.56 -35.53
CA GLN F 222 -29.83 -11.56 -35.69
C GLN F 222 -30.66 -11.69 -34.41
N VAL F 223 -31.27 -10.58 -34.04
CA VAL F 223 -32.07 -10.47 -32.82
C VAL F 223 -33.38 -9.79 -33.19
N LEU F 224 -34.48 -10.27 -32.62
CA LEU F 224 -35.78 -9.70 -32.92
C LEU F 224 -35.96 -8.38 -32.17
N PHE F 225 -36.40 -7.36 -32.89
CA PHE F 225 -36.75 -6.07 -32.32
C PHE F 225 -38.25 -6.08 -32.03
N ILE F 226 -38.61 -6.17 -30.74
CA ILE F 226 -40.00 -6.11 -30.30
C ILE F 226 -40.28 -4.68 -29.82
N ALA F 227 -41.19 -3.99 -30.50
CA ALA F 227 -41.58 -2.65 -30.11
C ALA F 227 -42.91 -2.71 -29.37
N ASP F 228 -42.90 -2.33 -28.10
CA ASP F 228 -44.12 -2.28 -27.30
C ASP F 228 -44.77 -0.93 -27.52
N GLU F 229 -45.77 -0.89 -28.40
CA GLU F 229 -46.52 0.33 -28.71
C GLU F 229 -47.91 0.31 -28.08
N ILE F 230 -48.05 -0.38 -26.95
CA ILE F 230 -49.37 -0.51 -26.33
C ILE F 230 -49.86 0.83 -25.82
N GLN F 231 -48.95 1.68 -25.35
CA GLN F 231 -49.29 3.05 -24.93
C GLN F 231 -48.99 4.09 -25.99
N THR F 232 -47.90 3.93 -26.75
CA THR F 232 -47.44 4.95 -27.68
C THR F 232 -48.05 4.81 -29.07
N GLY F 233 -48.69 3.69 -29.37
CA GLY F 233 -49.23 3.48 -30.69
C GLY F 233 -50.54 4.22 -30.92
N LEU F 234 -51.07 4.06 -32.13
CA LEU F 234 -52.42 4.50 -32.50
C LEU F 234 -52.64 5.98 -32.21
N ALA F 235 -51.77 6.80 -32.81
CA ALA F 235 -51.90 8.25 -32.97
C ALA F 235 -51.57 9.04 -31.69
N ARG F 236 -51.32 8.40 -30.55
CA ARG F 236 -51.13 9.13 -29.31
C ARG F 236 -49.93 10.07 -29.39
N THR F 237 -48.83 9.63 -29.99
CA THR F 237 -47.63 10.45 -30.08
C THR F 237 -47.57 11.29 -31.34
N GLY F 238 -48.61 11.28 -32.17
CA GLY F 238 -48.62 12.04 -33.40
C GLY F 238 -48.34 11.24 -34.64
N ARG F 239 -48.17 9.92 -34.53
CA ARG F 239 -48.01 9.03 -35.67
C ARG F 239 -48.78 7.75 -35.37
N TRP F 240 -49.01 6.96 -36.43
CA TRP F 240 -49.62 5.64 -36.23
C TRP F 240 -48.85 4.80 -35.23
N LEU F 241 -47.52 4.88 -35.29
CA LEU F 241 -46.63 4.28 -34.30
C LEU F 241 -45.54 5.28 -34.01
N ALA F 242 -45.08 5.31 -32.75
CA ALA F 242 -43.99 6.22 -32.40
C ALA F 242 -42.74 5.92 -33.20
N VAL F 243 -42.51 4.63 -33.50
CA VAL F 243 -41.35 4.24 -34.31
CA VAL F 243 -41.36 4.24 -34.30
C VAL F 243 -41.39 4.89 -35.69
N ASP F 244 -42.58 5.26 -36.18
CA ASP F 244 -42.69 5.96 -37.46
C ASP F 244 -41.92 7.28 -37.47
N TYR F 245 -41.67 7.88 -36.31
CA TYR F 245 -40.90 9.12 -36.30
C TYR F 245 -39.50 8.90 -36.88
N GLU F 246 -38.97 7.69 -36.78
CA GLU F 246 -37.64 7.41 -37.32
C GLU F 246 -37.68 6.40 -38.47
N ASN F 247 -38.85 6.14 -39.04
CA ASN F 247 -38.99 5.26 -40.21
C ASN F 247 -38.39 3.88 -39.97
N VAL F 248 -38.60 3.36 -38.76
CA VAL F 248 -38.05 2.08 -38.35
C VAL F 248 -39.15 1.03 -38.35
N ARG F 249 -38.83 -0.18 -38.82
CA ARG F 249 -39.80 -1.27 -38.86
C ARG F 249 -39.38 -2.36 -37.89
N PRO F 250 -40.01 -2.46 -36.72
CA PRO F 250 -39.67 -3.55 -35.79
C PRO F 250 -40.08 -4.90 -36.35
N ASP F 251 -39.50 -5.94 -35.76
CA ASP F 251 -39.88 -7.30 -36.13
C ASP F 251 -41.23 -7.69 -35.56
N ILE F 252 -41.51 -7.28 -34.33
CA ILE F 252 -42.80 -7.52 -33.69
C ILE F 252 -43.30 -6.20 -33.13
N VAL F 253 -44.56 -5.87 -33.40
CA VAL F 253 -45.21 -4.68 -32.87
C VAL F 253 -46.35 -5.11 -31.97
N LEU F 254 -46.36 -4.57 -30.74
CA LEU F 254 -47.43 -4.84 -29.78
C LEU F 254 -48.39 -3.67 -29.75
N LEU F 255 -49.67 -3.95 -29.93
CA LEU F 255 -50.71 -2.94 -29.86
C LEU F 255 -51.76 -3.35 -28.83
N GLY F 256 -52.43 -2.34 -28.28
CA GLY F 256 -53.51 -2.57 -27.34
C GLY F 256 -54.26 -1.29 -27.06
N LYS F 257 -54.80 -1.18 -25.84
CA LYS F 257 -55.47 0.00 -25.34
C LYS F 257 -56.39 0.73 -26.33
N ALA F 258 -55.87 1.73 -27.03
CA ALA F 258 -56.66 2.53 -27.97
C ALA F 258 -57.25 1.66 -29.06
N LEU F 259 -56.76 0.42 -29.18
CA LEU F 259 -57.27 -0.52 -30.17
C LEU F 259 -58.77 -0.71 -30.06
N SER F 260 -59.37 -0.37 -28.92
CA SER F 260 -60.80 -0.56 -28.71
C SER F 260 -61.54 0.72 -28.33
N GLY F 261 -60.84 1.84 -28.16
CA GLY F 261 -61.50 3.03 -27.67
C GLY F 261 -62.03 2.90 -26.27
N GLY F 262 -61.51 1.96 -25.48
CA GLY F 262 -61.93 1.76 -24.12
C GLY F 262 -63.18 0.91 -23.94
N LEU F 263 -63.75 0.38 -25.02
CA LEU F 263 -65.01 -0.34 -24.93
C LEU F 263 -64.82 -1.84 -24.72
N TYR F 264 -63.61 -2.36 -24.88
CA TYR F 264 -63.40 -3.81 -24.82
C TYR F 264 -61.91 -4.09 -24.69
N PRO F 265 -61.50 -5.08 -23.89
CA PRO F 265 -60.07 -5.41 -23.83
C PRO F 265 -59.60 -6.10 -25.10
N VAL F 266 -58.83 -5.40 -25.93
CA VAL F 266 -58.32 -5.94 -27.19
C VAL F 266 -56.84 -5.58 -27.31
N SER F 267 -56.01 -6.56 -27.63
CA SER F 267 -54.60 -6.33 -27.92
C SER F 267 -54.20 -7.15 -29.13
N ALA F 268 -53.03 -6.83 -29.70
CA ALA F 268 -52.63 -7.43 -30.96
C ALA F 268 -51.11 -7.58 -31.03
N VAL F 269 -50.66 -8.67 -31.65
CA VAL F 269 -49.26 -8.92 -31.93
C VAL F 269 -49.10 -9.04 -33.43
N LEU F 270 -48.32 -8.13 -34.03
CA LEU F 270 -48.10 -8.07 -35.47
C LEU F 270 -46.68 -8.50 -35.80
N CYS F 271 -46.52 -9.34 -36.82
CA CYS F 271 -45.21 -9.71 -37.33
C CYS F 271 -45.38 -10.50 -38.61
N ASP F 272 -44.28 -10.71 -39.32
CA ASP F 272 -44.27 -11.41 -40.59
C ASP F 272 -44.29 -12.93 -40.38
N ASP F 273 -44.44 -13.66 -41.50
CA ASP F 273 -44.66 -15.10 -41.45
C ASP F 273 -43.51 -15.83 -40.78
N ASP F 274 -42.26 -15.47 -41.12
CA ASP F 274 -41.11 -16.22 -40.62
C ASP F 274 -41.03 -16.21 -39.09
N ILE F 275 -41.66 -15.23 -38.45
CA ILE F 275 -41.77 -15.23 -36.99
C ILE F 275 -43.08 -15.85 -36.53
N MET F 276 -44.19 -15.39 -37.10
CA MET F 276 -45.50 -15.76 -36.60
C MET F 276 -45.74 -17.27 -36.70
N LEU F 277 -45.29 -17.89 -37.78
CA LEU F 277 -45.59 -19.29 -38.01
C LEU F 277 -44.69 -20.23 -37.23
N THR F 278 -43.82 -19.73 -36.34
CA THR F 278 -43.12 -20.61 -35.43
C THR F 278 -44.07 -21.25 -34.41
N ILE F 279 -45.22 -20.63 -34.16
CA ILE F 279 -46.22 -21.18 -33.26
C ILE F 279 -47.22 -21.99 -34.08
N LYS F 280 -47.35 -23.28 -33.76
CA LYS F 280 -48.18 -24.21 -34.51
C LYS F 280 -49.57 -24.28 -33.89
N PRO F 281 -50.55 -24.85 -34.61
CA PRO F 281 -51.90 -24.96 -34.04
C PRO F 281 -51.91 -25.69 -32.71
N GLY F 282 -52.63 -25.13 -31.75
CA GLY F 282 -52.75 -25.70 -30.42
C GLY F 282 -51.68 -25.26 -29.43
N GLU F 283 -50.71 -24.46 -29.86
CA GLU F 283 -49.57 -24.12 -29.03
C GLU F 283 -49.69 -22.77 -28.34
N HIS F 284 -50.76 -22.02 -28.61
CA HIS F 284 -50.95 -20.72 -27.98
C HIS F 284 -52.35 -20.23 -28.28
N GLY F 285 -52.88 -19.42 -27.39
CA GLY F 285 -54.18 -18.84 -27.61
C GLY F 285 -54.74 -18.24 -26.31
N SER F 286 -56.05 -18.08 -26.30
CA SER F 286 -56.70 -17.38 -25.21
C SER F 286 -58.15 -17.83 -25.08
N THR F 287 -59.29 -17.81 -24.64
CA THR F 287 -60.72 -17.98 -24.75
C THR F 287 -61.31 -16.79 -25.54
N TYR F 288 -61.08 -15.47 -25.02
CA TYR F 288 -61.74 -14.30 -25.60
C TYR F 288 -60.93 -13.70 -26.74
N GLY F 289 -59.74 -14.24 -26.97
CA GLY F 289 -58.88 -13.74 -28.03
C GLY F 289 -59.50 -13.86 -29.41
N GLY F 290 -59.68 -12.71 -30.07
CA GLY F 290 -60.27 -12.70 -31.40
C GLY F 290 -61.77 -12.88 -31.45
N ASN F 291 -62.48 -12.63 -30.35
CA ASN F 291 -63.92 -12.76 -30.37
C ASN F 291 -64.53 -11.71 -31.31
N PRO F 292 -65.70 -11.99 -31.88
CA PRO F 292 -66.24 -11.09 -32.92
C PRO F 292 -66.65 -9.72 -32.38
N LEU F 293 -67.09 -9.64 -31.13
CA LEU F 293 -67.45 -8.34 -30.56
C LEU F 293 -66.22 -7.44 -30.46
N GLY F 294 -65.14 -7.95 -29.88
CA GLY F 294 -63.90 -7.17 -29.82
C GLY F 294 -63.37 -6.81 -31.18
N CYS F 295 -63.53 -7.69 -32.16
CA CYS F 295 -63.05 -7.40 -33.51
C CYS F 295 -63.84 -6.28 -34.16
N ARG F 296 -65.18 -6.31 -34.04
CA ARG F 296 -65.98 -5.19 -34.53
C ARG F 296 -65.55 -3.88 -33.86
N VAL F 297 -65.42 -3.91 -32.53
CA VAL F 297 -65.02 -2.73 -31.78
C VAL F 297 -63.69 -2.20 -32.29
N ALA F 298 -62.73 -3.10 -32.55
CA ALA F 298 -61.40 -2.66 -32.93
C ALA F 298 -61.36 -2.12 -34.35
N ILE F 299 -62.13 -2.73 -35.26
CA ILE F 299 -62.27 -2.17 -36.61
C ILE F 299 -62.79 -0.75 -36.51
N ALA F 300 -63.84 -0.53 -35.71
CA ALA F 300 -64.39 0.81 -35.58
C ALA F 300 -63.39 1.78 -34.96
N ALA F 301 -62.62 1.32 -33.97
CA ALA F 301 -61.66 2.20 -33.31
C ALA F 301 -60.54 2.62 -34.26
N LEU F 302 -60.01 1.67 -35.04
CA LEU F 302 -58.98 2.01 -36.02
C LEU F 302 -59.54 2.92 -37.10
N GLU F 303 -60.78 2.68 -37.54
CA GLU F 303 -61.40 3.57 -38.52
C GLU F 303 -61.61 4.98 -37.96
N VAL F 304 -61.91 5.09 -36.67
CA VAL F 304 -62.03 6.43 -36.07
C VAL F 304 -60.67 7.13 -36.06
N LEU F 305 -59.61 6.39 -35.68
CA LEU F 305 -58.28 6.99 -35.68
C LEU F 305 -57.90 7.48 -37.07
N GLU F 306 -58.19 6.71 -38.12
CA GLU F 306 -57.78 7.10 -39.45
C GLU F 306 -58.67 8.21 -40.02
N GLU F 307 -59.99 8.07 -39.88
CA GLU F 307 -60.92 8.99 -40.54
C GLU F 307 -60.80 10.40 -39.98
N GLU F 308 -60.62 10.55 -38.67
CA GLU F 308 -60.60 11.85 -38.03
C GLU F 308 -59.20 12.44 -37.94
N ASN F 309 -58.19 11.80 -38.53
CA ASN F 309 -56.83 12.33 -38.61
C ASN F 309 -56.31 12.72 -37.23
N LEU F 310 -56.51 11.82 -36.27
CA LEU F 310 -56.20 12.14 -34.88
C LEU F 310 -54.70 12.21 -34.61
N ALA F 311 -53.87 11.58 -35.44
CA ALA F 311 -52.43 11.68 -35.25
C ALA F 311 -51.93 13.09 -35.53
N GLU F 312 -52.40 13.71 -36.62
CA GLU F 312 -51.99 15.08 -36.92
C GLU F 312 -52.49 16.06 -35.86
N ASN F 313 -53.73 15.86 -35.39
CA ASN F 313 -54.24 16.68 -34.29
C ASN F 313 -53.39 16.51 -33.05
N ALA F 314 -53.02 15.26 -32.73
CA ALA F 314 -52.14 15.02 -31.59
C ALA F 314 -50.82 15.76 -31.74
N ASP F 315 -50.23 15.71 -32.93
CA ASP F 315 -48.95 16.39 -33.17
C ASP F 315 -49.07 17.89 -32.92
N LYS F 316 -50.02 18.54 -33.61
CA LYS F 316 -50.15 20.01 -33.50
C LYS F 316 -50.51 20.42 -32.08
N LEU F 317 -51.52 19.77 -31.49
CA LEU F 317 -51.95 20.17 -30.16
C LEU F 317 -50.91 19.84 -29.10
N GLY F 318 -50.09 18.81 -29.32
CA GLY F 318 -49.02 18.53 -28.37
C GLY F 318 -47.91 19.57 -28.45
N ILE F 319 -47.61 20.05 -29.65
CA ILE F 319 -46.71 21.20 -29.77
C ILE F 319 -47.25 22.36 -28.95
N ILE F 320 -48.53 22.68 -29.12
CA ILE F 320 -49.12 23.79 -28.35
C ILE F 320 -49.05 23.52 -26.85
N LEU F 321 -49.37 22.29 -26.44
CA LEU F 321 -49.43 21.96 -25.02
C LEU F 321 -48.06 22.08 -24.37
N ARG F 322 -47.02 21.55 -25.02
CA ARG F 322 -45.68 21.64 -24.44
C ARG F 322 -45.18 23.07 -24.44
N ASN F 323 -45.45 23.83 -25.51
CA ASN F 323 -45.03 25.24 -25.51
C ASN F 323 -45.67 26.00 -24.37
N GLU F 324 -46.97 25.80 -24.12
CA GLU F 324 -47.62 26.52 -23.03
C GLU F 324 -47.14 26.02 -21.68
N LEU F 325 -46.88 24.72 -21.54
CA LEU F 325 -46.41 24.19 -20.26
C LEU F 325 -45.03 24.71 -19.91
N MET F 326 -44.17 24.92 -20.91
CA MET F 326 -42.82 25.40 -20.61
C MET F 326 -42.79 26.86 -20.15
N LYS F 327 -43.93 27.57 -20.21
CA LYS F 327 -44.01 28.92 -19.67
C LYS F 327 -44.15 28.94 -18.16
N LEU F 328 -44.48 27.81 -17.54
CA LEU F 328 -44.60 27.75 -16.09
C LEU F 328 -43.23 27.99 -15.44
N PRO F 329 -43.20 28.54 -14.24
CA PRO F 329 -41.91 28.93 -13.64
C PRO F 329 -40.98 27.74 -13.48
N SER F 330 -39.72 27.93 -13.90
CA SER F 330 -38.70 26.89 -13.75
C SER F 330 -38.37 26.63 -12.28
N ASP F 331 -38.70 27.56 -11.38
CA ASP F 331 -38.58 27.30 -9.95
C ASP F 331 -39.54 26.18 -9.54
N VAL F 332 -40.63 26.01 -10.26
CA VAL F 332 -41.72 25.14 -9.86
C VAL F 332 -41.81 23.90 -10.74
N VAL F 333 -41.63 24.06 -12.05
CA VAL F 333 -41.65 22.95 -13.00
C VAL F 333 -40.25 22.78 -13.56
N THR F 334 -39.58 21.69 -13.18
CA THR F 334 -38.20 21.48 -13.61
C THR F 334 -38.09 20.90 -15.01
N ALA F 335 -39.13 20.26 -15.53
CA ALA F 335 -39.03 19.65 -16.85
C ALA F 335 -40.39 19.51 -17.50
N VAL F 336 -40.40 19.61 -18.84
CA VAL F 336 -41.54 19.31 -19.68
C VAL F 336 -41.05 18.35 -20.77
N ARG F 337 -41.77 17.26 -20.98
CA ARG F 337 -41.34 16.30 -22.00
C ARG F 337 -42.55 15.57 -22.56
N GLY F 338 -42.36 15.01 -23.74
CA GLY F 338 -43.39 14.21 -24.39
C GLY F 338 -43.35 14.36 -25.89
N LYS F 339 -44.16 13.54 -26.55
CA LYS F 339 -44.39 13.61 -27.99
C LYS F 339 -45.88 13.54 -28.25
N GLY F 340 -46.34 14.30 -29.23
CA GLY F 340 -47.77 14.35 -29.51
C GLY F 340 -48.53 14.73 -28.26
N LEU F 341 -49.59 13.98 -27.97
CA LEU F 341 -50.40 14.22 -26.78
C LEU F 341 -50.08 13.25 -25.64
N LEU F 342 -48.86 12.71 -25.63
CA LEU F 342 -48.33 11.96 -24.48
C LEU F 342 -47.24 12.84 -23.87
N ASN F 343 -47.58 13.51 -22.77
CA ASN F 343 -46.68 14.48 -22.17
C ASN F 343 -46.68 14.34 -20.65
N ALA F 344 -45.66 14.93 -20.03
CA ALA F 344 -45.54 14.93 -18.58
C ALA F 344 -44.70 16.15 -18.16
N ILE F 345 -44.98 16.63 -16.95
CA ILE F 345 -44.17 17.65 -16.32
C ILE F 345 -43.52 17.05 -15.08
N VAL F 346 -42.34 17.57 -14.74
CA VAL F 346 -41.65 17.23 -13.50
C VAL F 346 -41.63 18.49 -12.65
N ILE F 347 -42.09 18.38 -11.41
CA ILE F 347 -42.22 19.53 -10.52
C ILE F 347 -41.13 19.47 -9.47
N LYS F 348 -40.82 20.66 -8.92
CA LYS F 348 -39.80 20.81 -7.87
C LYS F 348 -40.41 20.33 -6.55
N GLU F 349 -40.45 19.00 -6.39
CA GLU F 349 -41.03 18.41 -5.20
C GLU F 349 -40.25 18.81 -3.96
N THR F 350 -40.93 19.43 -3.01
CA THR F 350 -40.37 19.73 -1.71
C THR F 350 -40.83 18.66 -0.72
N LYS F 351 -40.54 18.87 0.57
CA LYS F 351 -41.09 18.00 1.60
C LYS F 351 -42.55 18.32 1.88
N ASP F 352 -43.03 19.49 1.48
CA ASP F 352 -44.39 19.94 1.76
C ASP F 352 -45.30 19.91 0.54
N TRP F 353 -44.77 19.59 -0.64
CA TRP F 353 -45.51 19.82 -1.88
C TRP F 353 -45.05 18.80 -2.92
N ASP F 354 -45.99 17.96 -3.38
CA ASP F 354 -45.66 16.88 -4.29
C ASP F 354 -46.73 16.81 -5.40
N ALA F 355 -46.55 15.85 -6.30
CA ALA F 355 -47.44 15.72 -7.44
C ALA F 355 -48.85 15.35 -7.02
N TRP F 356 -49.01 14.59 -5.93
CA TRP F 356 -50.32 14.17 -5.50
C TRP F 356 -51.19 15.37 -5.12
N LYS F 357 -50.62 16.33 -4.38
CA LYS F 357 -51.38 17.51 -4.00
C LYS F 357 -51.73 18.37 -5.21
N VAL F 358 -50.82 18.44 -6.19
CA VAL F 358 -51.12 19.17 -7.42
C VAL F 358 -52.29 18.51 -8.14
N CYS F 359 -52.32 17.17 -8.16
CA CYS F 359 -53.41 16.50 -8.85
C CYS F 359 -54.72 16.64 -8.09
N LEU F 360 -54.67 16.64 -6.76
CA LEU F 360 -55.87 16.94 -5.98
C LEU F 360 -56.43 18.33 -6.32
N ARG F 361 -55.55 19.33 -6.41
CA ARG F 361 -56.01 20.67 -6.71
C ARG F 361 -56.49 20.79 -8.16
N LEU F 362 -55.82 20.09 -9.08
CA LEU F 362 -56.30 20.01 -10.46
C LEU F 362 -57.72 19.46 -10.50
N ARG F 363 -57.95 18.36 -9.77
CA ARG F 363 -59.29 17.81 -9.62
C ARG F 363 -60.26 18.88 -9.12
N ASP F 364 -59.85 19.62 -8.09
CA ASP F 364 -60.70 20.70 -7.57
C ASP F 364 -61.06 21.69 -8.67
N ASN F 365 -60.12 21.98 -9.57
CA ASN F 365 -60.32 22.99 -10.61
C ASN F 365 -60.82 22.39 -11.92
N GLY F 366 -61.21 21.12 -11.93
CA GLY F 366 -61.89 20.54 -13.07
C GLY F 366 -61.04 19.80 -14.07
N LEU F 367 -59.86 19.32 -13.67
CA LEU F 367 -58.99 18.56 -14.56
C LEU F 367 -58.48 17.33 -13.82
N LEU F 368 -58.56 16.18 -14.46
CA LEU F 368 -58.14 14.91 -13.88
C LEU F 368 -56.84 14.46 -14.52
N ALA F 369 -55.78 14.39 -13.71
CA ALA F 369 -54.49 13.89 -14.13
C ALA F 369 -53.98 12.91 -13.08
N LYS F 370 -52.92 12.18 -13.42
CA LYS F 370 -52.40 11.17 -12.53
C LYS F 370 -50.94 11.46 -12.17
N PRO F 371 -50.61 11.50 -10.88
CA PRO F 371 -49.20 11.60 -10.50
C PRO F 371 -48.51 10.26 -10.64
N THR F 372 -47.29 10.28 -11.18
CA THR F 372 -46.57 9.04 -11.47
C THR F 372 -45.58 8.66 -10.39
N HIS F 373 -44.99 9.64 -9.69
CA HIS F 373 -44.21 9.36 -8.50
C HIS F 373 -44.51 10.42 -7.45
N GLY F 374 -43.49 11.19 -7.07
CA GLY F 374 -43.71 12.32 -6.18
C GLY F 374 -43.57 13.63 -6.91
N ASP F 375 -43.01 13.58 -8.13
CA ASP F 375 -42.68 14.78 -8.87
C ASP F 375 -43.11 14.76 -10.33
N ILE F 376 -43.75 13.69 -10.81
CA ILE F 376 -44.14 13.56 -12.21
C ILE F 376 -45.66 13.60 -12.31
N ILE F 377 -46.17 14.40 -13.23
CA ILE F 377 -47.59 14.47 -13.54
C ILE F 377 -47.75 14.32 -15.05
N ARG F 378 -48.54 13.34 -15.47
CA ARG F 378 -48.78 13.10 -16.87
C ARG F 378 -49.94 13.97 -17.38
N PHE F 379 -49.83 14.42 -18.62
CA PHE F 379 -50.89 15.16 -19.29
C PHE F 379 -51.13 14.51 -20.64
N ALA F 380 -52.26 13.81 -20.77
CA ALA F 380 -52.59 13.08 -22.00
C ALA F 380 -54.10 13.07 -22.19
N PRO F 381 -54.66 14.16 -22.71
CA PRO F 381 -56.10 14.19 -22.99
C PRO F 381 -56.42 13.40 -24.24
N PRO F 382 -57.70 13.05 -24.45
CA PRO F 382 -58.05 12.29 -25.66
C PRO F 382 -57.72 13.07 -26.93
N LEU F 383 -57.42 12.32 -27.99
CA LEU F 383 -56.93 12.94 -29.23
C LEU F 383 -58.02 13.69 -29.99
N VAL F 384 -59.30 13.54 -29.61
CA VAL F 384 -60.37 14.28 -30.26
C VAL F 384 -60.52 15.69 -29.71
N ILE F 385 -59.67 16.08 -28.77
CA ILE F 385 -59.78 17.41 -28.16
C ILE F 385 -59.47 18.49 -29.20
N LYS F 386 -60.13 19.62 -29.06
CA LYS F 386 -59.93 20.76 -29.96
C LYS F 386 -59.05 21.81 -29.27
N GLU F 387 -58.57 22.77 -30.08
CA GLU F 387 -57.58 23.71 -29.58
C GLU F 387 -58.16 24.63 -28.50
N ASP F 388 -59.41 25.07 -28.67
CA ASP F 388 -60.03 25.90 -27.64
C ASP F 388 -60.19 25.13 -26.34
N GLU F 389 -60.64 23.87 -26.42
CA GLU F 389 -60.74 23.04 -25.22
C GLU F 389 -59.37 22.82 -24.60
N LEU F 390 -58.35 22.58 -25.42
CA LEU F 390 -57.01 22.38 -24.89
C LEU F 390 -56.52 23.63 -24.17
N ARG F 391 -56.80 24.81 -24.73
CA ARG F 391 -56.33 26.03 -24.10
C ARG F 391 -57.10 26.31 -22.81
N GLU F 392 -58.38 25.96 -22.76
CA GLU F 392 -59.12 26.10 -21.50
C GLU F 392 -58.55 25.18 -20.41
N SER F 393 -58.25 23.93 -20.77
CA SER F 393 -57.66 23.03 -19.78
C SER F 393 -56.25 23.46 -19.40
N ILE F 394 -55.51 24.06 -20.35
CA ILE F 394 -54.21 24.63 -20.03
C ILE F 394 -54.36 25.77 -19.04
N GLU F 395 -55.43 26.56 -19.18
CA GLU F 395 -55.70 27.61 -18.20
C GLU F 395 -55.99 27.02 -16.83
N ILE F 396 -56.71 25.90 -16.80
CA ILE F 396 -56.91 25.19 -15.54
C ILE F 396 -55.56 24.80 -14.93
N ILE F 397 -54.67 24.26 -15.76
CA ILE F 397 -53.34 23.85 -15.28
C ILE F 397 -52.56 25.04 -14.73
N ASN F 398 -52.60 26.17 -15.45
CA ASN F 398 -51.90 27.38 -15.00
C ASN F 398 -52.45 27.86 -13.67
N LYS F 399 -53.78 28.02 -13.59
CA LYS F 399 -54.45 28.39 -12.35
C LYS F 399 -54.00 27.51 -11.20
N THR F 400 -53.93 26.20 -11.43
CA THR F 400 -53.59 25.26 -10.36
C THR F 400 -52.13 25.40 -9.95
N ILE F 401 -51.20 25.32 -10.92
CA ILE F 401 -49.78 25.38 -10.59
C ILE F 401 -49.43 26.70 -9.92
N LEU F 402 -49.97 27.80 -10.43
CA LEU F 402 -49.70 29.11 -9.85
C LEU F 402 -50.55 29.40 -8.62
N SER F 403 -51.46 28.50 -8.24
CA SER F 403 -52.20 28.66 -7.00
C SER F 403 -51.39 28.27 -5.77
N PHE F 404 -50.20 27.70 -5.95
CA PHE F 404 -49.38 27.29 -4.82
C PHE F 404 -48.38 28.38 -4.44
#